data_8T0C
#
_entry.id   8T0C
#
_cell.length_a   1.00
_cell.length_b   1.00
_cell.length_c   1.00
_cell.angle_alpha   90.00
_cell.angle_beta   90.00
_cell.angle_gamma   90.00
#
_symmetry.space_group_name_H-M   'P 1'
#
loop_
_entity.id
_entity.type
_entity.pdbx_description
1 polymer 'Transient receptor potential cation channel subfamily V member 1'
2 non-polymer '(2R)-2-hydroxy-3-(phosphonooxy)propyl tetradecanoate'
3 non-polymer 'SODIUM ION'
#
_entity_poly.entity_id   1
_entity_poly.type   'polypeptide(L)'
_entity_poly.pdbx_seq_one_letter_code
;MEQRASLDSEESESPPQENSCLDPPDRDPNCKPPPVKPHIFTTRSRTRLFGKGDSEEASPLDCPYEEGGLASCPIITVSS
VLTIQRPGDGPASVRPSSQDSVSAGEKPPRLYDRRSIFDAVAQSNCQELESLLPFLQRSKKRLTDSEFKDPETGKTCLLK
AMLNLHNGQNDTIALLLDVARKTDSLKQFVNASYTDSYYKGQTALHIAIERRNMTLVTLLVENGADVQAAANGDFFKKTK
GRPGFYFGELPLSLAACTNQLAIVKFLLQNSWQPADISARDSVGNTVLHALVEVADNTVDNTKFVTSMYNEILILGAKLH
PTLKLEEITNRKGLTPLALAASSGKIGVLAYILQREIHEPECRHLSRKFTEWAYGPVHSSLYDLSCIDTCEKNSVLEVIA
YSSSETPNRHDMLLVEPLNRLLQDKWDRFVKRIFYFNFFVYCLYMIIFTAAAYYRPVEGLPPYKLKNTVGDYFRVTGEIL
SVSGGVYFFFRGIQYFLQRRPSLKSLFVDSYSEILFFVQSLFMLVSVVLYFSQRKEYVASMVFSLAMGWTNMLYYTRGFQ
QMGIYAVMIEKMILRDLCRFMFVYLVFLFGFSTAVVTLIEDGKYNSLYSTCLELFKFTIGMGDLEFTENYDFKAVFIILL
LAYVILTYILLLNMLIALMGETVNKIAQESKNIWKLQRAITILDTEKSFLKCMRKAFRSGKLLQVGFTPDGKDDYRWCFR
VDEVNWTTWNTNVGIINEDPGNCEGVKRTLSFSLRSGRVSGRNWKNFALVPLLRDASTRDRHATQQEEVQLKHYTGSLKP
EDAEVFKDSMVPGEK
;
_entity_poly.pdbx_strand_id   A,D,B,C
#
loop_
_chem_comp.id
_chem_comp.type
_chem_comp.name
_chem_comp.formula
NA non-polymer 'SODIUM ION' 'Na 1'
NKN non-polymer '(2R)-2-hydroxy-3-(phosphonooxy)propyl tetradecanoate' 'C17 H35 O7 P'
#
# COMPACT_ATOMS: atom_id res chain seq x y z
N TYR A 198 33.56 4.51 43.63
CA TYR A 198 32.41 5.42 43.95
C TYR A 198 31.17 4.62 44.32
N TYR A 199 31.37 3.40 44.82
CA TYR A 199 30.28 2.53 45.25
C TYR A 199 29.91 2.76 46.71
N LYS A 200 30.22 3.94 47.25
CA LYS A 200 29.99 4.18 48.68
C LYS A 200 28.53 3.98 49.03
N GLY A 201 28.28 3.38 50.19
CA GLY A 201 26.96 3.00 50.61
C GLY A 201 26.57 1.58 50.25
N GLN A 202 27.37 0.90 49.44
CA GLN A 202 27.11 -0.49 49.11
C GLN A 202 27.31 -1.38 50.33
N THR A 203 26.40 -2.32 50.54
CA THR A 203 26.44 -3.23 51.67
C THR A 203 26.30 -4.67 51.20
N ALA A 204 26.90 -5.59 51.94
CA ALA A 204 26.87 -6.99 51.56
C ALA A 204 25.44 -7.52 51.46
N LEU A 205 24.50 -6.93 52.21
CA LEU A 205 23.12 -7.35 52.12
C LEU A 205 22.57 -7.14 50.71
N HIS A 206 22.89 -6.00 50.10
CA HIS A 206 22.46 -5.75 48.73
C HIS A 206 23.04 -6.78 47.78
N ILE A 207 24.31 -7.12 47.94
CA ILE A 207 24.95 -8.11 47.07
C ILE A 207 24.27 -9.45 47.22
N ALA A 208 23.98 -9.85 48.47
CA ALA A 208 23.30 -11.12 48.70
C ALA A 208 21.91 -11.13 48.06
N ILE A 209 21.18 -10.02 48.20
CA ILE A 209 19.84 -9.94 47.61
C ILE A 209 19.92 -10.06 46.10
N GLU A 210 20.92 -9.42 45.50
CA GLU A 210 21.05 -9.46 44.04
C GLU A 210 21.27 -10.89 43.54
N ARG A 211 22.07 -11.67 44.26
CA ARG A 211 22.42 -13.01 43.82
C ARG A 211 21.28 -14.01 43.94
N ARG A 212 20.07 -13.57 44.34
CA ARG A 212 18.92 -14.46 44.43
C ARG A 212 19.17 -15.60 45.42
N ASN A 213 19.93 -15.33 46.47
CA ASN A 213 20.28 -16.34 47.48
C ASN A 213 19.39 -16.11 48.71
N MET A 214 18.33 -16.91 48.81
CA MET A 214 17.40 -16.78 49.94
C MET A 214 18.07 -17.22 51.24
N THR A 215 18.70 -18.40 51.23
CA THR A 215 19.31 -18.92 52.44
C THR A 215 20.44 -18.02 52.93
N LEU A 216 21.28 -17.54 52.00
CA LEU A 216 22.38 -16.67 52.39
C LEU A 216 21.85 -15.36 52.95
N VAL A 217 20.77 -14.83 52.37
CA VAL A 217 20.16 -13.61 52.90
C VAL A 217 19.64 -13.86 54.32
N THR A 218 19.00 -15.01 54.53
CA THR A 218 18.50 -15.34 55.86
C THR A 218 19.64 -15.41 56.86
N LEU A 219 20.75 -16.05 56.49
CA LEU A 219 21.90 -16.13 57.37
C LEU A 219 22.46 -14.75 57.67
N LEU A 220 22.56 -13.90 56.64
CA LEU A 220 23.11 -12.56 56.85
C LEU A 220 22.24 -11.74 57.78
N VAL A 221 20.91 -11.82 57.61
CA VAL A 221 20.00 -11.04 58.45
C VAL A 221 19.80 -11.68 59.83
N GLU A 222 20.22 -12.94 60.00
CA GLU A 222 20.08 -13.57 61.31
C GLU A 222 20.89 -12.84 62.36
N ASN A 223 22.11 -12.41 62.03
CA ASN A 223 22.94 -11.67 62.97
C ASN A 223 22.40 -10.27 63.25
N GLY A 224 21.44 -9.80 62.47
CA GLY A 224 20.87 -8.48 62.68
C GLY A 224 21.30 -7.48 61.63
N ALA A 225 21.44 -7.94 60.38
CA ALA A 225 21.86 -7.05 59.31
C ALA A 225 20.83 -5.93 59.12
N ASP A 226 21.35 -4.71 58.95
CA ASP A 226 20.48 -3.56 58.78
C ASP A 226 19.74 -3.64 57.44
N VAL A 227 18.54 -3.05 57.43
CA VAL A 227 17.70 -3.05 56.23
C VAL A 227 17.40 -1.65 55.71
N GLN A 228 17.54 -0.62 56.52
CA GLN A 228 17.25 0.75 56.10
C GLN A 228 18.48 1.47 55.56
N ALA A 229 19.64 0.80 55.53
CA ALA A 229 20.83 1.42 54.98
C ALA A 229 20.65 1.71 53.49
N ALA A 230 21.08 2.89 53.06
CA ALA A 230 20.93 3.33 51.68
C ALA A 230 22.28 3.35 50.99
N ALA A 231 22.28 3.02 49.70
CA ALA A 231 23.49 3.01 48.88
C ALA A 231 23.54 4.31 48.10
N ASN A 232 24.33 5.26 48.58
CA ASN A 232 24.44 6.58 47.96
C ASN A 232 25.56 6.66 46.93
N GLY A 233 26.20 5.54 46.62
CA GLY A 233 27.27 5.56 45.64
C GLY A 233 26.77 6.01 44.27
N ASP A 234 27.67 6.63 43.51
CA ASP A 234 27.30 7.15 42.20
C ASP A 234 26.81 6.04 41.28
N PHE A 235 27.32 4.82 41.45
CA PHE A 235 26.92 3.72 40.58
C PHE A 235 25.43 3.44 40.68
N PHE A 236 24.81 3.77 41.80
CA PHE A 236 23.41 3.49 42.03
C PHE A 236 22.52 4.69 41.75
N LYS A 237 23.07 5.76 41.17
CA LYS A 237 22.27 6.95 40.89
C LYS A 237 21.48 6.77 39.60
N LYS A 238 20.62 7.75 39.33
CA LYS A 238 19.67 7.66 38.22
C LYS A 238 20.37 7.54 36.87
N THR A 239 21.08 8.60 36.45
CA THR A 239 21.67 8.62 35.12
C THR A 239 23.07 9.22 35.10
N LYS A 240 23.75 9.31 36.24
CA LYS A 240 25.11 9.82 36.29
C LYS A 240 26.03 8.78 35.68
N GLY A 241 26.41 8.98 34.41
CA GLY A 241 27.16 7.99 33.68
C GLY A 241 26.24 6.96 33.07
N ARG A 242 26.45 6.63 31.79
CA ARG A 242 25.56 5.68 31.12
C ARG A 242 25.45 4.36 31.86
N PRO A 243 26.52 3.74 32.32
CA PRO A 243 26.37 2.52 33.13
C PRO A 243 25.71 2.81 34.46
N GLY A 244 24.96 1.83 34.94
CA GLY A 244 24.31 1.96 36.23
C GLY A 244 23.01 1.19 36.25
N PHE A 245 22.31 1.30 37.38
CA PHE A 245 21.03 0.63 37.57
C PHE A 245 20.34 1.26 38.77
N TYR A 246 19.11 1.71 38.57
CA TYR A 246 18.34 2.35 39.63
C TYR A 246 17.40 1.32 40.26
N PHE A 247 17.41 1.25 41.60
CA PHE A 247 16.58 0.28 42.30
C PHE A 247 15.94 0.86 43.56
N GLY A 248 15.92 2.19 43.70
CA GLY A 248 15.34 2.82 44.86
C GLY A 248 16.29 3.06 46.01
N GLU A 249 17.52 2.57 45.93
CA GLU A 249 18.57 2.79 46.92
C GLU A 249 18.32 2.08 48.24
N LEU A 250 17.39 1.13 48.28
CA LEU A 250 17.11 0.38 49.49
C LEU A 250 17.06 -1.11 49.18
N PRO A 251 17.48 -1.95 50.13
CA PRO A 251 17.51 -3.39 49.83
C PRO A 251 16.15 -3.97 49.50
N LEU A 252 15.10 -3.52 50.20
CA LEU A 252 13.77 -4.02 49.89
C LEU A 252 13.32 -3.61 48.51
N SER A 253 13.63 -2.37 48.10
CA SER A 253 13.32 -1.95 46.74
C SER A 253 14.13 -2.76 45.73
N LEU A 254 15.39 -3.04 46.05
CA LEU A 254 16.21 -3.85 45.16
C LEU A 254 15.61 -5.23 44.96
N ALA A 255 15.15 -5.85 46.05
CA ALA A 255 14.51 -7.15 45.93
C ALA A 255 13.22 -7.06 45.12
N ALA A 256 12.42 -6.02 45.37
CA ALA A 256 11.15 -5.88 44.66
C ALA A 256 11.36 -5.73 43.16
N CYS A 257 12.34 -4.92 42.76
CA CYS A 257 12.58 -4.67 41.35
C CYS A 257 13.30 -5.81 40.64
N THR A 258 13.78 -6.82 41.37
CA THR A 258 14.64 -7.85 40.81
C THR A 258 13.95 -9.21 40.71
N ASN A 259 12.62 -9.25 40.72
CA ASN A 259 11.88 -10.50 40.55
C ASN A 259 12.19 -11.49 41.67
N GLN A 260 12.04 -11.03 42.90
CA GLN A 260 12.16 -11.88 44.09
C GLN A 260 10.99 -11.55 45.01
N LEU A 261 9.85 -12.22 44.79
CA LEU A 261 8.69 -11.98 45.63
C LEU A 261 8.84 -12.66 46.99
N ALA A 262 9.42 -13.86 47.00
CA ALA A 262 9.63 -14.57 48.25
C ALA A 262 10.55 -13.79 49.17
N ILE A 263 11.62 -13.22 48.63
CA ILE A 263 12.53 -12.43 49.44
C ILE A 263 11.84 -11.17 49.96
N VAL A 264 10.96 -10.57 49.14
CA VAL A 264 10.22 -9.41 49.60
C VAL A 264 9.32 -9.78 50.78
N LYS A 265 8.61 -10.91 50.66
CA LYS A 265 7.77 -11.35 51.76
C LYS A 265 8.59 -11.63 53.01
N PHE A 266 9.73 -12.29 52.85
CA PHE A 266 10.57 -12.59 54.00
C PHE A 266 11.05 -11.31 54.68
N LEU A 267 11.50 -10.34 53.89
CA LEU A 267 11.96 -9.07 54.45
C LEU A 267 10.84 -8.35 55.17
N LEU A 268 9.64 -8.36 54.59
CA LEU A 268 8.53 -7.62 55.18
C LEU A 268 8.02 -8.27 56.45
N GLN A 269 8.04 -9.60 56.52
CA GLN A 269 7.47 -10.35 57.65
C GLN A 269 8.53 -11.19 58.35
N ASN A 270 9.70 -10.60 58.57
CA ASN A 270 10.78 -11.29 59.32
C ASN A 270 10.53 -11.08 60.81
N SER A 271 10.97 -12.01 61.63
CA SER A 271 10.89 -11.89 63.08
C SER A 271 12.13 -11.29 63.71
N TRP A 272 13.19 -11.06 62.93
CA TRP A 272 14.40 -10.45 63.47
C TRP A 272 14.26 -8.93 63.54
N GLN A 273 14.08 -8.29 62.39
CA GLN A 273 13.95 -6.84 62.31
C GLN A 273 12.93 -6.49 61.24
N PRO A 274 11.74 -6.00 61.60
CA PRO A 274 10.74 -5.68 60.57
C PRO A 274 11.28 -4.65 59.58
N ALA A 275 10.90 -4.84 58.32
CA ALA A 275 11.34 -3.97 57.23
C ALA A 275 10.29 -2.90 56.98
N ASP A 276 10.71 -1.64 57.04
CA ASP A 276 9.80 -0.53 56.80
C ASP A 276 9.40 -0.47 55.33
N ILE A 277 8.11 -0.33 55.07
CA ILE A 277 7.60 -0.28 53.71
C ILE A 277 7.37 1.15 53.21
N SER A 278 7.17 2.11 54.12
CA SER A 278 6.97 3.50 53.76
C SER A 278 8.27 4.29 53.71
N ALA A 279 9.41 3.64 53.91
CA ALA A 279 10.68 4.35 53.93
C ALA A 279 10.90 5.10 52.63
N ARG A 280 11.35 6.34 52.73
CA ARG A 280 11.62 7.19 51.59
C ARG A 280 13.11 7.45 51.51
N ASP A 281 13.70 7.17 50.35
CA ASP A 281 15.14 7.29 50.17
C ASP A 281 15.50 8.77 50.03
N SER A 282 16.77 9.03 49.71
CA SER A 282 17.23 10.43 49.63
C SER A 282 16.46 11.20 48.57
N VAL A 283 16.25 10.60 47.40
CA VAL A 283 15.50 11.25 46.33
C VAL A 283 13.99 11.22 46.56
N GLY A 284 13.55 10.63 47.67
CA GLY A 284 12.13 10.60 47.99
C GLY A 284 11.33 9.54 47.29
N ASN A 285 11.98 8.57 46.66
CA ASN A 285 11.28 7.53 45.90
C ASN A 285 11.10 6.29 46.77
N THR A 286 9.87 5.79 46.82
CA THR A 286 9.52 4.60 47.56
C THR A 286 9.52 3.40 46.63
N VAL A 287 9.00 2.26 47.13
CA VAL A 287 8.98 1.04 46.33
C VAL A 287 8.17 1.25 45.05
N LEU A 288 7.00 1.87 45.18
CA LEU A 288 6.15 2.09 44.01
C LEU A 288 6.86 2.95 42.98
N HIS A 289 7.57 3.99 43.43
CA HIS A 289 8.30 4.83 42.50
C HIS A 289 9.37 4.04 41.76
N ALA A 290 10.10 3.17 42.48
CA ALA A 290 11.09 2.34 41.82
C ALA A 290 10.45 1.42 40.79
N LEU A 291 9.32 0.80 41.15
CA LEU A 291 8.63 -0.06 40.21
C LEU A 291 8.22 0.70 38.96
N VAL A 292 7.76 1.94 39.14
CA VAL A 292 7.40 2.76 37.99
C VAL A 292 8.63 3.05 37.14
N GLU A 293 9.74 3.41 37.78
CA GLU A 293 10.95 3.74 37.04
C GLU A 293 11.44 2.56 36.21
N VAL A 294 11.50 1.37 36.81
CA VAL A 294 12.13 0.23 36.14
C VAL A 294 11.33 -0.29 34.95
N ALA A 295 10.09 0.15 34.78
CA ALA A 295 9.28 -0.31 33.67
C ALA A 295 9.77 0.29 32.35
N ASP A 296 9.73 -0.51 31.29
CA ASP A 296 10.11 -0.06 29.96
C ASP A 296 8.99 -0.17 28.95
N ASN A 297 7.76 -0.42 29.40
CA ASN A 297 6.59 -0.48 28.52
C ASN A 297 6.70 -1.67 27.56
N THR A 298 7.06 -2.83 28.10
CA THR A 298 7.11 -4.08 27.36
C THR A 298 6.12 -5.07 27.97
N VAL A 299 5.55 -5.93 27.13
CA VAL A 299 4.47 -6.81 27.59
C VAL A 299 4.93 -7.66 28.76
N ASP A 300 6.07 -8.32 28.62
CA ASP A 300 6.57 -9.16 29.72
C ASP A 300 6.94 -8.32 30.93
N ASN A 301 7.71 -7.24 30.71
CA ASN A 301 8.09 -6.38 31.82
C ASN A 301 6.86 -5.70 32.41
N THR A 302 5.89 -5.32 31.57
CA THR A 302 4.67 -4.71 32.09
C THR A 302 3.93 -5.67 33.00
N LYS A 303 3.76 -6.91 32.57
CA LYS A 303 3.08 -7.90 33.42
C LYS A 303 3.84 -8.12 34.71
N PHE A 304 5.17 -8.24 34.62
CA PHE A 304 5.99 -8.38 35.81
C PHE A 304 5.78 -7.22 36.78
N VAL A 305 5.87 -5.99 36.28
CA VAL A 305 5.81 -4.83 37.15
C VAL A 305 4.43 -4.70 37.77
N THR A 306 3.37 -4.94 37.00
CA THR A 306 2.03 -4.85 37.57
C THR A 306 1.81 -5.93 38.63
N SER A 307 2.30 -7.15 38.38
CA SER A 307 2.14 -8.20 39.39
C SER A 307 2.88 -7.84 40.67
N MET A 308 4.12 -7.36 40.55
CA MET A 308 4.88 -7.00 41.73
C MET A 308 4.22 -5.84 42.47
N TYR A 309 3.71 -4.86 41.72
CA TYR A 309 3.02 -3.73 42.34
C TYR A 309 1.80 -4.21 43.11
N ASN A 310 1.01 -5.10 42.50
CA ASN A 310 -0.16 -5.63 43.19
C ASN A 310 0.23 -6.35 44.47
N GLU A 311 1.27 -7.20 44.40
CA GLU A 311 1.66 -7.96 45.58
C GLU A 311 2.15 -7.05 46.70
N ILE A 312 3.01 -6.08 46.36
CA ILE A 312 3.55 -5.19 47.38
C ILE A 312 2.44 -4.34 47.97
N LEU A 313 1.50 -3.87 47.15
CA LEU A 313 0.39 -3.08 47.66
C LEU A 313 -0.46 -3.91 48.61
N ILE A 314 -0.75 -5.16 48.25
CA ILE A 314 -1.55 -6.02 49.11
C ILE A 314 -0.84 -6.23 50.45
N LEU A 315 0.46 -6.53 50.40
CA LEU A 315 1.20 -6.75 51.63
C LEU A 315 1.21 -5.50 52.50
N GLY A 316 1.43 -4.34 51.91
CA GLY A 316 1.40 -3.10 52.68
C GLY A 316 0.05 -2.85 53.30
N ALA A 317 -1.03 -3.11 52.56
CA ALA A 317 -2.36 -2.92 53.11
C ALA A 317 -2.60 -3.84 54.29
N LYS A 318 -2.22 -5.11 54.16
CA LYS A 318 -2.44 -6.05 55.25
C LYS A 318 -1.61 -5.67 56.47
N LEU A 319 -0.36 -5.28 56.27
CA LEU A 319 0.52 -5.02 57.41
C LEU A 319 0.06 -3.79 58.20
N HIS A 320 -0.19 -2.69 57.52
CA HIS A 320 -0.58 -1.43 58.16
C HIS A 320 -1.76 -0.84 57.41
N PRO A 321 -2.95 -1.41 57.56
CA PRO A 321 -4.12 -0.87 56.85
C PRO A 321 -4.41 0.58 57.20
N THR A 322 -4.02 1.03 58.40
CA THR A 322 -4.30 2.40 58.82
C THR A 322 -3.49 3.43 58.04
N LEU A 323 -2.48 3.02 57.28
CA LEU A 323 -1.60 3.94 56.58
C LEU A 323 -1.95 3.98 55.10
N LYS A 324 -2.20 5.19 54.59
CA LYS A 324 -2.40 5.38 53.16
C LYS A 324 -1.04 5.40 52.46
N LEU A 325 -0.90 4.59 51.41
CA LEU A 325 0.38 4.37 50.77
C LEU A 325 0.54 5.18 49.49
N GLU A 326 -0.39 5.07 48.57
CA GLU A 326 -0.20 5.72 47.25
C GLU A 326 -0.16 7.23 47.41
N GLU A 327 -0.95 7.83 48.29
CA GLU A 327 -1.07 9.28 48.33
C GLU A 327 0.25 9.98 48.61
N ILE A 328 1.25 9.26 49.13
CA ILE A 328 2.51 9.91 49.49
C ILE A 328 3.17 10.51 48.24
N THR A 329 4.11 11.41 48.47
CA THR A 329 4.81 12.10 47.40
C THR A 329 6.31 12.13 47.71
N ASN A 330 7.10 12.27 46.65
CA ASN A 330 8.54 12.33 46.76
C ASN A 330 8.99 13.78 46.92
N ARG A 331 10.31 14.02 46.89
CA ARG A 331 10.80 15.39 46.94
C ARG A 331 10.33 16.19 45.73
N LYS A 332 10.26 15.54 44.56
CA LYS A 332 9.68 16.19 43.39
C LYS A 332 8.19 16.47 43.58
N GLY A 333 7.56 15.87 44.57
CA GLY A 333 6.14 16.06 44.80
C GLY A 333 5.26 15.39 43.78
N LEU A 334 5.61 14.19 43.34
CA LEU A 334 4.85 13.44 42.35
C LEU A 334 4.39 12.13 42.97
N THR A 335 3.09 11.86 42.88
CA THR A 335 2.56 10.60 43.34
C THR A 335 2.95 9.49 42.37
N PRO A 336 2.90 8.22 42.82
CA PRO A 336 3.27 7.13 41.91
C PRO A 336 2.47 7.14 40.62
N LEU A 337 1.16 7.40 40.70
CA LEU A 337 0.37 7.56 39.49
C LEU A 337 0.85 8.76 38.69
N ALA A 338 1.12 9.88 39.36
CA ALA A 338 1.62 11.05 38.68
C ALA A 338 2.97 10.79 38.04
N LEU A 339 3.86 10.09 38.76
CA LEU A 339 5.16 9.76 38.18
C LEU A 339 5.00 8.88 36.95
N ALA A 340 4.14 7.87 37.02
CA ALA A 340 3.93 6.99 35.88
C ALA A 340 3.40 7.78 34.69
N ALA A 341 2.44 8.66 34.92
CA ALA A 341 1.89 9.47 33.84
C ALA A 341 2.96 10.36 33.23
N SER A 342 3.77 11.01 34.07
CA SER A 342 4.78 11.93 33.57
C SER A 342 5.82 11.21 32.72
N SER A 343 6.25 10.03 33.15
CA SER A 343 7.28 9.28 32.44
C SER A 343 6.73 8.49 31.27
N GLY A 344 5.41 8.49 31.06
CA GLY A 344 4.84 7.80 29.91
C GLY A 344 4.79 6.30 30.02
N LYS A 345 4.82 5.76 31.23
CA LYS A 345 4.74 4.31 31.43
C LYS A 345 3.30 3.89 31.18
N ILE A 346 3.01 3.48 29.95
CA ILE A 346 1.62 3.18 29.58
C ILE A 346 1.09 2.00 30.37
N GLY A 347 1.90 0.96 30.55
CA GLY A 347 1.41 -0.25 31.20
C GLY A 347 1.01 -0.01 32.65
N VAL A 348 1.87 0.68 33.39
CA VAL A 348 1.60 0.92 34.81
C VAL A 348 0.34 1.75 34.97
N LEU A 349 0.22 2.83 34.19
CA LEU A 349 -0.96 3.67 34.27
C LEU A 349 -2.22 2.89 33.88
N ALA A 350 -2.13 2.08 32.83
CA ALA A 350 -3.28 1.30 32.40
C ALA A 350 -3.73 0.35 33.51
N TYR A 351 -2.78 -0.30 34.17
CA TYR A 351 -3.14 -1.21 35.26
C TYR A 351 -3.75 -0.43 36.43
N ILE A 352 -3.12 0.67 36.84
CA ILE A 352 -3.59 1.41 38.00
C ILE A 352 -5.00 1.93 37.78
N LEU A 353 -5.27 2.47 36.58
CA LEU A 353 -6.59 3.00 36.30
C LEU A 353 -7.66 1.91 36.21
N GLN A 354 -7.28 0.66 36.23
CA GLN A 354 -8.26 -0.43 36.06
C GLN A 354 -7.97 -1.50 37.08
N ARG A 355 -7.57 -1.11 38.29
CA ARG A 355 -7.28 -2.07 39.35
C ARG A 355 -8.56 -2.74 39.82
N GLU A 356 -8.50 -4.06 39.99
CA GLU A 356 -9.65 -4.83 40.46
C GLU A 356 -9.13 -5.99 41.30
N ILE A 357 -9.46 -6.00 42.59
CA ILE A 357 -9.01 -7.01 43.53
C ILE A 357 -10.20 -7.88 43.90
N HIS A 358 -10.03 -9.20 43.78
CA HIS A 358 -11.11 -10.16 43.96
C HIS A 358 -10.92 -11.01 45.21
N GLU A 359 -10.45 -10.41 46.30
CA GLU A 359 -10.36 -11.09 47.57
C GLU A 359 -10.79 -10.14 48.68
N PRO A 360 -11.35 -10.66 49.77
CA PRO A 360 -11.97 -9.78 50.77
C PRO A 360 -10.94 -9.00 51.58
N GLU A 361 -11.41 -7.92 52.19
CA GLU A 361 -10.67 -7.06 53.12
C GLU A 361 -9.72 -6.11 52.38
N CYS A 362 -9.71 -6.11 51.05
CA CYS A 362 -8.84 -5.19 50.32
C CYS A 362 -9.52 -4.55 49.12
N ARG A 363 -10.85 -4.68 48.99
CA ARG A 363 -11.54 -4.11 47.84
C ARG A 363 -11.36 -2.60 47.79
N HIS A 364 -11.21 -1.95 48.95
CA HIS A 364 -11.07 -0.49 48.96
C HIS A 364 -9.85 -0.04 48.18
N LEU A 365 -8.82 -0.89 48.09
CA LEU A 365 -7.64 -0.53 47.32
C LEU A 365 -7.95 -0.41 45.84
N SER A 366 -8.79 -1.30 45.31
CA SER A 366 -9.06 -1.31 43.88
C SER A 366 -9.77 -0.02 43.47
N ARG A 367 -9.55 0.38 42.22
CA ARG A 367 -10.17 1.59 41.66
C ARG A 367 -11.39 1.30 40.81
N LYS A 368 -11.60 0.05 40.39
CA LYS A 368 -12.74 -0.33 39.57
C LYS A 368 -13.69 -1.18 40.40
N PHE A 369 -14.97 -0.82 40.36
CA PHE A 369 -16.01 -1.54 41.09
C PHE A 369 -17.18 -1.84 40.18
N THR A 370 -17.87 -2.93 40.46
CA THR A 370 -19.03 -3.37 39.70
C THR A 370 -20.29 -3.07 40.51
N GLU A 371 -21.07 -2.09 40.05
CA GLU A 371 -22.28 -1.73 40.76
C GLU A 371 -23.27 -2.88 40.79
N TRP A 372 -23.43 -3.57 39.67
CA TRP A 372 -24.31 -4.73 39.59
C TRP A 372 -24.03 -5.43 38.26
N ALA A 373 -24.71 -6.55 38.05
CA ALA A 373 -24.54 -7.33 36.82
C ALA A 373 -25.82 -8.11 36.56
N TYR A 374 -26.60 -7.64 35.59
CA TYR A 374 -27.86 -8.27 35.21
C TYR A 374 -27.71 -8.86 33.82
N GLY A 375 -27.98 -10.15 33.69
CA GLY A 375 -27.87 -10.83 32.42
C GLY A 375 -26.46 -10.72 31.86
N PRO A 376 -26.32 -10.39 30.58
CA PRO A 376 -24.98 -10.18 30.00
C PRO A 376 -24.48 -8.75 30.03
N VAL A 377 -25.16 -7.84 30.72
CA VAL A 377 -24.77 -6.44 30.80
C VAL A 377 -24.54 -6.09 32.27
N HIS A 378 -23.39 -5.50 32.57
CA HIS A 378 -23.06 -5.09 33.93
C HIS A 378 -22.43 -3.71 33.90
N SER A 379 -22.82 -2.86 34.84
CA SER A 379 -22.28 -1.52 34.95
C SER A 379 -21.01 -1.53 35.80
N SER A 380 -20.11 -0.60 35.50
CA SER A 380 -18.83 -0.49 36.20
C SER A 380 -18.61 0.95 36.63
N LEU A 381 -17.84 1.09 37.71
CA LEU A 381 -17.50 2.39 38.27
C LEU A 381 -15.99 2.55 38.32
N TYR A 382 -15.51 3.74 37.94
CA TYR A 382 -14.09 4.06 37.94
C TYR A 382 -13.83 5.21 38.91
N ASP A 383 -12.74 5.10 39.66
CA ASP A 383 -12.38 6.12 40.64
C ASP A 383 -11.66 7.28 39.93
N LEU A 384 -12.17 8.49 40.14
CA LEU A 384 -11.62 9.68 39.51
C LEU A 384 -10.83 10.54 40.49
N SER A 385 -10.48 10.02 41.66
CA SER A 385 -9.70 10.80 42.61
C SER A 385 -8.39 11.23 41.97
N CYS A 386 -8.04 12.50 42.16
CA CYS A 386 -6.83 13.10 41.61
C CYS A 386 -6.59 12.64 40.17
N ILE A 387 -7.56 12.97 39.31
CA ILE A 387 -7.50 12.65 37.89
C ILE A 387 -7.65 13.90 37.03
N ASP A 388 -8.68 14.70 37.28
CA ASP A 388 -8.98 15.87 36.46
C ASP A 388 -8.65 17.19 37.15
N THR A 389 -9.04 17.36 38.41
CA THR A 389 -8.76 18.58 39.15
C THR A 389 -8.24 18.21 40.53
N CYS A 390 -7.02 18.67 40.85
CA CYS A 390 -6.43 18.42 42.16
C CYS A 390 -5.77 19.64 42.77
N GLU A 391 -5.52 20.70 42.00
CA GLU A 391 -4.89 21.95 42.40
C GLU A 391 -3.39 21.81 42.60
N LYS A 392 -2.84 20.59 42.56
CA LYS A 392 -1.39 20.40 42.60
C LYS A 392 -0.89 19.72 41.33
N ASN A 393 -1.39 18.53 41.02
CA ASN A 393 -0.99 17.81 39.81
C ASN A 393 -2.01 16.73 39.53
N SER A 394 -2.69 16.83 38.40
CA SER A 394 -3.69 15.84 37.99
C SER A 394 -3.16 15.04 36.81
N VAL A 395 -3.67 13.82 36.67
CA VAL A 395 -3.19 12.95 35.60
C VAL A 395 -3.46 13.59 34.24
N LEU A 396 -4.67 14.12 34.04
CA LEU A 396 -4.97 14.78 32.78
C LEU A 396 -4.06 15.99 32.56
N GLU A 397 -3.85 16.79 33.60
CA GLU A 397 -2.98 17.94 33.47
C GLU A 397 -1.54 17.51 33.16
N VAL A 398 -1.06 16.47 33.84
CA VAL A 398 0.32 16.04 33.64
C VAL A 398 0.51 15.51 32.23
N ILE A 399 -0.41 14.66 31.77
CA ILE A 399 -0.27 14.08 30.43
C ILE A 399 -0.43 15.14 29.37
N ALA A 400 -1.36 16.08 29.57
CA ALA A 400 -1.61 17.09 28.55
C ALA A 400 -0.39 17.97 28.32
N TYR A 401 0.17 18.53 29.40
CA TYR A 401 1.25 19.50 29.28
C TYR A 401 2.63 18.86 29.19
N SER A 402 2.71 17.53 29.22
CA SER A 402 3.99 16.87 29.08
C SER A 402 4.61 17.16 27.72
N SER A 403 5.93 17.32 27.70
CA SER A 403 6.63 17.57 26.45
C SER A 403 6.59 16.33 25.56
N SER A 404 6.88 16.53 24.28
CA SER A 404 6.87 15.42 23.33
C SER A 404 7.91 14.38 23.66
N GLU A 405 8.89 14.71 24.51
CA GLU A 405 9.88 13.71 24.90
C GLU A 405 9.26 12.54 25.64
N THR A 406 8.06 12.70 26.17
CA THR A 406 7.38 11.59 26.80
C THR A 406 7.17 10.47 25.78
N PRO A 407 7.57 9.23 26.08
CA PRO A 407 7.62 8.21 25.02
C PRO A 407 6.31 8.00 24.28
N ASN A 408 5.17 8.01 24.96
CA ASN A 408 3.92 7.52 24.39
C ASN A 408 2.75 8.45 24.73
N ARG A 409 2.99 9.77 24.62
CA ARG A 409 1.95 10.72 25.02
C ARG A 409 0.67 10.53 24.21
N HIS A 410 0.80 10.18 22.92
CA HIS A 410 -0.37 10.15 22.06
C HIS A 410 -1.36 9.07 22.50
N ASP A 411 -0.91 7.84 22.67
CA ASP A 411 -1.80 6.71 22.86
C ASP A 411 -2.23 6.49 24.30
N MET A 412 -1.61 7.17 25.27
CA MET A 412 -2.01 6.99 26.66
C MET A 412 -3.46 7.39 26.90
N LEU A 413 -4.03 8.22 26.03
CA LEU A 413 -5.43 8.58 26.17
C LEU A 413 -6.37 7.50 25.67
N LEU A 414 -5.85 6.43 25.07
CA LEU A 414 -6.68 5.29 24.72
C LEU A 414 -7.26 4.58 25.93
N VAL A 415 -6.72 4.85 27.12
CA VAL A 415 -7.25 4.24 28.34
C VAL A 415 -8.74 4.57 28.44
N GLU A 416 -9.53 3.57 28.83
CA GLU A 416 -10.98 3.65 28.76
C GLU A 416 -11.53 4.79 29.62
N PRO A 417 -11.24 4.82 30.92
CA PRO A 417 -11.78 5.92 31.75
C PRO A 417 -11.39 7.29 31.26
N LEU A 418 -10.13 7.48 30.84
CA LEU A 418 -9.69 8.79 30.38
C LEU A 418 -10.45 9.21 29.14
N ASN A 419 -10.54 8.31 28.15
CA ASN A 419 -11.22 8.64 26.91
C ASN A 419 -12.69 8.97 27.16
N ARG A 420 -13.37 8.13 27.93
CA ARG A 420 -14.78 8.37 28.18
C ARG A 420 -14.99 9.67 28.97
N LEU A 421 -14.12 9.94 29.94
CA LEU A 421 -14.25 11.18 30.71
C LEU A 421 -14.07 12.39 29.82
N LEU A 422 -13.08 12.36 28.94
CA LEU A 422 -12.87 13.49 28.03
C LEU A 422 -14.07 13.68 27.12
N GLN A 423 -14.60 12.59 26.56
CA GLN A 423 -15.76 12.70 25.70
C GLN A 423 -16.94 13.30 26.46
N ASP A 424 -17.16 12.85 27.69
CA ASP A 424 -18.28 13.35 28.47
C ASP A 424 -18.13 14.84 28.76
N LYS A 425 -16.94 15.27 29.19
CA LYS A 425 -16.71 16.68 29.47
C LYS A 425 -16.98 17.51 28.21
N TRP A 426 -16.44 17.05 27.09
CA TRP A 426 -16.61 17.74 25.82
C TRP A 426 -18.09 17.93 25.57
N ASP A 427 -18.81 16.82 25.38
CA ASP A 427 -20.21 16.88 25.01
C ASP A 427 -21.06 17.58 26.06
N ARG A 428 -20.57 17.70 27.29
CA ARG A 428 -21.36 18.35 28.32
C ARG A 428 -21.30 19.86 28.18
N PHE A 429 -20.09 20.44 28.20
CA PHE A 429 -20.02 21.91 28.07
C PHE A 429 -18.94 22.43 27.15
N VAL A 430 -17.90 21.67 26.84
CA VAL A 430 -16.80 22.26 26.10
C VAL A 430 -17.21 22.47 24.65
N LYS A 431 -18.13 21.64 24.14
CA LYS A 431 -18.62 21.85 22.78
C LYS A 431 -19.26 23.22 22.65
N ARG A 432 -20.15 23.57 23.58
CA ARG A 432 -20.81 24.87 23.51
C ARG A 432 -19.81 26.01 23.69
N ILE A 433 -18.91 25.89 24.66
CA ILE A 433 -17.96 26.98 24.87
C ILE A 433 -17.08 27.16 23.63
N PHE A 434 -16.62 26.05 23.06
CA PHE A 434 -15.75 26.11 21.89
C PHE A 434 -16.49 26.72 20.70
N TYR A 435 -17.75 26.35 20.50
CA TYR A 435 -18.50 26.92 19.38
C TYR A 435 -18.69 28.43 19.57
N PHE A 436 -18.97 28.86 20.80
CA PHE A 436 -19.11 30.30 21.04
C PHE A 436 -17.80 31.02 20.75
N ASN A 437 -16.68 30.45 21.19
CA ASN A 437 -15.38 31.07 20.92
C ASN A 437 -15.12 31.14 19.42
N PHE A 438 -15.45 30.07 18.69
CA PHE A 438 -15.24 30.07 17.25
C PHE A 438 -16.08 31.16 16.58
N PHE A 439 -17.34 31.30 17.01
CA PHE A 439 -18.19 32.34 16.43
C PHE A 439 -17.62 33.73 16.70
N VAL A 440 -17.15 33.96 17.94
CA VAL A 440 -16.60 35.27 18.27
C VAL A 440 -15.36 35.56 17.43
N TYR A 441 -14.48 34.57 17.28
CA TYR A 441 -13.27 34.78 16.48
C TYR A 441 -13.62 35.03 15.02
N CYS A 442 -14.62 34.32 14.49
CA CYS A 442 -15.02 34.55 13.12
C CYS A 442 -15.54 35.96 12.93
N LEU A 443 -16.35 36.45 13.88
CA LEU A 443 -16.81 37.83 13.80
C LEU A 443 -15.62 38.79 13.84
N TYR A 444 -14.65 38.52 14.71
CA TYR A 444 -13.45 39.35 14.76
C TYR A 444 -12.77 39.41 13.40
N MET A 445 -12.58 38.24 12.77
CA MET A 445 -11.86 38.22 11.50
C MET A 445 -12.64 38.94 10.41
N ILE A 446 -13.96 38.79 10.38
CA ILE A 446 -14.76 39.51 9.39
C ILE A 446 -14.62 41.02 9.60
N ILE A 447 -14.69 41.47 10.85
CA ILE A 447 -14.57 42.90 11.13
C ILE A 447 -13.20 43.39 10.71
N PHE A 448 -12.15 42.64 11.02
CA PHE A 448 -10.80 43.04 10.66
C PHE A 448 -10.64 43.14 9.14
N THR A 449 -11.15 42.15 8.42
CA THR A 449 -11.06 42.19 6.96
C THR A 449 -11.80 43.39 6.40
N ALA A 450 -13.01 43.67 6.92
CA ALA A 450 -13.76 44.81 6.43
C ALA A 450 -13.02 46.12 6.70
N ALA A 451 -12.45 46.26 7.91
CA ALA A 451 -11.74 47.47 8.25
C ALA A 451 -10.52 47.66 7.37
N ALA A 452 -9.75 46.59 7.15
CA ALA A 452 -8.53 46.72 6.35
C ALA A 452 -8.85 46.98 4.88
N TYR A 453 -9.90 46.35 4.35
CA TYR A 453 -10.19 46.46 2.93
C TYR A 453 -10.50 47.90 2.54
N TYR A 454 -11.22 48.62 3.39
CA TYR A 454 -11.64 49.99 3.09
C TYR A 454 -10.67 51.04 3.59
N ARG A 455 -9.38 50.70 3.69
CA ARG A 455 -8.42 51.68 4.17
C ARG A 455 -8.35 52.87 3.22
N PRO A 456 -8.15 54.08 3.72
CA PRO A 456 -8.06 55.23 2.82
C PRO A 456 -6.73 55.26 2.09
N VAL A 457 -6.73 56.00 0.98
CA VAL A 457 -5.53 56.16 0.15
C VAL A 457 -5.33 57.66 -0.04
N GLU A 458 -4.56 58.27 0.87
CA GLU A 458 -4.15 59.66 0.74
C GLU A 458 -2.67 59.80 1.01
N GLY A 459 -2.11 58.88 1.79
CA GLY A 459 -0.69 58.91 2.11
C GLY A 459 -0.39 59.66 3.39
N LEU A 460 0.78 59.38 3.94
CA LEU A 460 1.26 60.06 5.14
C LEU A 460 0.22 59.97 6.25
N PRO A 461 0.04 58.80 6.86
CA PRO A 461 -0.94 58.66 7.94
C PRO A 461 -0.46 59.39 9.19
N PRO A 462 -1.33 59.54 10.20
CA PRO A 462 -2.73 59.09 10.25
C PRO A 462 -3.66 59.99 9.45
N TYR A 463 -4.91 59.58 9.29
CA TYR A 463 -5.90 60.30 8.50
C TYR A 463 -7.00 60.83 9.40
N LYS A 464 -7.36 62.09 9.23
CA LYS A 464 -8.48 62.66 9.97
C LYS A 464 -9.77 61.99 9.55
N LEU A 465 -10.61 61.69 10.54
CA LEU A 465 -11.88 61.01 10.29
C LEU A 465 -12.96 62.04 9.97
N LYS A 466 -13.62 61.86 8.83
CA LYS A 466 -14.68 62.77 8.42
C LYS A 466 -15.97 62.45 9.18
N ASN A 467 -16.91 63.39 9.12
CA ASN A 467 -18.20 63.23 9.80
C ASN A 467 -19.17 62.49 8.88
N THR A 468 -18.86 61.21 8.68
CA THR A 468 -19.65 60.35 7.81
C THR A 468 -19.81 58.99 8.47
N VAL A 469 -20.89 58.29 8.11
CA VAL A 469 -21.16 56.98 8.70
C VAL A 469 -20.05 56.00 8.36
N GLY A 470 -19.60 56.00 7.10
CA GLY A 470 -18.56 55.08 6.70
C GLY A 470 -17.28 55.26 7.49
N ASP A 471 -16.89 56.52 7.72
CA ASP A 471 -15.68 56.78 8.50
C ASP A 471 -15.83 56.26 9.93
N TYR A 472 -17.01 56.46 10.52
CA TYR A 472 -17.25 55.96 11.88
C TYR A 472 -17.13 54.44 11.91
N PHE A 473 -17.73 53.76 10.94
CA PHE A 473 -17.64 52.30 10.90
C PHE A 473 -16.20 51.85 10.73
N ARG A 474 -15.45 52.51 9.84
CA ARG A 474 -14.05 52.14 9.64
C ARG A 474 -13.24 52.33 10.93
N VAL A 475 -13.47 53.44 11.62
CA VAL A 475 -12.70 53.71 12.83
C VAL A 475 -13.01 52.68 13.91
N THR A 476 -14.29 52.38 14.10
CA THR A 476 -14.64 51.40 15.13
C THR A 476 -14.10 50.01 14.76
N GLY A 477 -14.15 49.65 13.48
CA GLY A 477 -13.59 48.38 13.07
C GLY A 477 -12.09 48.30 13.33
N GLU A 478 -11.37 49.38 13.01
CA GLU A 478 -9.93 49.39 13.27
C GLU A 478 -9.65 49.28 14.77
N ILE A 479 -10.42 49.98 15.60
CA ILE A 479 -10.22 49.90 17.03
C ILE A 479 -10.46 48.48 17.53
N LEU A 480 -11.53 47.84 17.05
CA LEU A 480 -11.80 46.47 17.47
C LEU A 480 -10.68 45.54 17.04
N SER A 481 -10.17 45.70 15.82
CA SER A 481 -9.09 44.84 15.35
C SER A 481 -7.84 45.01 16.21
N VAL A 482 -7.49 46.25 16.53
CA VAL A 482 -6.31 46.48 17.36
C VAL A 482 -6.51 45.90 18.74
N SER A 483 -7.71 46.06 19.31
CA SER A 483 -7.98 45.50 20.63
C SER A 483 -7.84 43.98 20.62
N GLY A 484 -8.38 43.33 19.60
CA GLY A 484 -8.23 41.89 19.50
C GLY A 484 -6.78 41.47 19.37
N GLY A 485 -6.00 42.22 18.58
CA GLY A 485 -4.59 41.91 18.47
C GLY A 485 -3.88 42.02 19.81
N VAL A 486 -4.17 43.07 20.57
CA VAL A 486 -3.55 43.24 21.89
C VAL A 486 -3.96 42.09 22.80
N TYR A 487 -5.23 41.69 22.75
CA TYR A 487 -5.69 40.59 23.59
C TYR A 487 -4.95 39.30 23.26
N PHE A 488 -4.79 39.02 21.96
CA PHE A 488 -4.05 37.82 21.57
C PHE A 488 -2.61 37.89 22.04
N PHE A 489 -1.98 39.06 21.92
CA PHE A 489 -0.61 39.21 22.39
C PHE A 489 -0.50 38.93 23.87
N PHE A 490 -1.42 39.48 24.66
CA PHE A 490 -1.36 39.28 26.11
C PHE A 490 -1.61 37.83 26.47
N ARG A 491 -2.56 37.18 25.82
CA ARG A 491 -2.79 35.76 26.09
C ARG A 491 -1.56 34.93 25.75
N GLY A 492 -0.90 35.26 24.63
CA GLY A 492 0.31 34.54 24.27
C GLY A 492 1.41 34.71 25.29
N ILE A 493 1.63 35.95 25.75
CA ILE A 493 2.64 36.17 26.78
C ILE A 493 2.30 35.40 28.05
N GLN A 494 1.04 35.43 28.45
CA GLN A 494 0.63 34.71 29.65
C GLN A 494 0.93 33.22 29.50
N TYR A 495 0.58 32.65 28.35
CA TYR A 495 0.84 31.23 28.13
C TYR A 495 2.33 30.94 28.18
N PHE A 496 3.14 31.80 27.54
CA PHE A 496 4.58 31.54 27.51
C PHE A 496 5.18 31.56 28.90
N LEU A 497 4.79 32.56 29.72
CA LEU A 497 5.27 32.58 31.10
C LEU A 497 4.79 31.36 31.88
N GLN A 498 3.53 30.97 31.70
CA GLN A 498 2.98 29.87 32.48
C GLN A 498 3.68 28.55 32.16
N ARG A 499 3.92 28.29 30.87
CA ARG A 499 4.45 26.99 30.45
C ARG A 499 5.98 26.97 30.37
N ARG A 500 6.58 28.02 29.82
CA ARG A 500 8.03 28.06 29.65
C ARG A 500 8.52 26.89 28.82
N PRO A 501 8.23 26.87 27.51
CA PRO A 501 8.77 25.81 26.66
C PRO A 501 10.28 25.68 26.78
N SER A 502 10.84 24.59 26.26
CA SER A 502 12.25 24.27 26.42
C SER A 502 13.12 24.84 25.29
N LEU A 503 12.54 25.60 24.36
CA LEU A 503 13.22 26.19 23.21
C LEU A 503 13.67 25.15 22.20
N LYS A 504 13.48 23.87 22.46
CA LYS A 504 13.75 22.80 21.51
C LYS A 504 12.48 22.19 20.95
N SER A 505 11.50 21.92 21.82
CA SER A 505 10.15 21.57 21.39
C SER A 505 9.26 22.79 21.22
N LEU A 506 9.86 23.96 21.03
CA LEU A 506 9.07 25.19 20.91
C LEU A 506 8.09 25.12 19.76
N PHE A 507 8.45 24.45 18.67
CA PHE A 507 7.62 24.38 17.47
C PHE A 507 6.79 23.10 17.42
N VAL A 508 7.38 21.96 17.75
CA VAL A 508 6.62 20.70 17.72
C VAL A 508 5.44 20.78 18.67
N ASP A 509 5.64 21.39 19.83
CA ASP A 509 4.57 21.65 20.79
C ASP A 509 4.20 23.12 20.73
N SER A 510 2.95 23.46 20.94
CA SER A 510 2.54 24.87 20.96
C SER A 510 2.54 25.42 19.54
N TYR A 511 2.40 24.59 18.51
CA TYR A 511 2.48 25.10 17.15
C TYR A 511 1.43 26.16 16.85
N SER A 512 0.31 26.16 17.56
CA SER A 512 -0.74 27.13 17.28
C SER A 512 -0.59 28.40 18.10
N GLU A 513 -0.15 28.27 19.36
CA GLU A 513 0.05 29.45 20.19
C GLU A 513 1.13 30.34 19.62
N ILE A 514 2.21 29.74 19.11
CA ILE A 514 3.28 30.54 18.50
C ILE A 514 2.75 31.30 17.29
N LEU A 515 1.92 30.65 16.47
CA LEU A 515 1.38 31.33 15.30
C LEU A 515 0.46 32.48 15.69
N PHE A 516 -0.41 32.26 16.68
CA PHE A 516 -1.27 33.34 17.14
C PHE A 516 -0.45 34.50 17.70
N PHE A 517 0.62 34.18 18.45
CA PHE A 517 1.48 35.22 18.99
C PHE A 517 2.15 35.99 17.88
N VAL A 518 2.58 35.31 16.81
CA VAL A 518 3.22 35.99 15.70
C VAL A 518 2.24 36.92 15.02
N GLN A 519 0.99 36.47 14.85
CA GLN A 519 -0.03 37.35 14.27
C GLN A 519 -0.22 38.59 15.11
N SER A 520 -0.30 38.43 16.43
CA SER A 520 -0.48 39.57 17.31
C SER A 520 0.73 40.51 17.24
N LEU A 521 1.93 39.95 17.15
CA LEU A 521 3.12 40.76 17.00
C LEU A 521 3.07 41.58 15.71
N PHE A 522 2.62 40.96 14.63
CA PHE A 522 2.48 41.69 13.38
C PHE A 522 1.49 42.84 13.54
N MET A 523 0.36 42.59 14.22
CA MET A 523 -0.60 43.65 14.44
C MET A 523 0.00 44.81 15.24
N LEU A 524 0.75 44.49 16.29
CA LEU A 524 1.34 45.54 17.12
C LEU A 524 2.36 46.33 16.32
N VAL A 525 3.20 45.66 15.53
CA VAL A 525 4.15 46.38 14.68
C VAL A 525 3.39 47.26 13.70
N SER A 526 2.27 46.76 13.17
CA SER A 526 1.48 47.55 12.24
C SER A 526 1.01 48.84 12.88
N VAL A 527 0.45 48.76 14.08
CA VAL A 527 -0.06 49.97 14.72
C VAL A 527 1.08 50.92 15.08
N VAL A 528 2.20 50.36 15.55
CA VAL A 528 3.35 51.20 15.89
C VAL A 528 3.82 51.98 14.68
N LEU A 529 3.93 51.31 13.54
CA LEU A 529 4.32 52.01 12.31
C LEU A 529 3.25 52.99 11.86
N TYR A 530 1.98 52.64 12.06
CA TYR A 530 0.90 53.52 11.62
C TYR A 530 0.93 54.85 12.35
N PHE A 531 1.17 54.82 13.66
CA PHE A 531 1.27 56.08 14.39
C PHE A 531 2.60 56.78 14.20
N SER A 532 3.58 56.13 13.59
CA SER A 532 4.89 56.74 13.34
C SER A 532 4.98 57.42 11.99
N GLN A 533 3.85 57.66 11.32
CA GLN A 533 3.83 58.29 10.01
C GLN A 533 4.69 57.53 9.01
N ARG A 534 4.39 56.24 8.88
CA ARG A 534 5.06 55.37 7.92
C ARG A 534 3.99 54.61 7.13
N LYS A 535 4.34 54.25 5.89
CA LYS A 535 3.42 53.59 4.98
C LYS A 535 3.66 52.08 4.91
N GLU A 536 4.46 51.53 5.83
CA GLU A 536 4.67 50.09 5.92
C GLU A 536 3.67 49.42 6.85
N TYR A 537 2.79 50.18 7.50
CA TYR A 537 1.75 49.55 8.29
C TYR A 537 0.88 48.72 7.38
N VAL A 538 0.77 49.12 6.11
CA VAL A 538 0.00 48.33 5.15
C VAL A 538 0.60 46.94 5.00
N ALA A 539 1.92 46.86 4.84
CA ALA A 539 2.58 45.57 4.71
C ALA A 539 2.38 44.73 5.96
N SER A 540 2.62 45.33 7.13
CA SER A 540 2.47 44.57 8.37
C SER A 540 1.03 44.11 8.54
N MET A 541 0.07 44.98 8.23
CA MET A 541 -1.34 44.65 8.40
C MET A 541 -1.76 43.54 7.46
N VAL A 542 -1.30 43.57 6.21
CA VAL A 542 -1.70 42.51 5.28
C VAL A 542 -1.10 41.17 5.72
N PHE A 543 0.15 41.20 6.21
CA PHE A 543 0.73 39.96 6.72
C PHE A 543 -0.10 39.42 7.88
N SER A 544 -0.47 40.31 8.81
CA SER A 544 -1.27 39.89 9.96
C SER A 544 -2.62 39.36 9.51
N LEU A 545 -3.24 40.00 8.53
CA LEU A 545 -4.57 39.61 8.07
C LEU A 545 -4.51 38.23 7.43
N ALA A 546 -3.52 37.99 6.57
CA ALA A 546 -3.37 36.67 5.98
C ALA A 546 -3.13 35.61 7.04
N MET A 547 -2.25 35.91 8.01
CA MET A 547 -2.01 34.93 9.07
C MET A 547 -3.29 34.65 9.85
N GLY A 548 -4.06 35.69 10.15
CA GLY A 548 -5.29 35.49 10.91
C GLY A 548 -6.28 34.63 10.17
N TRP A 549 -6.48 34.91 8.88
CA TRP A 549 -7.41 34.10 8.11
C TRP A 549 -6.96 32.66 8.03
N THR A 550 -5.66 32.42 7.83
CA THR A 550 -5.17 31.06 7.74
C THR A 550 -5.10 30.36 9.09
N ASN A 551 -5.18 31.10 10.20
CA ASN A 551 -5.22 30.50 11.52
C ASN A 551 -6.61 30.05 11.93
N MET A 552 -7.62 30.27 11.10
CA MET A 552 -8.94 29.75 11.41
C MET A 552 -8.94 28.23 11.47
N LEU A 553 -7.91 27.59 10.91
CA LEU A 553 -7.83 26.14 10.96
C LEU A 553 -7.69 25.61 12.38
N TYR A 554 -7.24 26.45 13.31
CA TYR A 554 -7.12 25.99 14.69
C TYR A 554 -8.45 25.49 15.22
N TYR A 555 -9.56 26.02 14.71
CA TYR A 555 -10.88 25.64 15.18
C TYR A 555 -11.43 24.41 14.47
N THR A 556 -10.70 23.85 13.51
CA THR A 556 -11.14 22.60 12.90
C THR A 556 -11.21 21.49 13.93
N ARG A 557 -10.26 21.46 14.88
CA ARG A 557 -10.36 20.52 15.98
C ARG A 557 -11.70 20.69 16.67
N GLY A 558 -12.36 19.57 16.94
CA GLY A 558 -13.77 19.57 17.29
C GLY A 558 -14.63 18.90 16.24
N PHE A 559 -14.10 18.71 15.03
CA PHE A 559 -14.69 17.86 14.01
C PHE A 559 -13.63 16.88 13.58
N GLN A 560 -13.99 15.59 13.56
CA GLN A 560 -12.97 14.55 13.42
C GLN A 560 -12.22 14.67 12.10
N GLN A 561 -12.95 14.73 10.99
CA GLN A 561 -12.30 14.70 9.68
C GLN A 561 -11.46 15.96 9.45
N MET A 562 -12.04 17.13 9.68
CA MET A 562 -11.30 18.37 9.48
C MET A 562 -10.14 18.46 10.44
N GLY A 563 -10.33 17.99 11.67
CA GLY A 563 -9.22 17.97 12.62
C GLY A 563 -8.07 17.11 12.14
N ILE A 564 -8.37 15.92 11.61
CA ILE A 564 -7.31 15.06 11.09
C ILE A 564 -6.60 15.73 9.93
N TYR A 565 -7.37 16.41 9.07
CA TYR A 565 -6.77 17.09 7.93
C TYR A 565 -5.79 18.17 8.39
N ALA A 566 -6.23 19.01 9.33
CA ALA A 566 -5.37 20.07 9.84
C ALA A 566 -4.15 19.48 10.55
N VAL A 567 -4.34 18.37 11.26
CA VAL A 567 -3.22 17.72 11.93
C VAL A 567 -2.18 17.26 10.92
N MET A 568 -2.63 16.67 9.82
CA MET A 568 -1.69 16.24 8.78
C MET A 568 -0.94 17.43 8.21
N ILE A 569 -1.65 18.54 7.97
CA ILE A 569 -0.97 19.74 7.48
C ILE A 569 0.10 20.17 8.48
N GLU A 570 -0.24 20.20 9.76
CA GLU A 570 0.74 20.58 10.78
C GLU A 570 1.96 19.66 10.74
N LYS A 571 1.73 18.35 10.68
CA LYS A 571 2.84 17.41 10.70
C LYS A 571 3.77 17.63 9.51
N MET A 572 3.20 17.84 8.32
CA MET A 572 4.06 18.10 7.17
C MET A 572 4.84 19.40 7.36
N ILE A 573 4.14 20.50 7.66
CA ILE A 573 4.82 21.79 7.81
C ILE A 573 5.94 21.70 8.82
N LEU A 574 5.79 20.85 9.82
CA LEU A 574 6.86 20.69 10.79
C LEU A 574 8.01 19.84 10.26
N ARG A 575 7.74 18.59 9.93
CA ARG A 575 8.81 17.60 9.79
C ARG A 575 9.14 17.23 8.35
N ASP A 576 8.63 17.95 7.34
CA ASP A 576 9.00 17.62 5.97
C ASP A 576 9.38 18.86 5.16
N LEU A 577 8.85 20.02 5.54
CA LEU A 577 8.98 21.19 4.68
C LEU A 577 10.43 21.60 4.52
N CYS A 578 11.17 21.72 5.63
CA CYS A 578 12.55 22.17 5.54
C CYS A 578 13.41 21.16 4.77
N ARG A 579 13.25 19.88 5.09
CA ARG A 579 14.09 18.86 4.45
C ARG A 579 13.83 18.79 2.96
N PHE A 580 12.57 18.89 2.54
CA PHE A 580 12.25 18.80 1.12
C PHE A 580 12.32 20.15 0.42
N MET A 581 12.60 21.24 1.14
CA MET A 581 12.78 22.54 0.51
C MET A 581 14.24 22.93 0.37
N PHE A 582 15.12 22.46 1.25
CA PHE A 582 16.54 22.77 1.10
C PHE A 582 17.06 22.26 -0.24
N VAL A 583 16.72 21.03 -0.58
CA VAL A 583 17.21 20.44 -1.83
C VAL A 583 16.68 21.23 -3.02
N TYR A 584 15.38 21.52 -3.02
CA TYR A 584 14.80 22.23 -4.15
C TYR A 584 15.39 23.61 -4.30
N LEU A 585 15.59 24.32 -3.19
CA LEU A 585 16.19 25.65 -3.27
C LEU A 585 17.62 25.58 -3.76
N VAL A 586 18.38 24.57 -3.34
CA VAL A 586 19.73 24.41 -3.85
C VAL A 586 19.69 24.26 -5.37
N PHE A 587 18.84 23.37 -5.87
CA PHE A 587 18.75 23.16 -7.32
C PHE A 587 18.37 24.44 -8.03
N LEU A 588 17.32 25.11 -7.54
CA LEU A 588 16.82 26.30 -8.21
C LEU A 588 17.88 27.39 -8.23
N PHE A 589 18.53 27.64 -7.09
CA PHE A 589 19.53 28.68 -7.03
C PHE A 589 20.72 28.36 -7.94
N GLY A 590 21.17 27.10 -7.94
CA GLY A 590 22.29 26.74 -8.79
C GLY A 590 21.99 26.97 -10.26
N PHE A 591 20.83 26.48 -10.72
CA PHE A 591 20.52 26.61 -12.13
C PHE A 591 20.23 28.05 -12.52
N SER A 592 19.62 28.81 -11.61
CA SER A 592 19.40 30.23 -11.89
C SER A 592 20.72 30.98 -12.01
N THR A 593 21.67 30.69 -11.11
CA THR A 593 22.98 31.31 -11.20
C THR A 593 23.65 30.95 -12.52
N ALA A 594 23.57 29.68 -12.92
CA ALA A 594 24.16 29.27 -14.19
C ALA A 594 23.55 30.06 -15.34
N VAL A 595 22.22 30.10 -15.42
CA VAL A 595 21.57 30.75 -16.55
C VAL A 595 21.90 32.23 -16.58
N VAL A 596 21.83 32.90 -15.42
CA VAL A 596 22.10 34.33 -15.39
C VAL A 596 23.56 34.60 -15.77
N THR A 597 24.47 33.72 -15.37
CA THR A 597 25.85 33.86 -15.81
C THR A 597 25.93 33.76 -17.33
N LEU A 598 25.20 32.83 -17.92
CA LEU A 598 25.23 32.68 -19.37
C LEU A 598 24.72 33.94 -20.07
N ILE A 599 23.66 34.54 -19.55
CA ILE A 599 23.03 35.68 -20.21
C ILE A 599 24.01 36.84 -20.29
N GLU A 600 23.97 37.57 -21.41
CA GLU A 600 24.88 38.70 -21.60
C GLU A 600 24.37 39.94 -20.90
N ASP A 601 23.20 40.43 -21.32
CA ASP A 601 22.62 41.62 -20.71
C ASP A 601 21.18 41.75 -21.20
N GLY A 602 20.40 42.54 -20.46
CA GLY A 602 19.02 42.79 -20.80
C GLY A 602 18.16 42.83 -19.57
N LYS A 603 16.86 42.64 -19.76
CA LYS A 603 15.93 42.68 -18.64
C LYS A 603 16.23 41.59 -17.63
N TYR A 604 16.56 40.39 -18.11
CA TYR A 604 16.67 39.22 -17.26
C TYR A 604 18.10 38.99 -16.75
N ASN A 605 19.01 39.94 -16.98
CA ASN A 605 20.38 39.76 -16.50
C ASN A 605 20.47 39.74 -14.99
N SER A 606 19.47 40.28 -14.29
CA SER A 606 19.48 40.25 -12.83
C SER A 606 19.21 38.84 -12.33
N LEU A 607 19.80 38.51 -11.18
CA LEU A 607 19.61 37.18 -10.61
C LEU A 607 18.17 36.96 -10.17
N TYR A 608 17.55 37.98 -9.59
CA TYR A 608 16.20 37.81 -9.04
C TYR A 608 15.20 37.48 -10.15
N SER A 609 15.26 38.20 -11.26
CA SER A 609 14.32 37.96 -12.36
C SER A 609 14.50 36.56 -12.93
N THR A 610 15.76 36.13 -13.10
CA THR A 610 16.00 34.79 -13.61
C THR A 610 15.51 33.73 -12.65
N CYS A 611 15.72 33.95 -11.34
CA CYS A 611 15.19 33.01 -10.36
C CYS A 611 13.67 32.92 -10.46
N LEU A 612 13.00 34.06 -10.61
CA LEU A 612 11.55 34.05 -10.76
C LEU A 612 11.13 33.27 -12.00
N GLU A 613 11.79 33.51 -13.13
CA GLU A 613 11.43 32.81 -14.35
C GLU A 613 11.65 31.31 -14.22
N LEU A 614 12.76 30.90 -13.60
CA LEU A 614 13.00 29.49 -13.41
C LEU A 614 11.97 28.87 -12.48
N PHE A 615 11.60 29.58 -11.41
CA PHE A 615 10.57 29.07 -10.52
C PHE A 615 9.23 28.95 -11.22
N LYS A 616 8.98 29.79 -12.22
CA LYS A 616 7.70 29.72 -12.92
C LYS A 616 7.48 28.34 -13.56
N PHE A 617 8.55 27.59 -13.80
CA PHE A 617 8.39 26.25 -14.36
C PHE A 617 7.70 25.31 -13.39
N THR A 618 7.83 25.55 -12.09
CA THR A 618 7.26 24.64 -11.11
C THR A 618 5.75 24.78 -11.01
N ILE A 619 5.22 25.97 -11.29
CA ILE A 619 3.79 26.22 -11.21
C ILE A 619 3.12 26.08 -12.58
N GLY A 620 3.77 25.40 -13.52
CA GLY A 620 3.20 25.19 -14.83
C GLY A 620 3.04 26.45 -15.65
N MET A 621 4.04 27.33 -15.63
CA MET A 621 4.01 28.54 -16.46
C MET A 621 5.37 28.84 -17.07
N GLY A 622 6.29 27.88 -17.10
CA GLY A 622 7.57 28.10 -17.73
C GLY A 622 7.42 28.57 -19.16
N ASP A 623 8.52 29.10 -19.71
CA ASP A 623 8.51 29.67 -21.04
C ASP A 623 9.42 28.94 -22.02
N LEU A 624 10.65 28.62 -21.62
CA LEU A 624 11.67 27.98 -22.44
C LEU A 624 12.19 28.90 -23.54
N GLU A 625 11.62 30.10 -23.70
CA GLU A 625 12.10 31.06 -24.68
C GLU A 625 12.01 32.48 -24.13
N PHE A 626 12.13 32.63 -22.81
CA PHE A 626 11.85 33.92 -22.19
C PHE A 626 12.90 34.97 -22.51
N THR A 627 14.02 34.61 -23.11
CA THR A 627 15.03 35.59 -23.48
C THR A 627 15.79 35.11 -24.70
N GLU A 628 16.39 36.07 -25.41
CA GLU A 628 17.24 35.78 -26.55
C GLU A 628 18.57 36.51 -26.52
N ASN A 629 18.84 37.31 -25.47
CA ASN A 629 20.07 38.08 -25.38
C ASN A 629 21.13 37.22 -24.69
N TYR A 630 21.77 36.38 -25.48
CA TYR A 630 22.81 35.47 -25.00
C TYR A 630 23.47 34.83 -26.23
N ASP A 631 24.33 33.85 -25.98
CA ASP A 631 24.95 33.06 -27.03
C ASP A 631 24.84 31.58 -26.66
N PHE A 632 25.08 30.72 -27.64
CA PHE A 632 25.07 29.27 -27.44
C PHE A 632 23.71 28.78 -26.96
N LYS A 633 22.73 28.92 -27.86
CA LYS A 633 21.37 28.49 -27.55
C LYS A 633 21.32 27.04 -27.11
N ALA A 634 22.24 26.22 -27.62
CA ALA A 634 22.27 24.82 -27.18
C ALA A 634 22.48 24.74 -25.68
N VAL A 635 23.41 25.53 -25.14
CA VAL A 635 23.68 25.48 -23.71
C VAL A 635 22.47 25.92 -22.91
N PHE A 636 21.82 27.00 -23.36
CA PHE A 636 20.63 27.49 -22.66
C PHE A 636 19.54 26.43 -22.62
N ILE A 637 19.25 25.82 -23.78
CA ILE A 637 18.20 24.82 -23.84
C ILE A 637 18.56 23.62 -22.97
N ILE A 638 19.81 23.17 -23.02
CA ILE A 638 20.22 22.03 -22.20
C ILE A 638 20.05 22.36 -20.73
N LEU A 639 20.45 23.56 -20.32
CA LEU A 639 20.31 23.93 -18.91
C LEU A 639 18.85 23.90 -18.48
N LEU A 640 17.98 24.51 -19.28
CA LEU A 640 16.56 24.56 -18.90
C LEU A 640 15.95 23.16 -18.87
N LEU A 641 16.25 22.33 -19.87
CA LEU A 641 15.69 20.99 -19.89
C LEU A 641 16.19 20.15 -18.72
N ALA A 642 17.50 20.27 -18.41
CA ALA A 642 18.03 19.54 -17.27
C ALA A 642 17.36 19.99 -15.99
N TYR A 643 17.15 21.29 -15.83
CA TYR A 643 16.48 21.77 -14.63
C TYR A 643 15.07 21.22 -14.53
N VAL A 644 14.33 21.23 -15.64
CA VAL A 644 12.95 20.73 -15.61
C VAL A 644 12.92 19.26 -15.22
N ILE A 645 13.78 18.46 -15.87
CA ILE A 645 13.79 17.03 -15.58
C ILE A 645 14.18 16.78 -14.13
N LEU A 646 15.19 17.50 -13.64
CA LEU A 646 15.65 17.28 -12.28
C LEU A 646 14.58 17.66 -11.27
N THR A 647 13.89 18.78 -11.48
CA THR A 647 12.85 19.17 -10.53
C THR A 647 11.68 18.20 -10.55
N TYR A 648 11.31 17.71 -11.73
CA TYR A 648 10.25 16.71 -11.78
C TYR A 648 10.65 15.44 -11.05
N ILE A 649 11.89 14.99 -11.25
CA ILE A 649 12.38 13.83 -10.51
C ILE A 649 12.35 14.12 -9.01
N LEU A 650 12.70 15.34 -8.64
CA LEU A 650 12.74 15.71 -7.23
C LEU A 650 11.35 15.60 -6.60
N LEU A 651 10.33 16.14 -7.28
CA LEU A 651 8.97 16.06 -6.75
C LEU A 651 8.47 14.62 -6.73
N LEU A 652 8.82 13.83 -7.75
CA LEU A 652 8.40 12.44 -7.78
C LEU A 652 8.98 11.67 -6.60
N ASN A 653 10.19 11.91 -6.20
CA ASN A 653 10.72 11.14 -5.08
C ASN A 653 10.16 11.78 -3.85
N MET A 654 9.90 13.07 -3.83
CA MET A 654 9.20 13.62 -2.68
C MET A 654 7.96 12.79 -2.37
N LEU A 655 7.05 12.71 -3.34
CA LEU A 655 5.77 12.08 -3.09
C LEU A 655 5.94 10.60 -2.80
N ILE A 656 6.83 9.93 -3.54
CA ILE A 656 7.07 8.51 -3.28
C ILE A 656 7.51 8.32 -1.83
N ALA A 657 8.45 9.15 -1.37
CA ALA A 657 8.99 8.98 -0.03
C ALA A 657 7.91 9.17 1.03
N LEU A 658 7.22 10.30 1.01
CA LEU A 658 6.26 10.66 2.08
C LEU A 658 4.98 9.88 1.90
N MET A 659 4.78 9.14 0.82
CA MET A 659 3.67 8.21 0.72
C MET A 659 4.06 6.85 1.26
N GLY A 660 5.20 6.33 0.83
CA GLY A 660 5.62 5.01 1.27
C GLY A 660 5.87 4.94 2.76
N GLU A 661 6.53 5.96 3.32
CA GLU A 661 6.93 5.84 4.72
C GLU A 661 5.78 6.07 5.70
N THR A 662 4.63 6.56 5.24
CA THR A 662 3.56 6.92 6.17
C THR A 662 2.16 6.55 5.70
N VAL A 663 2.00 5.77 4.62
CA VAL A 663 0.66 5.37 4.22
C VAL A 663 -0.03 4.55 5.31
N ASN A 664 0.72 3.93 6.20
CA ASN A 664 0.17 3.08 7.25
C ASN A 664 0.00 3.80 8.58
N LYS A 665 0.98 4.63 8.98
CA LYS A 665 0.88 5.30 10.27
C LYS A 665 -0.30 6.26 10.31
N ILE A 666 -0.57 6.95 9.21
CA ILE A 666 -1.67 7.91 9.15
C ILE A 666 -3.03 7.26 9.40
N ALA A 667 -3.08 5.92 9.41
CA ALA A 667 -4.36 5.25 9.65
C ALA A 667 -4.92 5.60 11.02
N GLN A 668 -4.06 5.65 12.04
CA GLN A 668 -4.49 5.95 13.41
C GLN A 668 -3.64 6.99 14.12
N GLU A 669 -2.41 7.25 13.67
CA GLU A 669 -1.56 8.21 14.38
C GLU A 669 -2.15 9.61 14.31
N SER A 670 -2.68 10.00 13.16
CA SER A 670 -3.31 11.31 13.04
C SER A 670 -4.52 11.42 13.94
N LYS A 671 -5.33 10.36 14.01
CA LYS A 671 -6.48 10.38 14.91
C LYS A 671 -6.06 10.52 16.36
N ASN A 672 -5.00 9.80 16.75
CA ASN A 672 -4.51 9.91 18.12
C ASN A 672 -4.01 11.32 18.42
N ILE A 673 -3.28 11.92 17.48
CA ILE A 673 -2.80 13.28 17.70
C ILE A 673 -3.97 14.24 17.80
N TRP A 674 -5.02 14.02 17.00
CA TRP A 674 -6.18 14.88 17.08
C TRP A 674 -6.87 14.75 18.43
N LYS A 675 -6.96 13.52 18.95
CA LYS A 675 -7.56 13.34 20.27
C LYS A 675 -6.74 14.04 21.34
N LEU A 676 -5.42 13.97 21.24
CA LEU A 676 -4.57 14.71 22.18
C LEU A 676 -4.82 16.20 22.07
N GLN A 677 -4.97 16.67 20.85
CA GLN A 677 -5.19 18.10 20.59
C GLN A 677 -6.49 18.46 21.30
N ARG A 678 -7.55 17.71 21.09
CA ARG A 678 -8.83 18.00 21.70
C ARG A 678 -8.72 17.99 23.22
N ALA A 679 -7.94 17.07 23.77
CA ALA A 679 -7.73 17.04 25.22
C ALA A 679 -7.09 18.35 25.70
N ILE A 680 -6.08 18.82 24.97
CA ILE A 680 -5.45 20.09 25.32
C ILE A 680 -6.47 21.20 25.30
N THR A 681 -7.30 21.24 24.25
CA THR A 681 -8.32 22.28 24.16
C THR A 681 -9.29 22.20 25.34
N ILE A 682 -9.71 20.99 25.70
CA ILE A 682 -10.67 20.83 26.78
C ILE A 682 -10.08 21.33 28.09
N LEU A 683 -8.84 20.94 28.38
CA LEU A 683 -8.23 21.36 29.63
C LEU A 683 -8.04 22.87 29.67
N ASP A 684 -7.60 23.46 28.56
CA ASP A 684 -7.42 24.90 28.54
C ASP A 684 -8.74 25.62 28.74
N THR A 685 -9.80 25.15 28.08
CA THR A 685 -11.11 25.79 28.24
C THR A 685 -11.59 25.67 29.67
N GLU A 686 -11.42 24.49 30.28
CA GLU A 686 -11.85 24.32 31.67
C GLU A 686 -11.10 25.27 32.60
N LYS A 687 -9.76 25.26 32.51
CA LYS A 687 -8.97 26.09 33.42
C LYS A 687 -9.25 27.57 33.21
N SER A 688 -9.33 28.01 31.95
CA SER A 688 -9.53 29.43 31.68
C SER A 688 -10.87 29.92 32.22
N PHE A 689 -11.93 29.16 32.00
CA PHE A 689 -13.27 29.57 32.38
C PHE A 689 -13.65 29.01 33.75
N LEU A 690 -12.92 29.46 34.77
CA LEU A 690 -13.27 29.18 36.15
C LEU A 690 -14.32 30.14 36.70
N LYS A 691 -14.71 31.15 35.90
CA LYS A 691 -15.70 32.11 36.36
C LYS A 691 -17.01 31.44 36.74
N CYS A 692 -17.34 30.32 36.09
CA CYS A 692 -18.57 29.58 36.36
C CYS A 692 -18.41 28.60 37.51
N MET A 693 -17.41 28.81 38.35
CA MET A 693 -17.18 27.94 39.53
C MET A 693 -17.04 26.51 38.99
N ARG A 694 -17.45 25.46 39.67
CA ARG A 694 -17.11 24.06 39.40
C ARG A 694 -18.34 23.56 38.63
N LYS A 695 -18.70 24.31 37.60
CA LYS A 695 -19.81 23.93 36.74
C LYS A 695 -19.47 22.64 35.99
N ALA A 696 -20.47 21.76 35.85
CA ALA A 696 -20.32 20.52 35.10
C ALA A 696 -19.14 19.70 35.63
N PHE A 697 -19.28 19.25 36.87
CA PHE A 697 -18.23 18.47 37.50
C PHE A 697 -18.05 17.14 36.78
N ARG A 698 -17.06 16.37 37.23
CA ARG A 698 -16.70 15.14 36.52
C ARG A 698 -17.88 14.18 36.44
N SER A 699 -18.54 13.93 37.57
CA SER A 699 -19.61 12.94 37.64
C SER A 699 -20.35 13.15 38.95
N GLY A 700 -21.26 12.22 39.26
CA GLY A 700 -22.02 12.29 40.49
C GLY A 700 -21.28 11.67 41.66
N LYS A 701 -21.93 11.73 42.82
CA LYS A 701 -21.38 11.19 44.06
C LYS A 701 -21.96 9.80 44.30
N LEU A 702 -21.08 8.83 44.56
CA LEU A 702 -21.48 7.44 44.69
C LEU A 702 -20.82 6.82 45.91
N LEU A 703 -21.47 5.77 46.42
CA LEU A 703 -21.00 4.99 47.57
C LEU A 703 -20.75 3.57 47.07
N GLN A 704 -19.50 3.27 46.73
CA GLN A 704 -19.19 1.99 46.09
C GLN A 704 -19.04 0.88 47.12
N VAL A 705 -18.31 1.13 48.20
CA VAL A 705 -18.11 0.13 49.25
C VAL A 705 -18.81 0.49 50.54
N GLY A 706 -19.04 1.77 50.82
CA GLY A 706 -19.73 2.16 52.05
C GLY A 706 -18.87 2.21 53.29
N PHE A 707 -18.05 1.18 53.51
CA PHE A 707 -17.21 1.10 54.69
C PHE A 707 -15.80 0.70 54.28
N THR A 708 -14.81 1.42 54.80
CA THR A 708 -13.41 1.07 54.66
C THR A 708 -13.02 0.17 55.82
N PRO A 709 -11.77 -0.29 55.92
CA PRO A 709 -11.39 -1.03 57.12
C PRO A 709 -11.70 -0.28 58.41
N ASP A 710 -11.53 1.02 58.41
CA ASP A 710 -12.03 1.85 59.49
C ASP A 710 -13.54 2.02 59.36
N GLY A 711 -14.20 2.24 60.49
CA GLY A 711 -15.65 2.35 60.50
C GLY A 711 -16.20 3.47 59.65
N LYS A 712 -15.39 4.50 59.38
CA LYS A 712 -15.86 5.64 58.61
C LYS A 712 -16.16 5.24 57.18
N ASP A 713 -17.23 5.82 56.62
CA ASP A 713 -17.60 5.58 55.24
C ASP A 713 -16.76 6.44 54.30
N ASP A 714 -16.79 6.10 53.02
CA ASP A 714 -16.00 6.80 52.01
C ASP A 714 -16.77 6.89 50.70
N TYR A 715 -16.40 7.89 49.90
CA TYR A 715 -16.91 8.05 48.55
C TYR A 715 -15.74 8.42 47.65
N ARG A 716 -15.83 8.01 46.37
CA ARG A 716 -14.68 8.08 45.48
C ARG A 716 -14.99 8.77 44.15
N TRP A 717 -16.08 9.54 44.07
CA TRP A 717 -16.39 10.29 42.87
C TRP A 717 -16.32 9.41 41.62
N CYS A 718 -17.19 8.40 41.59
CA CYS A 718 -17.13 7.41 40.52
C CYS A 718 -17.66 7.99 39.20
N PHE A 719 -17.37 7.27 38.12
CA PHE A 719 -17.81 7.63 36.78
C PHE A 719 -18.47 6.42 36.16
N ARG A 720 -19.81 6.41 36.14
CA ARG A 720 -20.55 5.24 35.71
C ARG A 720 -20.26 4.92 34.24
N VAL A 721 -20.01 3.64 33.96
CA VAL A 721 -19.77 3.15 32.61
C VAL A 721 -20.51 1.84 32.43
N ASP A 722 -21.08 1.64 31.24
CA ASP A 722 -21.85 0.44 30.93
C ASP A 722 -21.20 -0.30 29.77
N GLU A 723 -21.15 -1.62 29.87
CA GLU A 723 -20.59 -2.46 28.82
C GLU A 723 -21.32 -3.80 28.82
N VAL A 724 -21.18 -4.53 27.71
CA VAL A 724 -21.84 -5.81 27.52
C VAL A 724 -20.78 -6.83 27.09
N ASN A 725 -20.84 -8.02 27.68
CA ASN A 725 -19.92 -9.12 27.36
C ASN A 725 -20.73 -10.42 27.38
N TRP A 726 -21.20 -10.82 26.20
CA TRP A 726 -22.02 -12.03 26.11
C TRP A 726 -21.24 -13.26 26.54
N THR A 727 -20.00 -13.38 26.10
CA THR A 727 -19.19 -14.56 26.36
C THR A 727 -18.43 -14.42 27.67
N THR A 728 -17.93 -15.56 28.16
CA THR A 728 -17.08 -15.62 29.35
C THR A 728 -17.78 -15.00 30.57
N TRP A 729 -18.90 -15.63 30.95
CA TRP A 729 -19.63 -15.21 32.14
C TRP A 729 -18.92 -15.72 33.39
N TYR B 198 -38.69 1.72 39.36
CA TYR B 198 -39.46 1.56 38.10
C TYR B 198 -39.32 0.14 37.56
N TYR B 199 -39.05 -0.81 38.45
CA TYR B 199 -38.92 -2.22 38.09
C TYR B 199 -40.26 -2.95 38.13
N LYS B 200 -41.37 -2.22 38.01
CA LYS B 200 -42.69 -2.84 38.16
C LYS B 200 -42.87 -3.96 37.15
N GLY B 201 -43.50 -5.05 37.59
CA GLY B 201 -43.63 -6.24 36.80
C GLY B 201 -42.54 -7.26 37.03
N GLN B 202 -41.48 -6.91 37.75
CA GLN B 202 -40.44 -7.87 38.07
C GLN B 202 -40.96 -8.92 39.04
N THR B 203 -40.60 -10.18 38.79
CA THR B 203 -41.03 -11.30 39.60
C THR B 203 -39.83 -12.15 40.00
N ALA B 204 -39.94 -12.79 41.17
CA ALA B 204 -38.83 -13.59 41.67
C ALA B 204 -38.45 -14.71 40.70
N LEU B 205 -39.41 -15.17 39.89
CA LEU B 205 -39.09 -16.20 38.91
C LEU B 205 -38.04 -15.71 37.92
N HIS B 206 -38.17 -14.46 37.46
CA HIS B 206 -37.18 -13.90 36.56
C HIS B 206 -35.81 -13.85 37.22
N ILE B 207 -35.77 -13.43 38.49
CA ILE B 207 -34.49 -13.35 39.20
C ILE B 207 -33.86 -14.73 39.30
N ALA B 208 -34.67 -15.74 39.64
CA ALA B 208 -34.15 -17.10 39.74
C ALA B 208 -33.62 -17.59 38.40
N ILE B 209 -34.35 -17.31 37.32
CA ILE B 209 -33.91 -17.73 35.99
C ILE B 209 -32.59 -17.07 35.64
N GLU B 210 -32.45 -15.79 35.98
CA GLU B 210 -31.22 -15.07 35.65
C GLU B 210 -30.01 -15.69 36.33
N ARG B 211 -30.17 -16.11 37.59
CA ARG B 211 -29.05 -16.63 38.36
C ARG B 211 -28.59 -18.02 37.92
N ARG B 212 -29.16 -18.57 36.84
CA ARG B 212 -28.75 -19.87 36.33
C ARG B 212 -28.92 -20.98 37.38
N ASN B 213 -29.95 -20.85 38.21
CA ASN B 213 -30.23 -21.81 39.28
C ASN B 213 -31.37 -22.72 38.83
N MET B 214 -31.01 -23.91 38.35
CA MET B 214 -32.01 -24.87 37.89
C MET B 214 -32.84 -25.40 39.05
N THR B 215 -32.18 -25.84 40.12
CA THR B 215 -32.89 -26.42 41.25
C THR B 215 -33.80 -25.40 41.92
N LEU B 216 -33.29 -24.17 42.09
CA LEU B 216 -34.11 -23.13 42.72
C LEU B 216 -35.31 -22.79 41.85
N VAL B 217 -35.12 -22.76 40.53
CA VAL B 217 -36.24 -22.52 39.62
C VAL B 217 -37.28 -23.63 39.75
N THR B 218 -36.81 -24.88 39.82
CA THR B 218 -37.73 -26.00 39.98
C THR B 218 -38.51 -25.87 41.27
N LEU B 219 -37.85 -25.52 42.37
CA LEU B 219 -38.54 -25.34 43.63
C LEU B 219 -39.56 -24.21 43.55
N LEU B 220 -39.18 -23.10 42.92
CA LEU B 220 -40.10 -21.97 42.82
C LEU B 220 -41.33 -22.32 42.00
N VAL B 221 -41.15 -23.04 40.88
CA VAL B 221 -42.28 -23.41 40.04
C VAL B 221 -43.06 -24.60 40.60
N GLU B 222 -42.51 -25.31 41.59
CA GLU B 222 -43.23 -26.43 42.18
C GLU B 222 -44.52 -25.96 42.83
N ASN B 223 -44.48 -24.83 43.54
CA ASN B 223 -45.67 -24.29 44.17
C ASN B 223 -46.69 -23.76 43.17
N GLY B 224 -46.31 -23.61 41.91
CA GLY B 224 -47.22 -23.13 40.89
C GLY B 224 -46.90 -21.71 40.45
N ALA B 225 -45.62 -21.37 40.39
CA ALA B 225 -45.22 -20.03 39.98
C ALA B 225 -45.70 -19.75 38.56
N ASP B 226 -46.23 -18.55 38.36
CA ASP B 226 -46.73 -18.17 37.05
C ASP B 226 -45.59 -18.02 36.05
N VAL B 227 -45.90 -18.27 34.79
CA VAL B 227 -44.90 -18.19 33.72
C VAL B 227 -45.25 -17.16 32.66
N GLN B 228 -46.51 -16.76 32.53
CA GLN B 228 -46.92 -15.78 31.54
C GLN B 228 -46.88 -14.34 32.05
N ALA B 229 -46.48 -14.13 33.31
CA ALA B 229 -46.37 -12.79 33.83
C ALA B 229 -45.29 -12.00 33.08
N ALA B 230 -45.60 -10.75 32.76
CA ALA B 230 -44.71 -9.90 31.99
C ALA B 230 -44.15 -8.80 32.89
N ALA B 231 -42.89 -8.43 32.64
CA ALA B 231 -42.21 -7.38 33.39
C ALA B 231 -42.28 -6.10 32.57
N ASN B 232 -43.21 -5.23 32.93
CA ASN B 232 -43.44 -3.97 32.22
C ASN B 232 -42.63 -2.82 32.78
N GLY B 233 -41.75 -3.08 33.74
CA GLY B 233 -40.94 -2.01 34.31
C GLY B 233 -40.06 -1.35 33.26
N ASP B 234 -39.78 -0.06 33.47
CA ASP B 234 -38.98 0.69 32.51
C ASP B 234 -37.60 0.08 32.34
N PHE B 235 -37.06 -0.55 33.38
CA PHE B 235 -35.72 -1.12 33.29
C PHE B 235 -35.64 -2.20 32.22
N PHE B 236 -36.76 -2.84 31.91
CA PHE B 236 -36.80 -3.93 30.94
C PHE B 236 -37.24 -3.48 29.55
N LYS B 237 -37.35 -2.16 29.34
CA LYS B 237 -37.78 -1.66 28.04
C LYS B 237 -36.61 -1.63 27.06
N LYS B 238 -36.93 -1.32 25.80
CA LYS B 238 -35.96 -1.40 24.72
C LYS B 238 -34.78 -0.47 24.93
N THR B 239 -35.03 0.85 24.89
CA THR B 239 -33.93 1.82 24.95
C THR B 239 -34.25 3.03 25.82
N LYS B 240 -35.25 2.93 26.70
CA LYS B 240 -35.57 4.03 27.60
C LYS B 240 -34.48 4.11 28.66
N GLY B 241 -33.55 5.05 28.48
CA GLY B 241 -32.38 5.13 29.33
C GLY B 241 -31.31 4.19 28.86
N ARG B 242 -30.06 4.67 28.79
CA ARG B 242 -28.98 3.84 28.28
C ARG B 242 -28.86 2.52 29.03
N PRO B 243 -28.89 2.49 30.36
CA PRO B 243 -28.87 1.19 31.05
C PRO B 243 -30.14 0.40 30.79
N GLY B 244 -30.00 -0.91 30.78
CA GLY B 244 -31.14 -1.79 30.58
C GLY B 244 -30.71 -3.06 29.87
N PHE B 245 -31.71 -3.89 29.59
CA PHE B 245 -31.50 -5.16 28.90
C PHE B 245 -32.84 -5.67 28.42
N TYR B 246 -32.94 -5.96 27.12
CA TYR B 246 -34.17 -6.45 26.52
C TYR B 246 -34.12 -7.97 26.41
N PHE B 247 -35.18 -8.63 26.88
CA PHE B 247 -35.22 -10.09 26.87
C PHE B 247 -36.59 -10.63 26.46
N GLY B 248 -37.46 -9.79 25.87
CA GLY B 248 -38.77 -10.23 25.46
C GLY B 248 -39.85 -10.05 26.50
N GLU B 249 -39.51 -9.67 27.72
CA GLU B 249 -40.46 -9.38 28.80
C GLU B 249 -41.15 -10.62 29.34
N LEU B 250 -40.66 -11.81 29.02
CA LEU B 250 -41.25 -13.05 29.51
C LEU B 250 -40.15 -13.95 30.07
N PRO B 251 -40.46 -14.73 31.11
CA PRO B 251 -39.41 -15.57 31.72
C PRO B 251 -38.81 -16.57 30.75
N LEU B 252 -39.64 -17.18 29.89
CA LEU B 252 -39.11 -18.13 28.93
C LEU B 252 -38.20 -17.46 27.92
N SER B 253 -38.55 -16.25 27.48
CA SER B 253 -37.66 -15.50 26.60
C SER B 253 -36.37 -15.14 27.33
N LEU B 254 -36.47 -14.77 28.60
CA LEU B 254 -35.28 -14.45 29.38
C LEU B 254 -34.35 -15.64 29.46
N ALA B 255 -34.90 -16.83 29.72
CA ALA B 255 -34.08 -18.03 29.74
C ALA B 255 -33.46 -18.31 28.38
N ALA B 256 -34.25 -18.16 27.32
CA ALA B 256 -33.74 -18.46 25.98
C ALA B 256 -32.57 -17.54 25.62
N CYS B 257 -32.69 -16.24 25.93
CA CYS B 257 -31.67 -15.29 25.56
C CYS B 257 -30.44 -15.34 26.47
N THR B 258 -30.48 -16.10 27.55
CA THR B 258 -29.44 -16.07 28.57
C THR B 258 -28.59 -17.34 28.61
N ASN B 259 -28.58 -18.11 27.53
CA ASN B 259 -27.73 -19.31 27.44
C ASN B 259 -28.11 -20.33 28.51
N GLN B 260 -29.40 -20.67 28.56
CA GLN B 260 -29.90 -21.74 29.42
C GLN B 260 -30.85 -22.59 28.59
N LEU B 261 -30.29 -23.59 27.89
CA LEU B 261 -31.12 -24.47 27.08
C LEU B 261 -31.87 -25.47 27.95
N ALA B 262 -31.20 -25.98 28.99
CA ALA B 262 -31.85 -26.93 29.89
C ALA B 262 -33.05 -26.31 30.58
N ILE B 263 -32.92 -25.06 31.03
CA ILE B 263 -34.04 -24.38 31.67
C ILE B 263 -35.17 -24.15 30.67
N VAL B 264 -34.83 -23.86 29.41
CA VAL B 264 -35.86 -23.68 28.40
C VAL B 264 -36.62 -24.99 28.20
N LYS B 265 -35.90 -26.11 28.10
CA LYS B 265 -36.56 -27.39 27.95
C LYS B 265 -37.45 -27.70 29.14
N PHE B 266 -36.95 -27.44 30.35
CA PHE B 266 -37.73 -27.70 31.55
C PHE B 266 -39.00 -26.87 31.57
N LEU B 267 -38.89 -25.59 31.24
CA LEU B 267 -40.06 -24.72 31.21
C LEU B 267 -41.07 -25.18 30.17
N LEU B 268 -40.57 -25.60 29.00
CA LEU B 268 -41.48 -25.99 27.92
C LEU B 268 -42.17 -27.31 28.20
N GLN B 269 -41.49 -28.24 28.86
CA GLN B 269 -42.00 -29.59 29.09
C GLN B 269 -42.11 -29.90 30.58
N ASN B 270 -42.63 -28.94 31.34
CA ASN B 270 -42.86 -29.16 32.79
C ASN B 270 -44.21 -29.84 32.95
N SER B 271 -44.38 -30.61 34.01
CA SER B 271 -45.64 -31.25 34.34
C SER B 271 -46.50 -30.44 35.28
N TRP B 272 -45.98 -29.32 35.81
CA TRP B 272 -46.78 -28.48 36.70
C TRP B 272 -47.68 -27.54 35.90
N GLN B 273 -47.08 -26.68 35.09
CA GLN B 273 -47.83 -25.71 34.28
C GLN B 273 -47.13 -25.55 32.94
N PRO B 274 -47.71 -26.05 31.84
CA PRO B 274 -47.04 -25.91 30.54
C PRO B 274 -46.78 -24.44 30.20
N ALA B 275 -45.64 -24.20 29.58
CA ALA B 275 -45.22 -22.86 29.19
C ALA B 275 -45.61 -22.59 27.75
N ASP B 276 -46.37 -21.52 27.53
CA ASP B 276 -46.79 -21.16 26.18
C ASP B 276 -45.60 -20.66 25.37
N ILE B 277 -45.47 -21.17 24.15
CA ILE B 277 -44.37 -20.78 23.28
C ILE B 277 -44.76 -19.71 22.26
N SER B 278 -46.05 -19.58 21.94
CA SER B 278 -46.52 -18.57 21.01
C SER B 278 -46.93 -17.29 21.70
N ALA B 279 -46.73 -17.18 23.01
CA ALA B 279 -47.14 -15.99 23.74
C ALA B 279 -46.48 -14.75 23.17
N ARG B 280 -47.26 -13.70 22.99
CA ARG B 280 -46.79 -12.43 22.45
C ARG B 280 -46.87 -11.37 23.55
N ASP B 281 -45.75 -10.71 23.81
CA ASP B 281 -45.67 -9.73 24.88
C ASP B 281 -46.38 -8.45 24.46
N SER B 282 -46.27 -7.40 25.28
CA SER B 282 -46.98 -6.15 24.99
C SER B 282 -46.53 -5.57 23.66
N VAL B 283 -45.22 -5.55 23.40
CA VAL B 283 -44.71 -5.03 22.14
C VAL B 283 -44.87 -6.01 20.98
N GLY B 284 -45.47 -7.18 21.23
CA GLY B 284 -45.72 -8.14 20.16
C GLY B 284 -44.54 -8.99 19.78
N ASN B 285 -43.47 -9.00 20.57
CA ASN B 285 -42.26 -9.75 20.24
C ASN B 285 -42.29 -11.11 20.94
N THR B 286 -42.05 -12.16 20.17
CA THR B 286 -42.00 -13.52 20.67
C THR B 286 -40.55 -13.91 20.93
N VAL B 287 -40.33 -15.21 21.19
CA VAL B 287 -38.99 -15.70 21.49
C VAL B 287 -38.05 -15.42 20.32
N LEU B 288 -38.50 -15.71 19.11
CA LEU B 288 -37.65 -15.49 17.93
C LEU B 288 -37.28 -14.03 17.79
N HIS B 289 -38.23 -13.12 18.04
CA HIS B 289 -37.94 -11.70 17.96
C HIS B 289 -36.88 -11.30 18.99
N ALA B 290 -36.99 -11.83 20.21
CA ALA B 290 -35.97 -11.53 21.22
C ALA B 290 -34.61 -12.05 20.79
N LEU B 291 -34.56 -13.27 20.26
CA LEU B 291 -33.30 -13.82 19.79
C LEU B 291 -32.69 -12.95 18.70
N VAL B 292 -33.53 -12.43 17.80
CA VAL B 292 -33.03 -11.54 16.76
C VAL B 292 -32.49 -10.26 17.38
N GLU B 293 -33.22 -9.68 18.33
CA GLU B 293 -32.79 -8.43 18.95
C GLU B 293 -31.45 -8.58 19.64
N VAL B 294 -31.28 -9.64 20.43
CA VAL B 294 -30.09 -9.76 21.27
C VAL B 294 -28.82 -10.02 20.48
N ALA B 295 -28.92 -10.34 19.19
CA ALA B 295 -27.73 -10.59 18.39
C ALA B 295 -26.98 -9.30 18.11
N ASP B 296 -25.65 -9.38 18.11
CA ASP B 296 -24.80 -8.23 17.80
C ASP B 296 -23.90 -8.47 16.61
N ASN B 297 -24.13 -9.54 15.84
CA ASN B 297 -23.37 -9.84 14.63
C ASN B 297 -21.91 -10.15 14.97
N THR B 298 -21.71 -10.99 15.98
CA THR B 298 -20.40 -11.48 16.37
C THR B 298 -20.36 -12.99 16.20
N VAL B 299 -19.17 -13.52 15.87
CA VAL B 299 -19.06 -14.93 15.53
C VAL B 299 -19.57 -15.80 16.67
N ASP B 300 -19.07 -15.55 17.88
CA ASP B 300 -19.51 -16.36 19.03
C ASP B 300 -20.99 -16.13 19.31
N ASN B 301 -21.41 -14.86 19.39
CA ASN B 301 -22.81 -14.57 19.65
C ASN B 301 -23.68 -15.06 18.50
N THR B 302 -23.20 -14.96 17.27
CA THR B 302 -23.97 -15.46 16.13
C THR B 302 -24.19 -16.96 16.25
N LYS B 303 -23.14 -17.71 16.55
CA LYS B 303 -23.28 -19.16 16.71
C LYS B 303 -24.23 -19.48 17.85
N PHE B 304 -24.09 -18.78 18.98
CA PHE B 304 -25.01 -18.97 20.09
C PHE B 304 -26.46 -18.74 19.68
N VAL B 305 -26.72 -17.61 19.03
CA VAL B 305 -28.11 -17.26 18.71
C VAL B 305 -28.69 -18.23 17.70
N THR B 306 -27.91 -18.63 16.70
CA THR B 306 -28.43 -19.58 15.72
C THR B 306 -28.71 -20.93 16.38
N SER B 307 -27.82 -21.38 17.27
CA SER B 307 -28.07 -22.66 17.95
C SER B 307 -29.33 -22.59 18.80
N MET B 308 -29.49 -21.51 19.55
CA MET B 308 -30.68 -21.38 20.39
C MET B 308 -31.94 -21.30 19.54
N TYR B 309 -31.88 -20.57 18.43
CA TYR B 309 -33.01 -20.47 17.52
C TYR B 309 -33.38 -21.84 16.98
N ASN B 310 -32.38 -22.61 16.55
CA ASN B 310 -32.65 -23.94 16.04
C ASN B 310 -33.31 -24.81 17.10
N GLU B 311 -32.78 -24.78 18.33
CA GLU B 311 -33.33 -25.63 19.38
C GLU B 311 -34.77 -25.25 19.71
N ILE B 312 -35.03 -23.95 19.87
CA ILE B 312 -36.38 -23.50 20.22
C ILE B 312 -37.34 -23.82 19.09
N LEU B 313 -36.92 -23.64 17.84
CA LEU B 313 -37.78 -23.96 16.71
C LEU B 313 -38.11 -25.44 16.69
N ILE B 314 -37.11 -26.30 16.93
CA ILE B 314 -37.35 -27.73 16.93
C ILE B 314 -38.34 -28.11 18.03
N LEU B 315 -38.13 -27.55 19.23
CA LEU B 315 -39.03 -27.86 20.34
C LEU B 315 -40.44 -27.40 20.04
N GLY B 316 -40.61 -26.20 19.49
CA GLY B 316 -41.93 -25.73 19.14
C GLY B 316 -42.59 -26.60 18.10
N ALA B 317 -41.83 -27.04 17.09
CA ALA B 317 -42.39 -27.91 16.07
C ALA B 317 -42.85 -29.23 16.67
N LYS B 318 -42.04 -29.83 17.54
CA LYS B 318 -42.42 -31.10 18.14
C LYS B 318 -43.64 -30.94 19.02
N LEU B 319 -43.69 -29.87 19.82
CA LEU B 319 -44.78 -29.73 20.78
C LEU B 319 -46.12 -29.52 20.08
N HIS B 320 -46.18 -28.58 19.15
CA HIS B 320 -47.42 -28.23 18.44
C HIS B 320 -47.12 -28.14 16.95
N PRO B 321 -46.93 -29.27 16.28
CA PRO B 321 -46.64 -29.22 14.83
C PRO B 321 -47.75 -28.56 14.03
N THR B 322 -48.98 -28.59 14.52
CA THR B 322 -50.10 -28.00 13.78
C THR B 322 -50.04 -26.47 13.73
N LEU B 323 -49.17 -25.83 14.52
CA LEU B 323 -49.11 -24.39 14.60
C LEU B 323 -47.90 -23.87 13.82
N LYS B 324 -48.15 -22.94 12.90
CA LYS B 324 -47.07 -22.27 12.19
C LYS B 324 -46.51 -21.17 13.09
N LEU B 325 -45.19 -21.15 13.25
CA LEU B 325 -44.53 -20.29 14.22
C LEU B 325 -43.92 -19.05 13.57
N GLU B 326 -43.10 -19.22 12.56
CA GLU B 326 -42.37 -18.07 12.00
C GLU B 326 -43.35 -17.07 11.38
N GLU B 327 -44.41 -17.51 10.73
CA GLU B 327 -45.25 -16.61 9.96
C GLU B 327 -45.88 -15.52 10.82
N ILE B 328 -45.90 -15.69 12.14
CA ILE B 328 -46.57 -14.71 12.99
C ILE B 328 -45.87 -13.35 12.87
N THR B 329 -46.57 -12.31 13.30
CA THR B 329 -46.06 -10.94 13.23
C THR B 329 -46.33 -10.22 14.54
N ASN B 330 -45.54 -9.19 14.81
CA ASN B 330 -45.66 -8.39 16.01
C ASN B 330 -46.61 -7.22 15.76
N ARG B 331 -46.71 -6.30 16.72
CA ARG B 331 -47.52 -5.11 16.51
C ARG B 331 -46.96 -4.27 15.37
N LYS B 332 -45.64 -4.21 15.25
CA LYS B 332 -45.03 -3.55 14.10
C LYS B 332 -45.34 -4.27 12.79
N GLY B 333 -45.82 -5.50 12.87
CA GLY B 333 -46.12 -6.27 11.67
C GLY B 333 -44.90 -6.76 10.92
N LEU B 334 -43.86 -7.18 11.65
CA LEU B 334 -42.63 -7.66 11.06
C LEU B 334 -42.41 -9.10 11.48
N THR B 335 -42.18 -9.98 10.49
CA THR B 335 -41.86 -11.36 10.79
C THR B 335 -40.43 -11.45 11.33
N PRO B 336 -40.10 -12.56 12.01
CA PRO B 336 -38.73 -12.67 12.54
C PRO B 336 -37.67 -12.52 11.47
N LEU B 337 -37.88 -13.11 10.29
CA LEU B 337 -36.96 -12.88 9.18
C LEU B 337 -36.97 -11.42 8.77
N ALA B 338 -38.15 -10.82 8.68
CA ALA B 338 -38.24 -9.41 8.34
C ALA B 338 -37.56 -8.54 9.38
N LEU B 339 -37.77 -8.85 10.66
CA LEU B 339 -37.10 -8.08 11.71
C LEU B 339 -35.60 -8.20 11.61
N ALA B 340 -35.09 -9.42 11.39
CA ALA B 340 -33.66 -9.61 11.26
C ALA B 340 -33.10 -8.82 10.08
N ALA B 341 -33.80 -8.86 8.94
CA ALA B 341 -33.34 -8.11 7.77
C ALA B 341 -33.34 -6.61 8.06
N SER B 342 -34.40 -6.10 8.70
CA SER B 342 -34.50 -4.67 8.94
C SER B 342 -33.40 -4.19 9.88
N SER B 343 -33.09 -4.96 10.92
CA SER B 343 -32.08 -4.56 11.89
C SER B 343 -30.66 -4.88 11.43
N GLY B 344 -30.49 -5.51 10.28
CA GLY B 344 -29.16 -5.78 9.77
C GLY B 344 -28.41 -6.88 10.45
N LYS B 345 -29.11 -7.80 11.11
CA LYS B 345 -28.46 -8.93 11.78
C LYS B 345 -28.03 -9.92 10.70
N ILE B 346 -26.78 -9.79 10.27
CA ILE B 346 -26.30 -10.60 9.15
C ILE B 346 -26.29 -12.08 9.51
N GLY B 347 -25.86 -12.42 10.72
CA GLY B 347 -25.73 -13.83 11.07
C GLY B 347 -27.06 -14.55 11.09
N VAL B 348 -28.06 -13.94 11.71
CA VAL B 348 -29.36 -14.59 11.82
C VAL B 348 -29.97 -14.79 10.44
N LEU B 349 -29.91 -13.76 9.59
CA LEU B 349 -30.46 -13.88 8.25
C LEU B 349 -29.71 -14.94 7.45
N ALA B 350 -28.38 -14.96 7.57
CA ALA B 350 -27.60 -15.95 6.84
C ALA B 350 -27.98 -17.37 7.26
N TYR B 351 -28.16 -17.59 8.57
CA TYR B 351 -28.57 -18.91 9.03
C TYR B 351 -29.96 -19.27 8.53
N ILE B 352 -30.91 -18.35 8.67
CA ILE B 352 -32.29 -18.64 8.30
C ILE B 352 -32.40 -18.97 6.82
N LEU B 353 -31.71 -18.20 5.97
CA LEU B 353 -31.77 -18.45 4.54
C LEU B 353 -31.10 -19.75 4.14
N GLN B 354 -30.40 -20.40 5.04
CA GLN B 354 -29.65 -21.62 4.68
C GLN B 354 -29.90 -22.67 5.74
N ARG B 355 -31.13 -22.74 6.27
CA ARG B 355 -31.47 -23.72 7.29
C ARG B 355 -31.48 -25.12 6.69
N GLU B 356 -30.89 -26.07 7.40
CA GLU B 356 -30.84 -27.46 6.96
C GLU B 356 -30.88 -28.35 8.19
N ILE B 357 -31.95 -29.14 8.32
CA ILE B 357 -32.15 -30.02 9.47
C ILE B 357 -31.99 -31.46 9.00
N HIS B 358 -31.14 -32.21 9.72
CA HIS B 358 -30.76 -33.56 9.33
C HIS B 358 -31.32 -34.61 10.27
N GLU B 359 -32.56 -34.43 10.72
CA GLU B 359 -33.24 -35.45 11.51
C GLU B 359 -34.68 -35.54 11.06
N PRO B 360 -35.30 -36.72 11.18
CA PRO B 360 -36.62 -36.93 10.58
C PRO B 360 -37.73 -36.19 11.32
N GLU B 361 -38.83 -35.99 10.62
CA GLU B 361 -40.08 -35.42 11.12
C GLU B 361 -40.01 -33.90 11.24
N CYS B 362 -38.91 -33.27 10.83
CA CYS B 362 -38.81 -31.81 10.89
C CYS B 362 -38.18 -31.20 9.65
N ARG B 363 -38.00 -31.98 8.57
CA ARG B 363 -37.37 -31.44 7.37
C ARG B 363 -38.16 -30.28 6.80
N HIS B 364 -39.49 -30.29 6.99
CA HIS B 364 -40.31 -29.22 6.43
C HIS B 364 -39.92 -27.86 6.98
N LEU B 365 -39.36 -27.82 8.20
CA LEU B 365 -38.93 -26.56 8.77
C LEU B 365 -37.77 -25.96 8.00
N SER B 366 -36.84 -26.80 7.55
CA SER B 366 -35.65 -26.30 6.88
C SER B 366 -36.02 -25.62 5.56
N ARG B 367 -35.21 -24.64 5.17
CA ARG B 367 -35.42 -23.90 3.92
C ARG B 367 -34.56 -24.39 2.77
N LYS B 368 -33.51 -25.17 3.05
CA LYS B 368 -32.62 -25.70 2.03
C LYS B 368 -32.83 -27.20 1.90
N PHE B 369 -32.99 -27.65 0.65
CA PHE B 369 -33.21 -29.06 0.37
C PHE B 369 -32.28 -29.50 -0.76
N THR B 370 -31.90 -30.77 -0.73
CA THR B 370 -31.03 -31.37 -1.72
C THR B 370 -31.87 -32.24 -2.65
N GLU B 371 -32.03 -31.79 -3.90
CA GLU B 371 -32.82 -32.55 -4.85
C GLU B 371 -32.20 -33.92 -5.12
N TRP B 372 -30.89 -33.96 -5.28
CA TRP B 372 -30.17 -35.22 -5.49
C TRP B 372 -28.68 -34.92 -5.36
N ALA B 373 -27.88 -35.97 -5.46
CA ALA B 373 -26.42 -35.84 -5.34
C ALA B 373 -25.78 -36.98 -6.13
N TYR B 374 -25.23 -36.65 -7.30
CA TYR B 374 -24.57 -37.61 -8.16
C TYR B 374 -23.08 -37.29 -8.20
N GLY B 375 -22.25 -38.27 -7.86
CA GLY B 375 -20.82 -38.08 -7.85
C GLY B 375 -20.42 -36.95 -6.91
N PRO B 376 -19.54 -36.06 -7.36
CA PRO B 376 -19.17 -34.89 -6.53
C PRO B 376 -20.00 -33.64 -6.77
N VAL B 377 -21.08 -33.72 -7.54
CA VAL B 377 -21.93 -32.58 -7.84
C VAL B 377 -23.34 -32.89 -7.36
N HIS B 378 -23.93 -31.98 -6.59
CA HIS B 378 -25.28 -32.14 -6.08
C HIS B 378 -26.02 -30.82 -6.20
N SER B 379 -27.28 -30.90 -6.62
CA SER B 379 -28.12 -29.73 -6.76
C SER B 379 -28.82 -29.41 -5.44
N SER B 380 -29.10 -28.13 -5.23
CA SER B 380 -29.73 -27.66 -4.00
C SER B 380 -30.90 -26.75 -4.35
N LEU B 381 -31.88 -26.71 -3.43
CA LEU B 381 -33.07 -25.89 -3.59
C LEU B 381 -33.20 -24.95 -2.39
N TYR B 382 -33.55 -23.70 -2.67
CA TYR B 382 -33.72 -22.69 -1.65
C TYR B 382 -35.16 -22.20 -1.66
N ASP B 383 -35.73 -22.01 -0.47
CA ASP B 383 -37.11 -21.56 -0.35
C ASP B 383 -37.17 -20.04 -0.51
N LEU B 384 -38.02 -19.59 -1.43
CA LEU B 384 -38.17 -18.17 -1.72
C LEU B 384 -39.46 -17.58 -1.16
N SER B 385 -40.14 -18.29 -0.26
CA SER B 385 -41.36 -17.76 0.33
C SER B 385 -41.08 -16.43 1.00
N CYS B 386 -41.94 -15.45 0.76
CA CYS B 386 -41.82 -14.10 1.32
C CYS B 386 -40.37 -13.62 1.27
N ILE B 387 -39.84 -13.54 0.05
CA ILE B 387 -38.49 -13.07 -0.20
C ILE B 387 -38.47 -11.90 -1.18
N ASP B 388 -39.12 -12.04 -2.32
CA ASP B 388 -39.10 -11.03 -3.38
C ASP B 388 -40.41 -10.26 -3.49
N THR B 389 -41.55 -10.94 -3.50
CA THR B 389 -42.85 -10.29 -3.61
C THR B 389 -43.79 -10.89 -2.57
N CYS B 390 -44.31 -10.05 -1.69
CA CYS B 390 -45.25 -10.49 -0.66
C CYS B 390 -46.44 -9.56 -0.49
N GLU B 391 -46.40 -8.34 -1.02
CA GLU B 391 -47.43 -7.31 -0.95
C GLU B 391 -47.50 -6.66 0.41
N LYS B 392 -46.80 -7.16 1.43
CA LYS B 392 -46.72 -6.50 2.73
C LYS B 392 -45.29 -6.10 3.06
N ASN B 393 -44.37 -7.05 3.10
CA ASN B 393 -42.96 -6.76 3.39
C ASN B 393 -42.13 -7.95 2.96
N SER B 394 -41.25 -7.74 1.99
CA SER B 394 -40.36 -8.79 1.50
C SER B 394 -38.93 -8.50 1.94
N VAL B 395 -38.13 -9.55 2.04
CA VAL B 395 -36.74 -9.39 2.50
C VAL B 395 -35.98 -8.46 1.56
N LEU B 396 -36.12 -8.69 0.25
CA LEU B 396 -35.44 -7.82 -0.70
C LEU B 396 -35.93 -6.38 -0.58
N GLU B 397 -37.24 -6.19 -0.46
CA GLU B 397 -37.78 -4.85 -0.31
C GLU B 397 -37.28 -4.21 0.99
N VAL B 398 -37.27 -4.96 2.08
CA VAL B 398 -36.86 -4.39 3.36
C VAL B 398 -35.39 -3.99 3.32
N ILE B 399 -34.53 -4.88 2.82
CA ILE B 399 -33.10 -4.58 2.78
C ILE B 399 -32.81 -3.44 1.82
N ALA B 400 -33.50 -3.42 0.68
CA ALA B 400 -33.23 -2.39 -0.32
C ALA B 400 -33.53 -1.00 0.20
N TYR B 401 -34.73 -0.80 0.75
CA TYR B 401 -35.18 0.53 1.15
C TYR B 401 -34.74 0.90 2.56
N SER B 402 -34.03 0.02 3.26
CA SER B 402 -33.54 0.35 4.59
C SER B 402 -32.58 1.53 4.53
N SER B 403 -32.65 2.39 5.55
CA SER B 403 -31.76 3.52 5.61
C SER B 403 -30.33 3.07 5.88
N SER B 404 -29.37 3.97 5.62
CA SER B 404 -27.97 3.63 5.83
C SER B 404 -27.66 3.35 7.28
N GLU B 405 -28.53 3.73 8.21
CA GLU B 405 -28.32 3.43 9.62
C GLU B 405 -28.27 1.93 9.88
N THR B 406 -28.80 1.12 8.97
CA THR B 406 -28.70 -0.32 9.13
C THR B 406 -27.23 -0.73 9.15
N PRO B 407 -26.79 -1.50 10.15
CA PRO B 407 -25.33 -1.68 10.33
C PRO B 407 -24.60 -2.21 9.12
N ASN B 408 -25.17 -3.16 8.39
CA ASN B 408 -24.43 -3.93 7.40
C ASN B 408 -25.24 -4.10 6.11
N ARG B 409 -25.87 -3.02 5.66
CA ARG B 409 -26.74 -3.13 4.48
C ARG B 409 -25.96 -3.60 3.26
N HIS B 410 -24.70 -3.18 3.12
CA HIS B 410 -23.96 -3.45 1.89
C HIS B 410 -23.73 -4.95 1.71
N ASP B 411 -23.18 -5.62 2.72
CA ASP B 411 -22.70 -6.99 2.56
C ASP B 411 -23.78 -8.05 2.76
N MET B 412 -24.95 -7.68 3.26
CA MET B 412 -26.01 -8.68 3.45
C MET B 412 -26.43 -9.32 2.14
N LEU B 413 -26.18 -8.68 1.00
CA LEU B 413 -26.49 -9.27 -0.27
C LEU B 413 -25.48 -10.32 -0.71
N LEU B 414 -24.38 -10.48 0.04
CA LEU B 414 -23.45 -11.56 -0.24
C LEU B 414 -24.07 -12.93 0.00
N VAL B 415 -25.20 -13.00 0.70
CA VAL B 415 -25.86 -14.28 0.92
C VAL B 415 -26.13 -14.94 -0.44
N GLU B 416 -25.89 -16.25 -0.50
CA GLU B 416 -25.88 -16.97 -1.76
C GLU B 416 -27.23 -16.89 -2.47
N PRO B 417 -28.33 -17.31 -1.85
CA PRO B 417 -29.63 -17.25 -2.54
C PRO B 417 -29.99 -15.86 -3.01
N LEU B 418 -29.75 -14.84 -2.19
CA LEU B 418 -30.11 -13.48 -2.59
C LEU B 418 -29.30 -13.04 -3.79
N ASN B 419 -27.99 -13.25 -3.76
CA ASN B 419 -27.14 -12.82 -4.86
C ASN B 419 -27.53 -13.54 -6.15
N ARG B 420 -27.70 -14.85 -6.08
CA ARG B 420 -28.05 -15.59 -7.29
C ARG B 420 -29.42 -15.19 -7.82
N LEU B 421 -30.39 -14.97 -6.92
CA LEU B 421 -31.71 -14.54 -7.36
C LEU B 421 -31.66 -13.20 -8.05
N LEU B 422 -30.90 -12.25 -7.49
CA LEU B 422 -30.78 -10.94 -8.12
C LEU B 422 -30.14 -11.06 -9.50
N GLN B 423 -29.06 -11.85 -9.60
CA GLN B 423 -28.41 -12.03 -10.89
C GLN B 423 -29.37 -12.63 -11.90
N ASP B 424 -30.14 -13.63 -11.49
CA ASP B 424 -31.07 -14.27 -12.40
C ASP B 424 -32.14 -13.30 -12.88
N LYS B 425 -32.74 -12.54 -11.96
CA LYS B 425 -33.76 -11.58 -12.35
C LYS B 425 -33.18 -10.57 -13.35
N TRP B 426 -31.99 -10.06 -13.04
CA TRP B 426 -31.33 -9.10 -13.90
C TRP B 426 -31.23 -9.68 -15.29
N ASP B 427 -30.45 -10.76 -15.43
CA ASP B 427 -30.17 -11.34 -16.74
C ASP B 427 -31.43 -11.82 -17.43
N ARG B 428 -32.52 -12.03 -16.70
CA ARG B 428 -33.75 -12.50 -17.33
C ARG B 428 -34.47 -11.37 -18.02
N PHE B 429 -34.82 -10.31 -17.29
CA PHE B 429 -35.53 -9.19 -17.95
C PHE B 429 -35.05 -7.80 -17.59
N VAL B 430 -34.37 -7.60 -16.47
CA VAL B 430 -34.08 -6.23 -16.07
C VAL B 430 -33.00 -5.66 -16.97
N LYS B 431 -32.11 -6.50 -17.49
CA LYS B 431 -31.11 -6.00 -18.42
C LYS B 431 -31.77 -5.36 -19.64
N ARG B 432 -32.73 -6.05 -20.24
CA ARG B 432 -33.40 -5.50 -21.41
C ARG B 432 -34.18 -4.24 -21.07
N ILE B 433 -34.93 -4.27 -19.97
CA ILE B 433 -35.71 -3.08 -19.61
C ILE B 433 -34.78 -1.89 -19.37
N PHE B 434 -33.68 -2.12 -18.64
CA PHE B 434 -32.75 -1.05 -18.32
C PHE B 434 -32.10 -0.50 -19.58
N TYR B 435 -31.73 -1.37 -20.52
CA TYR B 435 -31.13 -0.88 -21.75
C TYR B 435 -32.12 -0.04 -22.55
N PHE B 436 -33.38 -0.47 -22.60
CA PHE B 436 -34.39 0.33 -23.31
C PHE B 436 -34.55 1.69 -22.65
N ASN B 437 -34.59 1.73 -21.32
CA ASN B 437 -34.72 3.01 -20.62
C ASN B 437 -33.52 3.89 -20.91
N PHE B 438 -32.32 3.31 -20.91
CA PHE B 438 -31.12 4.10 -21.19
C PHE B 438 -31.17 4.68 -22.60
N PHE B 439 -31.60 3.88 -23.57
CA PHE B 439 -31.71 4.38 -24.94
C PHE B 439 -32.71 5.53 -25.03
N VAL B 440 -33.86 5.38 -24.36
CA VAL B 440 -34.87 6.43 -24.41
C VAL B 440 -34.33 7.71 -23.78
N TYR B 441 -33.66 7.60 -22.64
CA TYR B 441 -33.12 8.79 -21.99
C TYR B 441 -32.04 9.45 -22.86
N CYS B 442 -31.21 8.64 -23.51
CA CYS B 442 -30.19 9.20 -24.39
C CYS B 442 -30.83 9.98 -25.53
N LEU B 443 -31.89 9.42 -26.13
CA LEU B 443 -32.60 10.14 -27.18
C LEU B 443 -33.16 11.45 -26.63
N TYR B 444 -33.74 11.40 -25.43
CA TYR B 444 -34.24 12.62 -24.81
C TYR B 444 -33.15 13.67 -24.69
N MET B 445 -31.97 13.27 -24.20
CA MET B 445 -30.91 14.24 -23.99
C MET B 445 -30.41 14.81 -25.31
N ILE B 446 -30.30 13.98 -26.34
CA ILE B 446 -29.89 14.48 -27.65
C ILE B 446 -30.90 15.50 -28.17
N ILE B 447 -32.19 15.18 -28.04
CA ILE B 447 -33.22 16.11 -28.52
C ILE B 447 -33.15 17.41 -27.75
N PHE B 448 -32.98 17.34 -26.43
CA PHE B 448 -32.91 18.54 -25.61
C PHE B 448 -31.71 19.40 -26.01
N THR B 449 -30.56 18.76 -26.20
CA THR B 449 -29.36 19.52 -26.60
C THR B 449 -29.57 20.19 -27.94
N ALA B 450 -30.15 19.46 -28.91
CA ALA B 450 -30.39 20.05 -30.21
C ALA B 450 -31.35 21.24 -30.12
N ALA B 451 -32.42 21.09 -29.34
CA ALA B 451 -33.39 22.17 -29.22
C ALA B 451 -32.76 23.39 -28.56
N ALA B 452 -31.97 23.19 -27.50
CA ALA B 452 -31.39 24.33 -26.80
C ALA B 452 -30.32 25.01 -27.65
N TYR B 453 -29.53 24.23 -28.38
CA TYR B 453 -28.41 24.81 -29.12
C TYR B 453 -28.89 25.80 -30.17
N TYR B 454 -30.00 25.50 -30.84
CA TYR B 454 -30.52 26.34 -31.92
C TYR B 454 -31.52 27.37 -31.44
N ARG B 455 -31.42 27.81 -30.20
CA ARG B 455 -32.36 28.81 -29.70
C ARG B 455 -32.23 30.10 -30.50
N PRO B 456 -33.33 30.81 -30.73
CA PRO B 456 -33.23 32.07 -31.49
C PRO B 456 -32.64 33.18 -30.63
N VAL B 457 -32.13 34.20 -31.31
CA VAL B 457 -31.52 35.36 -30.66
C VAL B 457 -32.22 36.60 -31.25
N GLU B 458 -33.31 37.02 -30.60
CA GLU B 458 -33.98 38.26 -30.96
C GLU B 458 -34.28 39.07 -29.71
N GLY B 459 -34.41 38.40 -28.57
CA GLY B 459 -34.69 39.06 -27.31
C GLY B 459 -36.18 39.15 -27.01
N LEU B 460 -36.48 39.36 -25.74
CA LEU B 460 -37.85 39.54 -25.28
C LEU B 460 -38.72 38.38 -25.75
N PRO B 461 -38.57 37.19 -25.16
CA PRO B 461 -39.39 36.05 -25.57
C PRO B 461 -40.83 36.23 -25.12
N PRO B 462 -41.76 35.38 -25.60
CA PRO B 462 -41.54 34.27 -26.53
C PRO B 462 -41.38 34.73 -27.96
N TYR B 463 -41.02 33.82 -28.86
CA TYR B 463 -40.77 34.13 -30.26
C TYR B 463 -41.81 33.46 -31.14
N LYS B 464 -42.38 34.20 -32.08
CA LYS B 464 -43.30 33.62 -33.04
C LYS B 464 -42.59 32.63 -33.92
N LEU B 465 -43.24 31.49 -34.17
CA LEU B 465 -42.65 30.43 -34.99
C LEU B 465 -42.97 30.68 -36.46
N LYS B 466 -41.92 30.72 -37.28
CA LYS B 466 -42.07 30.93 -38.71
C LYS B 466 -42.54 29.64 -39.39
N ASN B 467 -43.01 29.79 -40.62
CA ASN B 467 -43.49 28.64 -41.40
C ASN B 467 -42.31 28.01 -42.15
N THR B 468 -41.43 27.40 -41.36
CA THR B 468 -40.23 26.77 -41.89
C THR B 468 -40.02 25.43 -41.18
N VAL B 469 -39.33 24.51 -41.86
CA VAL B 469 -39.08 23.20 -41.29
C VAL B 469 -38.25 23.31 -40.02
N GLY B 470 -37.21 24.14 -40.05
CA GLY B 470 -36.36 24.28 -38.88
C GLY B 470 -37.11 24.76 -37.66
N ASP B 471 -38.01 25.73 -37.85
CA ASP B 471 -38.80 26.22 -36.73
C ASP B 471 -39.70 25.12 -36.16
N TYR B 472 -40.30 24.32 -37.04
CA TYR B 472 -41.14 23.22 -36.58
C TYR B 472 -40.32 22.23 -35.76
N PHE B 473 -39.13 21.87 -36.25
CA PHE B 473 -38.28 20.94 -35.51
C PHE B 473 -37.89 21.52 -34.16
N ARG B 474 -37.52 22.80 -34.12
CA ARG B 474 -37.15 23.43 -32.86
C ARG B 474 -38.32 23.42 -31.88
N VAL B 475 -39.53 23.74 -32.35
CA VAL B 475 -40.68 23.79 -31.47
C VAL B 475 -40.99 22.41 -30.91
N THR B 476 -40.99 21.39 -31.77
CA THR B 476 -41.28 20.05 -31.28
C THR B 476 -40.21 19.57 -30.31
N GLY B 477 -38.94 19.89 -30.58
CA GLY B 477 -37.89 19.53 -29.65
C GLY B 477 -38.06 20.19 -28.29
N GLU B 478 -38.40 21.48 -28.29
CA GLU B 478 -38.62 22.17 -27.03
C GLU B 478 -39.80 21.56 -26.27
N ILE B 479 -40.88 21.23 -26.98
CA ILE B 479 -42.03 20.62 -26.33
C ILE B 479 -41.64 19.29 -25.71
N LEU B 480 -40.89 18.46 -26.44
CA LEU B 480 -40.47 17.18 -25.90
C LEU B 480 -39.60 17.37 -24.67
N SER B 481 -38.67 18.33 -24.71
CA SER B 481 -37.80 18.56 -23.56
C SER B 481 -38.61 18.98 -22.34
N VAL B 482 -39.57 19.88 -22.52
CA VAL B 482 -40.38 20.32 -21.39
C VAL B 482 -41.21 19.16 -20.86
N SER B 483 -41.76 18.35 -21.75
CA SER B 483 -42.55 17.19 -21.30
C SER B 483 -41.69 16.23 -20.48
N GLY B 484 -40.48 15.95 -20.94
CA GLY B 484 -39.60 15.10 -20.17
C GLY B 484 -39.25 15.69 -18.82
N GLY B 485 -39.01 17.00 -18.77
CA GLY B 485 -38.75 17.63 -17.49
C GLY B 485 -39.92 17.48 -16.54
N VAL B 486 -41.14 17.69 -17.03
CA VAL B 486 -42.32 17.54 -16.19
C VAL B 486 -42.44 16.10 -15.70
N TYR B 487 -42.18 15.14 -16.58
CA TYR B 487 -42.26 13.74 -16.19
C TYR B 487 -41.26 13.42 -15.08
N PHE B 488 -40.03 13.92 -15.22
CA PHE B 488 -39.04 13.69 -14.18
C PHE B 488 -39.47 14.33 -12.87
N PHE B 489 -40.02 15.54 -12.93
CA PHE B 489 -40.49 16.20 -11.72
C PHE B 489 -41.56 15.38 -11.03
N PHE B 490 -42.53 14.87 -11.80
CA PHE B 490 -43.61 14.11 -11.20
C PHE B 490 -43.10 12.80 -10.62
N ARG B 491 -42.19 12.12 -11.31
CA ARG B 491 -41.63 10.89 -10.76
C ARG B 491 -40.88 11.18 -9.46
N GLY B 492 -40.14 12.29 -9.42
CA GLY B 492 -39.43 12.64 -8.19
C GLY B 492 -40.38 12.90 -7.04
N ILE B 493 -41.45 13.66 -7.29
CA ILE B 493 -42.42 13.90 -6.23
C ILE B 493 -43.04 12.60 -5.76
N GLN B 494 -43.39 11.72 -6.70
CA GLN B 494 -43.99 10.44 -6.32
C GLN B 494 -43.04 9.66 -5.43
N TYR B 495 -41.76 9.60 -5.81
CA TYR B 495 -40.79 8.88 -5.00
C TYR B 495 -40.66 9.49 -3.62
N PHE B 496 -40.62 10.83 -3.55
CA PHE B 496 -40.45 11.48 -2.25
C PHE B 496 -41.62 11.18 -1.33
N LEU B 497 -42.85 11.27 -1.85
CA LEU B 497 -44.00 10.92 -1.03
C LEU B 497 -43.97 9.44 -0.62
N GLN B 498 -43.60 8.56 -1.54
CA GLN B 498 -43.64 7.13 -1.23
C GLN B 498 -42.62 6.77 -0.15
N ARG B 499 -41.41 7.32 -0.22
CA ARG B 499 -40.34 6.92 0.68
C ARG B 499 -40.26 7.80 1.93
N ARG B 500 -40.38 9.11 1.77
CA ARG B 500 -40.28 10.03 2.90
C ARG B 500 -38.93 9.90 3.59
N PRO B 501 -37.84 10.31 2.94
CA PRO B 501 -36.53 10.29 3.62
C PRO B 501 -36.56 10.99 4.97
N SER B 502 -35.52 10.80 5.77
CA SER B 502 -35.47 11.30 7.14
C SER B 502 -34.86 12.69 7.24
N LEU B 503 -34.51 13.33 6.12
CA LEU B 503 -33.89 14.64 6.05
C LEU B 503 -32.46 14.65 6.58
N LYS B 504 -31.97 13.54 7.10
CA LYS B 504 -30.58 13.40 7.52
C LYS B 504 -29.78 12.53 6.58
N SER B 505 -30.35 11.39 6.16
CA SER B 505 -29.79 10.59 5.09
C SER B 505 -30.34 11.01 3.72
N LEU B 506 -30.83 12.24 3.61
CA LEU B 506 -31.43 12.69 2.35
C LEU B 506 -30.43 12.63 1.21
N PHE B 507 -29.15 12.87 1.48
CA PHE B 507 -28.12 12.91 0.44
C PHE B 507 -27.37 11.59 0.33
N VAL B 508 -26.99 10.99 1.46
CA VAL B 508 -26.27 9.72 1.41
C VAL B 508 -27.10 8.67 0.69
N ASP B 509 -28.40 8.66 0.94
CA ASP B 509 -29.35 7.80 0.24
C ASP B 509 -30.12 8.62 -0.77
N SER B 510 -30.48 8.06 -1.90
CA SER B 510 -31.28 8.79 -2.88
C SER B 510 -30.42 9.82 -3.59
N TYR B 511 -29.10 9.65 -3.64
CA TYR B 511 -28.25 10.67 -4.24
C TYR B 511 -28.60 10.95 -5.70
N SER B 512 -29.20 10.00 -6.40
CA SER B 512 -29.50 10.20 -7.81
C SER B 512 -30.89 10.78 -8.02
N GLU B 513 -31.86 10.35 -7.20
CA GLU B 513 -33.21 10.89 -7.32
C GLU B 513 -33.23 12.37 -7.02
N ILE B 514 -32.48 12.80 -6.01
CA ILE B 514 -32.42 14.23 -5.68
C ILE B 514 -31.85 15.01 -6.86
N LEU B 515 -30.80 14.48 -7.49
CA LEU B 515 -30.20 15.19 -8.63
C LEU B 515 -31.17 15.28 -9.80
N PHE B 516 -31.87 14.18 -10.11
CA PHE B 516 -32.86 14.23 -11.18
C PHE B 516 -33.97 15.23 -10.86
N PHE B 517 -34.40 15.25 -9.60
CA PHE B 517 -35.44 16.20 -9.19
C PHE B 517 -34.95 17.63 -9.35
N VAL B 518 -33.69 17.89 -9.01
CA VAL B 518 -33.14 19.23 -9.15
C VAL B 518 -33.10 19.63 -10.62
N GLN B 519 -32.71 18.70 -11.49
CA GLN B 519 -32.72 19.00 -12.92
C GLN B 519 -34.11 19.36 -13.39
N SER B 520 -35.11 18.59 -12.96
CA SER B 520 -36.48 18.87 -13.37
C SER B 520 -36.94 20.23 -12.83
N LEU B 521 -36.56 20.55 -11.60
CA LEU B 521 -36.89 21.85 -11.04
C LEU B 521 -36.28 22.98 -11.87
N PHE B 522 -35.04 22.80 -12.29
CA PHE B 522 -34.41 23.80 -13.14
C PHE B 522 -35.17 23.96 -14.45
N MET B 523 -35.60 22.84 -15.05
CA MET B 523 -36.38 22.93 -16.27
C MET B 523 -37.69 23.70 -16.06
N LEU B 524 -38.39 23.40 -14.96
CA LEU B 524 -39.66 24.07 -14.70
C LEU B 524 -39.44 25.56 -14.48
N VAL B 525 -38.41 25.93 -13.72
CA VAL B 525 -38.11 27.35 -13.54
C VAL B 525 -37.79 27.99 -14.88
N SER B 526 -37.07 27.27 -15.74
CA SER B 526 -36.73 27.79 -17.05
C SER B 526 -37.99 28.12 -17.84
N VAL B 527 -38.95 27.19 -17.89
CA VAL B 527 -40.15 27.44 -18.68
C VAL B 527 -40.97 28.57 -18.06
N VAL B 528 -41.05 28.59 -16.73
CA VAL B 528 -41.81 29.65 -16.06
C VAL B 528 -41.24 31.02 -16.41
N LEU B 529 -39.92 31.15 -16.36
CA LEU B 529 -39.30 32.42 -16.75
C LEU B 529 -39.47 32.69 -18.23
N TYR B 530 -39.43 31.65 -19.07
CA TYR B 530 -39.56 31.85 -20.50
C TYR B 530 -40.92 32.45 -20.87
N PHE B 531 -41.98 31.95 -20.25
CA PHE B 531 -43.29 32.53 -20.52
C PHE B 531 -43.53 33.85 -19.80
N SER B 532 -42.66 34.24 -18.88
CA SER B 532 -42.80 35.50 -18.16
C SER B 532 -42.05 36.64 -18.83
N GLN B 533 -41.63 36.48 -20.08
CA GLN B 533 -40.90 37.51 -20.81
C GLN B 533 -39.65 37.93 -20.06
N ARG B 534 -38.81 36.94 -19.74
CA ARG B 534 -37.54 37.16 -19.09
C ARG B 534 -36.45 36.42 -19.86
N LYS B 535 -35.22 36.93 -19.79
CA LYS B 535 -34.10 36.38 -20.53
C LYS B 535 -33.20 35.51 -19.66
N GLU B 536 -33.65 35.16 -18.45
CA GLU B 536 -32.92 34.25 -17.58
C GLU B 536 -33.30 32.80 -17.80
N TYR B 537 -34.28 32.53 -18.68
CA TYR B 537 -34.58 31.14 -19.00
C TYR B 537 -33.36 30.51 -19.62
N VAL B 538 -32.53 31.31 -20.29
CA VAL B 538 -31.30 30.78 -20.86
C VAL B 538 -30.40 30.23 -19.77
N ALA B 539 -30.22 30.99 -18.69
CA ALA B 539 -29.39 30.53 -17.59
C ALA B 539 -29.96 29.26 -16.97
N SER B 540 -31.26 29.28 -16.68
CA SER B 540 -31.86 28.09 -16.06
C SER B 540 -31.75 26.89 -16.99
N MET B 541 -31.98 27.10 -18.29
CA MET B 541 -31.94 26.00 -19.24
C MET B 541 -30.54 25.43 -19.37
N VAL B 542 -29.52 26.29 -19.41
CA VAL B 542 -28.16 25.77 -19.52
C VAL B 542 -27.77 24.99 -18.27
N PHE B 543 -28.18 25.48 -17.10
CA PHE B 543 -27.91 24.72 -15.88
C PHE B 543 -28.59 23.35 -15.95
N SER B 544 -29.84 23.31 -16.38
CA SER B 544 -30.56 22.05 -16.48
C SER B 544 -29.89 21.13 -17.49
N LEU B 545 -29.45 21.68 -18.61
CA LEU B 545 -28.84 20.88 -19.67
C LEU B 545 -27.54 20.26 -19.19
N ALA B 546 -26.69 21.05 -18.52
CA ALA B 546 -25.47 20.50 -17.97
C ALA B 546 -25.76 19.42 -16.95
N MET B 547 -26.72 19.66 -16.05
CA MET B 547 -27.06 18.64 -15.07
C MET B 547 -27.55 17.37 -15.75
N GLY B 548 -28.38 17.51 -16.77
CA GLY B 548 -28.89 16.34 -17.46
C GLY B 548 -27.80 15.53 -18.12
N TRP B 549 -26.89 16.21 -18.81
CA TRP B 549 -25.79 15.48 -19.45
C TRP B 549 -24.92 14.78 -18.43
N THR B 550 -24.62 15.44 -17.31
CA THR B 550 -23.79 14.83 -16.29
C THR B 550 -24.52 13.77 -15.49
N ASN B 551 -25.85 13.71 -15.55
CA ASN B 551 -26.61 12.67 -14.89
C ASN B 551 -26.70 11.39 -15.71
N MET B 552 -26.13 11.36 -16.91
CA MET B 552 -26.09 10.12 -17.66
C MET B 552 -25.28 9.05 -16.94
N LEU B 553 -24.48 9.44 -15.96
CA LEU B 553 -23.70 8.46 -15.20
C LEU B 553 -24.59 7.53 -14.40
N TYR B 554 -25.83 7.92 -14.11
CA TYR B 554 -26.72 7.04 -13.38
C TYR B 554 -26.88 5.70 -14.08
N TYR B 555 -26.74 5.68 -15.40
CA TYR B 555 -26.92 4.46 -16.17
C TYR B 555 -25.65 3.64 -16.27
N THR B 556 -24.54 4.11 -15.71
CA THR B 556 -23.34 3.28 -15.69
C THR B 556 -23.56 2.00 -14.90
N ARG B 557 -24.34 2.07 -13.82
CA ARG B 557 -24.72 0.87 -13.10
C ARG B 557 -25.39 -0.09 -14.07
N GLY B 558 -24.99 -1.35 -14.03
CA GLY B 558 -25.28 -2.30 -15.08
C GLY B 558 -24.03 -2.76 -15.81
N PHE B 559 -22.93 -2.03 -15.66
CA PHE B 559 -21.61 -2.48 -16.08
C PHE B 559 -20.68 -2.35 -14.88
N GLN B 560 -19.95 -3.43 -14.57
CA GLN B 560 -19.26 -3.51 -13.30
C GLN B 560 -18.23 -2.39 -13.14
N GLN B 561 -17.35 -2.24 -14.12
CA GLN B 561 -16.25 -1.29 -13.98
C GLN B 561 -16.76 0.15 -13.94
N MET B 562 -17.61 0.52 -14.90
CA MET B 562 -18.13 1.87 -14.92
C MET B 562 -18.98 2.15 -13.70
N GLY B 563 -19.73 1.15 -13.25
CA GLY B 563 -20.51 1.31 -12.03
C GLY B 563 -19.64 1.59 -10.83
N ILE B 564 -18.53 0.85 -10.69
CA ILE B 564 -17.62 1.09 -9.58
C ILE B 564 -17.03 2.49 -9.67
N TYR B 565 -16.69 2.93 -10.88
CA TYR B 565 -16.13 4.26 -11.07
C TYR B 565 -17.12 5.33 -10.61
N ALA B 566 -18.37 5.23 -11.07
CA ALA B 566 -19.38 6.20 -10.69
C ALA B 566 -19.64 6.15 -9.19
N VAL B 567 -19.60 4.96 -8.60
CA VAL B 567 -19.80 4.83 -7.17
C VAL B 567 -18.70 5.56 -6.40
N MET B 568 -17.46 5.41 -6.85
CA MET B 568 -16.36 6.13 -6.20
C MET B 568 -16.55 7.63 -6.32
N ILE B 569 -16.98 8.11 -7.49
CA ILE B 569 -17.24 9.54 -7.64
C ILE B 569 -18.31 9.98 -6.64
N GLU B 570 -19.39 9.21 -6.53
CA GLU B 570 -20.45 9.55 -5.58
C GLU B 570 -19.90 9.62 -4.15
N LYS B 571 -19.12 8.62 -3.75
CA LYS B 571 -18.60 8.59 -2.39
C LYS B 571 -17.74 9.81 -2.10
N MET B 572 -16.87 10.19 -3.04
CA MET B 572 -16.07 11.38 -2.81
C MET B 572 -16.95 12.62 -2.71
N ILE B 573 -17.81 12.84 -3.70
CA ILE B 573 -18.65 14.04 -3.70
C ILE B 573 -19.45 14.14 -2.41
N LEU B 574 -19.79 13.01 -1.82
CA LEU B 574 -20.52 13.05 -0.56
C LEU B 574 -19.60 13.37 0.62
N ARG B 575 -18.63 12.50 0.88
CA ARG B 575 -17.96 12.49 2.18
C ARG B 575 -16.56 13.08 2.17
N ASP B 576 -16.13 13.75 1.09
CA ASP B 576 -14.80 14.38 1.12
C ASP B 576 -14.83 15.82 0.61
N LEU B 577 -15.79 16.14 -0.25
CA LEU B 577 -15.73 17.41 -0.96
C LEU B 577 -15.82 18.58 0.01
N CYS B 578 -16.81 18.56 0.90
CA CYS B 578 -16.99 19.69 1.82
C CYS B 578 -15.79 19.84 2.75
N ARG B 579 -15.34 18.72 3.31
CA ARG B 579 -14.24 18.78 4.28
C ARG B 579 -12.96 19.28 3.64
N PHE B 580 -12.67 18.84 2.41
CA PHE B 580 -11.45 19.26 1.74
C PHE B 580 -11.62 20.55 0.96
N MET B 581 -12.82 21.12 0.91
CA MET B 581 -13.03 22.41 0.26
C MET B 581 -13.13 23.55 1.24
N PHE B 582 -13.60 23.32 2.46
CA PHE B 582 -13.65 24.39 3.44
C PHE B 582 -12.26 24.95 3.68
N VAL B 583 -11.28 24.08 3.88
CA VAL B 583 -9.91 24.52 4.16
C VAL B 583 -9.37 25.32 2.99
N TYR B 584 -9.53 24.79 1.78
CA TYR B 584 -9.00 25.47 0.60
C TYR B 584 -9.65 26.82 0.40
N LEU B 585 -10.96 26.91 0.59
CA LEU B 585 -11.63 28.19 0.44
C LEU B 585 -11.18 29.18 1.50
N VAL B 586 -10.97 28.72 2.73
CA VAL B 586 -10.45 29.61 3.77
C VAL B 586 -9.12 30.18 3.33
N PHE B 587 -8.21 29.32 2.88
CA PHE B 587 -6.89 29.80 2.46
C PHE B 587 -7.01 30.79 1.31
N LEU B 588 -7.79 30.44 0.29
CA LEU B 588 -7.90 31.28 -0.89
C LEU B 588 -8.49 32.64 -0.53
N PHE B 589 -9.58 32.65 0.25
CA PHE B 589 -10.21 33.90 0.62
C PHE B 589 -9.28 34.76 1.47
N GLY B 590 -8.58 34.15 2.42
CA GLY B 590 -7.67 34.93 3.25
C GLY B 590 -6.58 35.59 2.43
N PHE B 591 -5.92 34.82 1.56
CA PHE B 591 -4.83 35.39 0.80
C PHE B 591 -5.32 36.39 -0.24
N SER B 592 -6.49 36.15 -0.80
CA SER B 592 -7.06 37.13 -1.74
C SER B 592 -7.37 38.44 -1.03
N THR B 593 -7.96 38.36 0.17
CA THR B 593 -8.23 39.57 0.94
C THR B 593 -6.93 40.31 1.25
N ALA B 594 -5.89 39.58 1.65
CA ALA B 594 -4.62 40.21 1.92
C ALA B 594 -4.09 40.94 0.69
N VAL B 595 -4.05 40.26 -0.45
CA VAL B 595 -3.47 40.86 -1.65
C VAL B 595 -4.28 42.08 -2.07
N VAL B 596 -5.61 41.96 -2.07
CA VAL B 596 -6.43 43.08 -2.50
C VAL B 596 -6.28 44.25 -1.55
N THR B 597 -6.11 43.98 -0.26
CA THR B 597 -5.83 45.06 0.68
C THR B 597 -4.52 45.74 0.32
N LEU B 598 -3.49 44.96 -0.04
CA LEU B 598 -2.21 45.55 -0.40
C LEU B 598 -2.34 46.44 -1.63
N ILE B 599 -3.12 46.02 -2.63
CA ILE B 599 -3.19 46.76 -3.88
C ILE B 599 -3.79 48.14 -3.64
N GLU B 600 -3.26 49.14 -4.35
CA GLU B 600 -3.73 50.51 -4.18
C GLU B 600 -5.02 50.75 -4.97
N ASP B 601 -4.94 50.63 -6.29
CA ASP B 601 -6.11 50.84 -7.14
C ASP B 601 -5.78 50.34 -8.54
N GLY B 602 -6.83 50.11 -9.32
CA GLY B 602 -6.68 49.66 -10.69
C GLY B 602 -7.74 48.64 -11.03
N LYS B 603 -7.46 47.87 -12.08
CA LYS B 603 -8.42 46.85 -12.52
C LYS B 603 -8.64 45.81 -11.44
N TYR B 604 -7.58 45.39 -10.77
CA TYR B 604 -7.63 44.26 -9.86
C TYR B 604 -7.92 44.66 -8.41
N ASN B 605 -8.26 45.93 -8.17
CA ASN B 605 -8.56 46.35 -6.81
C ASN B 605 -9.80 45.70 -6.25
N SER B 606 -10.68 45.18 -7.10
CA SER B 606 -11.87 44.49 -6.62
C SER B 606 -11.51 43.13 -6.05
N LEU B 607 -12.27 42.71 -5.03
CA LEU B 607 -11.99 41.43 -4.39
C LEU B 607 -12.24 40.27 -5.34
N TYR B 608 -13.28 40.35 -6.15
CA TYR B 608 -13.65 39.22 -7.02
C TYR B 608 -12.55 38.94 -8.05
N SER B 609 -12.03 39.99 -8.68
CA SER B 609 -10.99 39.80 -9.68
C SER B 609 -9.72 39.21 -9.06
N THR B 610 -9.34 39.70 -7.87
CA THR B 610 -8.17 39.15 -7.21
C THR B 610 -8.38 37.70 -6.82
N CYS B 611 -9.58 37.36 -6.35
CA CYS B 611 -9.86 35.96 -6.04
C CYS B 611 -9.74 35.10 -7.28
N LEU B 612 -10.25 35.58 -8.41
CA LEU B 612 -10.12 34.83 -9.65
C LEU B 612 -8.66 34.63 -10.03
N GLU B 613 -7.86 35.69 -9.94
CA GLU B 613 -6.45 35.57 -10.30
C GLU B 613 -5.72 34.60 -9.38
N LEU B 614 -6.00 34.66 -8.08
CA LEU B 614 -5.37 33.74 -7.16
C LEU B 614 -5.80 32.30 -7.44
N PHE B 615 -7.08 32.09 -7.74
CA PHE B 615 -7.54 30.75 -8.07
C PHE B 615 -6.89 30.24 -9.34
N LYS B 616 -6.53 31.13 -10.26
CA LYS B 616 -5.91 30.69 -11.50
C LYS B 616 -4.61 29.92 -11.24
N PHE B 617 -3.99 30.12 -10.09
CA PHE B 617 -2.77 29.37 -9.78
C PHE B 617 -3.04 27.88 -9.60
N THR B 618 -4.27 27.53 -9.20
CA THR B 618 -4.56 26.12 -8.94
C THR B 618 -4.74 25.33 -10.23
N ILE B 619 -5.17 25.97 -11.30
CA ILE B 619 -5.37 25.30 -12.58
C ILE B 619 -4.15 25.47 -13.49
N GLY B 620 -3.00 25.81 -12.94
CA GLY B 620 -1.80 25.95 -13.72
C GLY B 620 -1.82 27.10 -14.70
N MET B 621 -2.33 28.26 -14.27
CA MET B 621 -2.32 29.45 -15.12
C MET B 621 -1.98 30.71 -14.33
N GLY B 622 -1.41 30.58 -13.13
CA GLY B 622 -1.02 31.74 -12.37
C GLY B 622 -0.10 32.64 -13.16
N ASP B 623 0.06 33.87 -12.67
CA ASP B 623 0.85 34.88 -13.36
C ASP B 623 2.07 35.34 -12.58
N LEU B 624 1.91 35.62 -11.29
CA LEU B 624 2.95 36.14 -10.40
C LEU B 624 3.35 37.57 -10.74
N GLU B 625 2.82 38.14 -11.82
CA GLU B 625 3.09 39.53 -12.18
C GLU B 625 1.84 40.20 -12.73
N PHE B 626 0.66 39.76 -12.30
CA PHE B 626 -0.57 40.20 -12.93
C PHE B 626 -0.90 41.65 -12.66
N THR B 627 -0.19 42.31 -11.75
CA THR B 627 -0.44 43.72 -11.49
C THR B 627 0.85 44.39 -11.02
N GLU B 628 0.89 45.71 -11.18
CA GLU B 628 2.00 46.51 -10.71
C GLU B 628 1.56 47.75 -9.94
N ASN B 629 0.26 47.95 -9.76
CA ASN B 629 -0.26 49.14 -9.07
C ASN B 629 -0.35 48.83 -7.57
N TYR B 630 0.78 48.97 -6.90
CA TYR B 630 0.90 48.70 -5.48
C TYR B 630 2.26 49.21 -5.01
N ASP B 631 2.60 48.91 -3.76
CA ASP B 631 3.92 49.20 -3.21
C ASP B 631 4.44 47.95 -2.50
N PHE B 632 5.74 47.95 -2.21
CA PHE B 632 6.38 46.85 -1.47
C PHE B 632 6.25 45.53 -2.23
N LYS B 633 6.92 45.49 -3.39
CA LYS B 633 6.91 44.30 -4.22
C LYS B 633 7.35 43.07 -3.44
N ALA B 634 8.24 43.25 -2.46
CA ALA B 634 8.65 42.11 -1.64
C ALA B 634 7.45 41.47 -0.96
N VAL B 635 6.56 42.29 -0.39
CA VAL B 635 5.40 41.75 0.31
C VAL B 635 4.50 40.99 -0.66
N PHE B 636 4.26 41.57 -1.84
CA PHE B 636 3.41 40.93 -2.82
C PHE B 636 3.97 39.57 -3.22
N ILE B 637 5.27 39.53 -3.54
CA ILE B 637 5.88 38.28 -3.96
C ILE B 637 5.84 37.25 -2.84
N ILE B 638 6.13 37.67 -1.61
CA ILE B 638 6.08 36.74 -0.48
C ILE B 638 4.68 36.18 -0.31
N LEU B 639 3.66 37.05 -0.41
CA LEU B 639 2.29 36.58 -0.25
C LEU B 639 1.96 35.53 -1.31
N LEU B 640 2.27 35.82 -2.58
CA LEU B 640 1.93 34.90 -3.65
C LEU B 640 2.68 33.57 -3.50
N LEU B 641 3.98 33.63 -3.18
CA LEU B 641 4.76 32.41 -3.02
C LEU B 641 4.25 31.58 -1.85
N ALA B 642 3.93 32.24 -0.73
CA ALA B 642 3.39 31.52 0.41
C ALA B 642 2.07 30.86 0.05
N TYR B 643 1.22 31.56 -0.67
CA TYR B 643 -0.05 30.96 -1.08
C TYR B 643 0.17 29.74 -1.96
N VAL B 644 1.09 29.85 -2.93
CA VAL B 644 1.35 28.72 -3.82
C VAL B 644 1.85 27.51 -3.04
N ILE B 645 2.83 27.74 -2.16
CA ILE B 645 3.39 26.64 -1.40
C ILE B 645 2.33 26.01 -0.50
N LEU B 646 1.52 26.84 0.15
CA LEU B 646 0.51 26.33 1.06
C LEU B 646 -0.54 25.52 0.31
N THR B 647 -0.99 25.99 -0.85
CA THR B 647 -2.00 25.24 -1.59
C THR B 647 -1.44 23.93 -2.11
N TYR B 648 -0.17 23.93 -2.56
CA TYR B 648 0.42 22.67 -2.99
C TYR B 648 0.52 21.69 -1.84
N ILE B 649 0.95 22.17 -0.66
CA ILE B 649 0.98 21.30 0.52
C ILE B 649 -0.43 20.79 0.82
N LEU B 650 -1.42 21.65 0.66
CA LEU B 650 -2.80 21.27 0.96
C LEU B 650 -3.24 20.13 0.07
N LEU B 651 -2.99 20.24 -1.24
CA LEU B 651 -3.39 19.18 -2.16
C LEU B 651 -2.59 17.90 -1.90
N LEU B 652 -1.31 18.03 -1.57
CA LEU B 652 -0.51 16.84 -1.29
C LEU B 652 -1.06 16.09 -0.07
N ASN B 653 -1.52 16.76 0.95
CA ASN B 653 -2.02 16.01 2.10
C ASN B 653 -3.40 15.57 1.73
N MET B 654 -4.13 16.29 0.91
CA MET B 654 -5.39 15.75 0.44
C MET B 654 -5.19 14.34 -0.10
N LEU B 655 -4.34 14.23 -1.13
CA LEU B 655 -4.19 12.95 -1.82
C LEU B 655 -3.60 11.90 -0.89
N ILE B 656 -2.62 12.28 -0.07
CA ILE B 656 -2.04 11.32 0.86
C ILE B 656 -3.14 10.77 1.77
N ALA B 657 -3.98 11.64 2.30
CA ALA B 657 -5.00 11.22 3.25
C ALA B 657 -5.98 10.26 2.61
N LEU B 658 -6.60 10.65 1.51
CA LEU B 658 -7.68 9.87 0.88
C LEU B 658 -7.10 8.69 0.13
N MET B 659 -5.79 8.58 -0.04
CA MET B 659 -5.20 7.36 -0.56
C MET B 659 -4.88 6.39 0.57
N GLY B 660 -4.23 6.88 1.62
CA GLY B 660 -3.86 6.00 2.72
C GLY B 660 -5.06 5.41 3.43
N GLU B 661 -6.09 6.22 3.68
CA GLU B 661 -7.18 5.71 4.50
C GLU B 661 -8.12 4.77 3.75
N THR B 662 -8.00 4.66 2.41
CA THR B 662 -8.98 3.89 1.66
C THR B 662 -8.39 3.06 0.53
N VAL B 663 -7.06 2.94 0.42
CA VAL B 663 -6.51 2.09 -0.63
C VAL B 663 -6.95 0.64 -0.48
N ASN B 664 -7.34 0.23 0.72
CA ASN B 664 -7.74 -1.15 0.98
C ASN B 664 -9.24 -1.36 0.93
N LYS B 665 -10.03 -0.43 1.48
CA LYS B 665 -11.48 -0.62 1.48
C LYS B 665 -12.05 -0.64 0.07
N ILE B 666 -11.52 0.19 -0.81
CA ILE B 666 -12.01 0.25 -2.19
C ILE B 666 -11.85 -1.07 -2.93
N ALA B 667 -11.11 -2.02 -2.35
CA ALA B 667 -10.93 -3.31 -3.02
C ALA B 667 -12.28 -4.02 -3.22
N GLN B 668 -13.15 -3.97 -2.21
CA GLN B 668 -14.44 -4.64 -2.28
C GLN B 668 -15.62 -3.78 -1.83
N GLU B 669 -15.40 -2.71 -1.08
CA GLU B 669 -16.51 -1.90 -0.60
C GLU B 669 -17.24 -1.24 -1.76
N SER B 670 -16.50 -0.73 -2.74
CA SER B 670 -17.13 -0.13 -3.91
C SER B 670 -17.95 -1.16 -4.68
N LYS B 671 -17.41 -2.37 -4.83
CA LYS B 671 -18.17 -3.41 -5.52
C LYS B 671 -19.44 -3.75 -4.77
N ASN B 672 -19.37 -3.83 -3.44
CA ASN B 672 -20.56 -4.12 -2.66
C ASN B 672 -21.60 -3.01 -2.81
N ILE B 673 -21.16 -1.76 -2.77
CA ILE B 673 -22.10 -0.65 -2.94
C ILE B 673 -22.72 -0.69 -4.32
N TRP B 674 -21.93 -1.07 -5.34
CA TRP B 674 -22.49 -1.16 -6.68
C TRP B 674 -23.53 -2.27 -6.76
N LYS B 675 -23.28 -3.41 -6.11
CA LYS B 675 -24.26 -4.48 -6.10
C LYS B 675 -25.54 -4.02 -5.42
N LEU B 676 -25.42 -3.29 -4.31
CA LEU B 676 -26.61 -2.74 -3.66
C LEU B 676 -27.35 -1.80 -4.60
N GLN B 677 -26.60 -1.00 -5.33
CA GLN B 677 -27.19 -0.03 -6.26
C GLN B 677 -27.98 -0.84 -7.28
N ARG B 678 -27.39 -1.85 -7.88
CA ARG B 678 -28.06 -2.66 -8.88
C ARG B 678 -29.31 -3.30 -8.30
N ALA B 679 -29.26 -3.75 -7.05
CA ALA B 679 -30.44 -4.32 -6.42
C ALA B 679 -31.55 -3.29 -6.34
N ILE B 680 -31.22 -2.06 -5.95
CA ILE B 680 -32.22 -0.99 -5.91
C ILE B 680 -32.84 -0.80 -7.29
N THR B 681 -31.98 -0.75 -8.31
CA THR B 681 -32.48 -0.57 -9.67
C THR B 681 -33.42 -1.71 -10.06
N ILE B 682 -33.05 -2.94 -9.73
CA ILE B 682 -33.85 -4.09 -10.11
C ILE B 682 -35.22 -4.02 -9.45
N LEU B 683 -35.24 -3.74 -8.15
CA LEU B 683 -36.51 -3.68 -7.45
C LEU B 683 -37.38 -2.55 -7.98
N ASP B 684 -36.79 -1.39 -8.24
CA ASP B 684 -37.59 -0.29 -8.77
C ASP B 684 -38.16 -0.63 -10.13
N THR B 685 -37.35 -1.24 -11.00
CA THR B 685 -37.83 -1.61 -12.33
C THR B 685 -38.96 -2.62 -12.23
N GLU B 686 -38.80 -3.62 -11.34
CA GLU B 686 -39.86 -4.62 -11.18
C GLU B 686 -41.16 -3.98 -10.70
N LYS B 687 -41.08 -3.19 -9.63
CA LYS B 687 -42.29 -2.60 -9.07
C LYS B 687 -42.95 -1.65 -10.06
N SER B 688 -42.15 -0.81 -10.73
CA SER B 688 -42.72 0.18 -11.63
C SER B 688 -43.44 -0.48 -12.80
N PHE B 689 -42.84 -1.50 -13.39
CA PHE B 689 -43.39 -2.15 -14.59
C PHE B 689 -44.20 -3.38 -14.21
N LEU B 690 -45.30 -3.13 -13.49
CA LEU B 690 -46.29 -4.16 -13.21
C LEU B 690 -47.28 -4.34 -14.35
N LYS B 691 -47.19 -3.50 -15.39
CA LYS B 691 -48.10 -3.61 -16.52
C LYS B 691 -48.04 -4.98 -17.17
N CYS B 692 -46.88 -5.63 -17.14
CA CYS B 692 -46.69 -6.95 -17.72
C CYS B 692 -47.09 -8.08 -16.77
N MET B 693 -47.90 -7.75 -15.77
CA MET B 693 -48.39 -8.76 -14.81
C MET B 693 -47.15 -9.43 -14.20
N ARG B 694 -47.13 -10.69 -13.83
CA ARG B 694 -46.12 -11.33 -12.99
C ARG B 694 -45.20 -12.01 -14.02
N LYS B 695 -44.77 -11.22 -14.99
CA LYS B 695 -43.84 -11.71 -16.00
C LYS B 695 -42.50 -12.05 -15.35
N ALA B 696 -41.89 -13.15 -15.81
CA ALA B 696 -40.58 -13.57 -15.35
C ALA B 696 -40.55 -13.71 -13.83
N PHE B 697 -41.33 -14.67 -13.34
CA PHE B 697 -41.42 -14.92 -11.92
C PHE B 697 -40.07 -15.40 -11.37
N ARG B 698 -40.01 -15.58 -10.05
CA ARG B 698 -38.74 -15.89 -9.41
C ARG B 698 -38.13 -17.17 -9.96
N SER B 699 -38.93 -18.23 -10.03
CA SER B 699 -38.44 -19.55 -10.45
C SER B 699 -39.64 -20.43 -10.74
N GLY B 700 -39.38 -21.72 -10.96
CA GLY B 700 -40.44 -22.67 -11.23
C GLY B 700 -41.07 -23.22 -9.97
N LYS B 701 -42.06 -24.08 -10.17
CA LYS B 701 -42.79 -24.72 -9.08
C LYS B 701 -42.20 -26.11 -8.83
N LEU B 702 -41.88 -26.39 -7.57
CA LEU B 702 -41.21 -27.63 -7.21
C LEU B 702 -41.87 -28.26 -6.00
N LEU B 703 -41.71 -29.58 -5.89
CA LEU B 703 -42.23 -30.38 -4.77
C LEU B 703 -41.02 -30.99 -4.07
N GLN B 704 -40.56 -30.33 -3.00
CA GLN B 704 -39.33 -30.73 -2.35
C GLN B 704 -39.55 -31.89 -1.38
N VAL B 705 -40.59 -31.81 -0.56
CA VAL B 705 -40.90 -32.87 0.40
C VAL B 705 -42.18 -33.62 0.06
N GLY B 706 -43.12 -33.00 -0.63
CA GLY B 706 -44.36 -33.68 -1.00
C GLY B 706 -45.41 -33.75 0.08
N PHE B 707 -45.02 -34.09 1.30
CA PHE B 707 -45.95 -34.22 2.41
C PHE B 707 -45.39 -33.51 3.63
N THR B 708 -46.23 -32.70 4.28
CA THR B 708 -45.91 -32.09 5.56
C THR B 708 -46.37 -33.04 6.66
N PRO B 709 -46.20 -32.69 7.94
CA PRO B 709 -46.77 -33.54 8.98
C PRO B 709 -48.26 -33.80 8.78
N ASP B 710 -48.99 -32.81 8.31
CA ASP B 710 -50.35 -33.02 7.85
C ASP B 710 -50.34 -33.69 6.48
N GLY B 711 -51.40 -34.44 6.19
CA GLY B 711 -51.47 -35.18 4.94
C GLY B 711 -51.39 -34.32 3.70
N LYS B 712 -51.74 -33.04 3.80
CA LYS B 712 -51.74 -32.16 2.64
C LYS B 712 -50.33 -31.94 2.13
N ASP B 713 -50.20 -31.89 0.80
CA ASP B 713 -48.92 -31.62 0.17
C ASP B 713 -48.62 -30.12 0.16
N ASP B 714 -47.36 -29.78 -0.10
CA ASP B 714 -46.92 -28.40 -0.08
C ASP B 714 -45.89 -28.16 -1.18
N TYR B 715 -45.78 -26.89 -1.58
CA TYR B 715 -44.75 -26.44 -2.51
C TYR B 715 -44.20 -25.11 -1.99
N ARG B 716 -42.92 -24.86 -2.28
CA ARG B 716 -42.22 -23.75 -1.64
C ARG B 716 -41.50 -22.83 -2.63
N TRP B 717 -41.87 -22.88 -3.91
CA TRP B 717 -41.30 -21.98 -4.90
C TRP B 717 -39.76 -21.97 -4.83
N CYS B 718 -39.18 -23.13 -5.08
CA CYS B 718 -37.74 -23.29 -4.92
C CYS B 718 -36.97 -22.58 -6.03
N PHE B 719 -35.67 -22.41 -5.79
CA PHE B 719 -34.76 -21.78 -6.75
C PHE B 719 -33.56 -22.70 -6.93
N ARG B 720 -33.54 -23.45 -8.03
CA ARG B 720 -32.53 -24.46 -8.24
C ARG B 720 -31.14 -23.84 -8.31
N VAL B 721 -30.19 -24.45 -7.60
CA VAL B 721 -28.80 -24.02 -7.60
C VAL B 721 -27.92 -25.27 -7.66
N ASP B 722 -26.82 -25.17 -8.40
CA ASP B 722 -25.88 -26.28 -8.58
C ASP B 722 -24.51 -25.88 -8.07
N GLU B 723 -23.85 -26.80 -7.38
CA GLU B 723 -22.51 -26.59 -6.86
C GLU B 723 -21.76 -27.91 -6.84
N VAL B 724 -20.43 -27.82 -6.73
CA VAL B 724 -19.56 -28.98 -6.73
C VAL B 724 -18.64 -28.89 -5.52
N ASN B 725 -18.46 -30.01 -4.83
CA ASN B 725 -17.58 -30.10 -3.66
C ASN B 725 -16.87 -31.45 -3.72
N TRP B 726 -15.67 -31.45 -4.29
CA TRP B 726 -14.92 -32.70 -4.44
C TRP B 726 -14.58 -33.31 -3.09
N THR B 727 -14.16 -32.48 -2.14
CA THR B 727 -13.71 -32.96 -0.85
C THR B 727 -14.87 -33.05 0.14
N THR B 728 -14.64 -33.78 1.23
CA THR B 728 -15.60 -33.89 2.34
C THR B 728 -16.95 -34.42 1.84
N TRP B 729 -16.92 -35.65 1.35
CA TRP B 729 -18.14 -36.33 0.91
C TRP B 729 -18.89 -36.86 2.13
N TYR C 198 38.65 -35.97 -16.22
CA TYR C 198 39.42 -34.86 -15.58
C TYR C 198 39.28 -34.88 -14.07
N TYR C 199 39.00 -36.06 -13.51
CA TYR C 199 38.88 -36.25 -12.08
C TYR C 199 40.21 -36.55 -11.42
N LYS C 200 41.32 -36.18 -12.04
CA LYS C 200 42.64 -36.55 -11.52
C LYS C 200 42.82 -36.02 -10.11
N GLY C 201 43.45 -36.85 -9.26
CA GLY C 201 43.57 -36.56 -7.85
C GLY C 201 42.48 -37.15 -6.99
N GLN C 202 41.42 -37.69 -7.59
CA GLN C 202 40.37 -38.34 -6.83
C GLN C 202 40.89 -39.63 -6.20
N THR C 203 40.53 -39.87 -4.95
CA THR C 203 40.96 -41.03 -4.21
C THR C 203 39.76 -41.72 -3.57
N ALA C 204 39.86 -43.04 -3.41
CA ALA C 204 38.76 -43.81 -2.85
C ALA C 204 38.38 -43.32 -1.46
N LEU C 205 39.33 -42.74 -0.72
CA LEU C 205 39.02 -42.21 0.60
C LEU C 205 37.97 -41.11 0.51
N HIS C 206 38.10 -40.22 -0.48
CA HIS C 206 37.11 -39.17 -0.67
C HIS C 206 35.74 -39.76 -0.96
N ILE C 207 35.69 -40.79 -1.82
CA ILE C 207 34.41 -41.41 -2.16
C ILE C 207 33.79 -42.02 -0.92
N ALA C 208 34.59 -42.71 -0.11
CA ALA C 208 34.07 -43.31 1.12
C ALA C 208 33.54 -42.25 2.07
N ILE C 209 34.27 -41.14 2.21
CA ILE C 209 33.83 -40.07 3.10
C ILE C 209 32.51 -39.49 2.61
N GLU C 210 32.38 -39.33 1.30
CA GLU C 210 31.15 -38.75 0.75
C GLU C 210 29.93 -39.62 1.08
N ARG C 211 30.09 -40.94 1.00
CA ARG C 211 28.97 -41.85 1.19
C ARG C 211 28.51 -41.95 2.64
N ARG C 212 29.08 -41.17 3.55
CA ARG C 212 28.66 -41.17 4.95
C ARG C 212 28.85 -42.56 5.59
N ASN C 213 29.86 -43.28 5.16
CA ASN C 213 30.14 -44.64 5.65
C ASN C 213 31.28 -44.55 6.67
N MET C 214 30.91 -44.56 7.95
CA MET C 214 31.92 -44.48 9.01
C MET C 214 32.75 -45.76 9.07
N THR C 215 32.08 -46.91 9.09
CA THR C 215 32.79 -48.18 9.20
C THR C 215 33.70 -48.42 8.01
N LEU C 216 33.20 -48.13 6.80
CA LEU C 216 34.01 -48.32 5.60
C LEU C 216 35.22 -47.39 5.61
N VAL C 217 35.02 -46.15 6.08
CA VAL C 217 36.15 -45.22 6.19
C VAL C 217 37.18 -45.75 7.17
N THR C 218 36.71 -46.29 8.31
CA THR C 218 37.63 -46.85 9.29
C THR C 218 38.42 -48.01 8.70
N LEU C 219 37.75 -48.89 7.96
CA LEU C 219 38.44 -50.00 7.32
C LEU C 219 39.46 -49.50 6.31
N LEU C 220 39.09 -48.50 5.51
CA LEU C 220 40.00 -47.98 4.49
C LEU C 220 41.24 -47.36 5.14
N VAL C 221 41.05 -46.59 6.21
CA VAL C 221 42.20 -45.96 6.87
C VAL C 221 42.97 -46.92 7.77
N GLU C 222 42.41 -48.10 8.06
CA GLU C 222 43.13 -49.07 8.88
C GLU C 222 44.43 -49.50 8.20
N ASN C 223 44.38 -49.73 6.88
CA ASN C 223 45.57 -50.13 6.15
C ASN C 223 46.59 -49.00 6.04
N GLY C 224 46.22 -47.77 6.38
CA GLY C 224 47.12 -46.65 6.30
C GLY C 224 46.81 -45.71 5.15
N ALA C 225 45.53 -45.52 4.85
CA ALA C 225 45.14 -44.64 3.76
C ALA C 225 45.61 -43.22 4.03
N ASP C 226 46.16 -42.58 2.99
CA ASP C 226 46.66 -41.23 3.12
C ASP C 226 45.51 -40.25 3.36
N VAL C 227 45.82 -39.18 4.07
CA VAL C 227 44.83 -38.15 4.38
C VAL C 227 45.18 -36.78 3.82
N GLN C 228 46.44 -36.52 3.49
CA GLN C 228 46.85 -35.22 2.95
C GLN C 228 46.82 -35.17 1.43
N ALA C 229 46.41 -36.26 0.77
CA ALA C 229 46.31 -36.24 -0.68
C ALA C 229 45.23 -35.26 -1.12
N ALA C 230 45.54 -34.49 -2.16
CA ALA C 230 44.65 -33.46 -2.67
C ALA C 230 44.09 -33.89 -4.02
N ALA C 231 42.83 -33.51 -4.27
CA ALA C 231 42.15 -33.81 -5.52
C ALA C 231 42.23 -32.58 -6.41
N ASN C 232 43.17 -32.59 -7.36
CA ASN C 232 43.40 -31.46 -8.26
C ASN C 232 42.59 -31.55 -9.53
N GLY C 233 41.70 -32.54 -9.66
CA GLY C 233 40.90 -32.66 -10.86
C GLY C 233 40.03 -31.45 -11.08
N ASP C 234 39.74 -31.16 -12.36
CA ASP C 234 38.94 -29.99 -12.70
C ASP C 234 37.56 -30.05 -12.07
N PHE C 235 37.02 -31.26 -11.88
CA PHE C 235 35.67 -31.38 -11.32
C PHE C 235 35.60 -30.78 -9.91
N PHE C 236 36.73 -30.74 -9.20
CA PHE C 236 36.75 -30.25 -7.83
C PHE C 236 37.19 -28.80 -7.74
N LYS C 237 37.31 -28.10 -8.87
CA LYS C 237 37.74 -26.71 -8.85
C LYS C 237 36.58 -25.79 -8.52
N LYS C 238 36.90 -24.51 -8.34
CA LYS C 238 35.93 -23.53 -7.86
C LYS C 238 34.74 -23.37 -8.80
N THR C 239 34.99 -22.86 -10.03
CA THR C 239 33.90 -22.54 -10.93
C THR C 239 34.22 -22.90 -12.38
N LYS C 240 35.22 -23.75 -12.62
CA LYS C 240 35.55 -24.19 -13.97
C LYS C 240 34.45 -25.13 -14.45
N GLY C 241 33.52 -24.61 -15.25
CA GLY C 241 32.36 -25.37 -15.64
C GLY C 241 31.27 -25.28 -14.60
N ARG C 242 30.03 -25.03 -15.02
CA ARG C 242 28.95 -24.87 -14.05
C ARG C 242 28.83 -26.06 -13.11
N PRO C 243 28.86 -27.30 -13.58
CA PRO C 243 28.83 -28.43 -12.63
C PRO C 243 30.10 -28.48 -11.80
N GLY C 244 29.96 -28.96 -10.58
CA GLY C 244 31.10 -29.11 -9.69
C GLY C 244 30.67 -28.91 -8.24
N PHE C 245 31.67 -28.97 -7.37
CA PHE C 245 31.45 -28.80 -5.94
C PHE C 245 32.80 -28.55 -5.28
N TYR C 246 32.89 -27.45 -4.52
CA TYR C 246 34.12 -27.08 -3.85
C TYR C 246 34.07 -27.55 -2.40
N PHE C 247 35.13 -28.23 -1.95
CA PHE C 247 35.17 -28.76 -0.60
C PHE C 247 36.54 -28.58 0.05
N GLY C 248 37.40 -27.73 -0.50
CA GLY C 248 38.72 -27.50 0.05
C GLY C 248 39.81 -28.40 -0.49
N GLU C 249 39.46 -29.40 -1.30
CA GLU C 249 40.40 -30.29 -1.97
C GLU C 249 41.09 -31.26 -1.01
N LEU C 250 40.60 -31.41 0.21
CA LEU C 250 41.18 -32.33 1.17
C LEU C 250 40.08 -33.18 1.80
N PRO C 251 40.40 -34.43 2.14
CA PRO C 251 39.34 -35.30 2.69
C PRO C 251 38.74 -34.78 3.98
N LEU C 252 39.57 -34.21 4.86
CA LEU C 252 39.05 -33.67 6.10
C LEU C 252 38.13 -32.49 5.85
N SER C 253 38.48 -31.63 4.90
CA SER C 253 37.59 -30.53 4.53
C SER C 253 36.30 -31.06 3.92
N LEU C 254 36.41 -32.11 3.10
CA LEU C 254 35.22 -32.71 2.51
C LEU C 254 34.28 -33.23 3.59
N ALA C 255 34.83 -33.91 4.60
CA ALA C 255 34.00 -34.39 5.70
C ALA C 255 33.39 -33.22 6.47
N ALA C 256 34.18 -32.18 6.73
CA ALA C 256 33.67 -31.05 7.49
C ALA C 256 32.51 -30.37 6.78
N CYS C 257 32.63 -30.17 5.46
CA CYS C 257 31.61 -29.47 4.71
C CYS C 257 30.38 -30.33 4.42
N THR C 258 30.41 -31.63 4.72
CA THR C 258 29.37 -32.55 4.31
C THR C 258 28.53 -33.06 5.47
N ASN C 259 28.52 -32.35 6.60
CA ASN C 259 27.67 -32.71 7.73
C ASN C 259 28.04 -34.08 8.29
N GLN C 260 29.33 -34.26 8.59
CA GLN C 260 29.83 -35.46 9.26
C GLN C 260 30.77 -35.00 10.36
N LEU C 261 30.22 -34.72 11.54
CA LEU C 261 31.05 -34.31 12.66
C LEU C 261 31.79 -35.49 13.27
N ALA C 262 31.12 -36.64 13.35
CA ALA C 262 31.76 -37.83 13.90
C ALA C 262 32.97 -38.24 13.07
N ILE C 263 32.83 -38.19 11.74
CA ILE C 263 33.95 -38.54 10.88
C ILE C 263 35.09 -37.52 11.04
N VAL C 264 34.74 -36.25 11.23
CA VAL C 264 35.78 -35.24 11.45
C VAL C 264 36.55 -35.55 12.73
N LYS C 265 35.81 -35.87 13.81
CA LYS C 265 36.47 -36.21 15.06
C LYS C 265 37.35 -37.44 14.90
N PHE C 266 36.85 -38.46 14.21
CA PHE C 266 37.64 -39.67 14.01
C PHE C 266 38.91 -39.38 13.23
N LEU C 267 38.80 -38.59 12.16
CA LEU C 267 39.98 -38.25 11.37
C LEU C 267 40.98 -37.45 12.19
N LEU C 268 40.50 -36.52 13.01
CA LEU C 268 41.40 -35.66 13.77
C LEU C 268 42.09 -36.42 14.90
N GLN C 269 41.40 -37.37 15.52
CA GLN C 269 41.91 -38.10 16.69
C GLN C 269 42.02 -39.59 16.42
N ASN C 270 42.53 -39.94 15.24
CA ASN C 270 42.76 -41.37 14.91
C ASN C 270 44.11 -41.76 15.48
N SER C 271 44.28 -43.04 15.81
CA SER C 271 45.54 -43.59 16.28
C SER C 271 46.39 -44.17 15.16
N TRP C 272 45.88 -44.23 13.94
CA TRP C 272 46.67 -44.75 12.82
C TRP C 272 47.58 -43.66 12.25
N GLN C 273 46.99 -42.59 11.75
CA GLN C 273 47.74 -41.48 11.16
C GLN C 273 47.04 -40.17 11.50
N PRO C 274 47.62 -39.34 12.38
CA PRO C 274 46.95 -38.08 12.74
C PRO C 274 46.70 -37.21 11.50
N ALA C 275 45.56 -36.54 11.50
CA ALA C 275 45.14 -35.69 10.40
C ALA C 275 45.54 -34.25 10.69
N ASP C 276 46.29 -33.65 9.78
CA ASP C 276 46.72 -32.27 9.95
C ASP C 276 45.53 -31.32 9.79
N ILE C 277 45.40 -30.37 10.71
CA ILE C 277 44.30 -29.43 10.68
C ILE C 277 44.70 -28.08 10.06
N SER C 278 45.98 -27.74 10.06
CA SER C 278 46.46 -26.50 9.47
C SER C 278 46.87 -26.66 8.02
N ALA C 279 46.67 -27.84 7.43
CA ALA C 279 47.08 -28.07 6.06
C ALA C 279 46.42 -27.08 5.12
N ARG C 280 47.21 -26.53 4.21
CA ARG C 280 46.74 -25.56 3.23
C ARG C 280 46.81 -26.18 1.85
N ASP C 281 45.70 -26.17 1.12
CA ASP C 281 45.62 -26.80 -0.18
C ASP C 281 46.33 -25.93 -1.21
N SER C 282 46.23 -26.30 -2.49
CA SER C 282 46.93 -25.57 -3.53
C SER C 282 46.49 -24.12 -3.59
N VAL C 283 45.18 -23.87 -3.50
CA VAL C 283 44.67 -22.50 -3.51
C VAL C 283 44.83 -21.79 -2.18
N GLY C 284 45.42 -22.46 -1.19
CA GLY C 284 45.67 -21.83 0.09
C GLY C 284 44.50 -21.78 1.03
N ASN C 285 43.43 -22.52 0.75
CA ASN C 285 42.22 -22.49 1.56
C ASN C 285 42.24 -23.64 2.57
N THR C 286 42.00 -23.32 3.83
CA THR C 286 41.96 -24.30 4.91
C THR C 286 40.50 -24.68 5.17
N VAL C 287 40.28 -25.41 6.28
CA VAL C 287 38.93 -25.86 6.61
C VAL C 287 37.99 -24.67 6.79
N LEU C 288 38.45 -23.64 7.51
CA LEU C 288 37.60 -22.48 7.74
C LEU C 288 37.23 -21.80 6.44
N HIS C 289 38.19 -21.70 5.51
CA HIS C 289 37.90 -21.10 4.22
C HIS C 289 36.84 -21.90 3.46
N ALA C 290 36.94 -23.23 3.50
CA ALA C 290 35.93 -24.05 2.85
C ALA C 290 34.56 -23.85 3.48
N LEU C 291 34.51 -23.81 4.81
CA LEU C 291 33.25 -23.57 5.50
C LEU C 291 32.64 -22.24 5.09
N VAL C 292 33.48 -21.21 4.95
CA VAL C 292 32.99 -19.91 4.51
C VAL C 292 32.45 -20.01 3.08
N GLU C 293 33.18 -20.68 2.20
CA GLU C 293 32.75 -20.79 0.81
C GLU C 293 31.41 -21.48 0.69
N VAL C 294 31.24 -22.61 1.38
CA VAL C 294 30.05 -23.43 1.18
C VAL C 294 28.77 -22.79 1.71
N ALA C 295 28.88 -21.72 2.48
CA ALA C 295 27.69 -21.07 3.01
C ALA C 295 26.94 -20.32 1.92
N ASP C 296 25.61 -20.34 1.99
CA ASP C 296 24.76 -19.64 1.04
C ASP C 296 23.86 -18.61 1.71
N ASN C 297 24.09 -18.30 2.99
CA ASN C 297 23.34 -17.28 3.71
C ASN C 297 21.88 -17.71 3.88
N THR C 298 21.67 -18.96 4.28
CA THR C 298 20.35 -19.50 4.58
C THR C 298 20.32 -19.91 6.05
N VAL C 299 19.13 -19.80 6.66
CA VAL C 299 19.02 -20.00 8.10
C VAL C 299 19.52 -21.39 8.48
N ASP C 300 19.02 -22.42 7.80
CA ASP C 300 19.45 -23.78 8.12
C ASP C 300 20.93 -23.98 7.80
N ASN C 301 21.36 -23.57 6.60
CA ASN C 301 22.76 -23.70 6.23
C ASN C 301 23.63 -22.82 7.12
N THR C 302 23.15 -21.64 7.48
CA THR C 302 23.92 -20.77 8.37
C THR C 302 24.15 -21.44 9.72
N LYS C 303 23.08 -22.00 10.30
CA LYS C 303 23.23 -22.69 11.59
C LYS C 303 24.18 -23.87 11.46
N PHE C 304 24.03 -24.65 10.40
CA PHE C 304 24.94 -25.76 10.15
C PHE C 304 26.40 -25.29 10.10
N VAL C 305 26.67 -24.27 9.30
CA VAL C 305 28.05 -23.85 9.08
C VAL C 305 28.63 -23.27 10.36
N THR C 306 27.85 -22.49 11.10
CA THR C 306 28.38 -21.94 12.35
C THR C 306 28.65 -23.05 13.37
N SER C 307 27.76 -24.04 13.45
CA SER C 307 28.00 -25.15 14.38
C SER C 307 29.26 -25.91 14.01
N MET C 308 29.43 -26.22 12.72
CA MET C 308 30.61 -26.94 12.29
C MET C 308 31.87 -26.13 12.53
N TYR C 309 31.81 -24.82 12.27
CA TYR C 309 32.95 -23.94 12.52
C TYR C 309 33.31 -23.95 13.99
N ASN C 310 32.32 -23.84 14.86
CA ASN C 310 32.59 -23.86 16.29
C ASN C 310 33.24 -25.17 16.70
N GLU C 311 32.71 -26.30 16.22
CA GLU C 311 33.26 -27.60 16.61
C GLU C 311 34.69 -27.77 16.13
N ILE C 312 34.96 -27.42 14.87
CA ILE C 312 36.31 -27.59 14.33
C ILE C 312 37.27 -26.66 15.05
N LEU C 313 36.85 -25.43 15.34
CA LEU C 313 37.72 -24.50 16.06
C LEU C 313 38.04 -25.03 17.45
N ILE C 314 37.04 -25.57 18.15
CA ILE C 314 37.28 -26.11 19.48
C ILE C 314 38.26 -27.28 19.41
N LEU C 315 38.05 -28.18 18.46
CA LEU C 315 38.95 -29.32 18.34
C LEU C 315 40.37 -28.87 18.02
N GLY C 316 40.53 -27.92 17.11
CA GLY C 316 41.86 -27.42 16.80
C GLY C 316 42.52 -26.78 18.00
N ALA C 317 41.76 -26.01 18.78
CA ALA C 317 42.32 -25.39 19.97
C ALA C 317 42.78 -26.43 20.97
N LYS C 318 41.96 -27.46 21.20
CA LYS C 318 42.34 -28.49 22.16
C LYS C 318 43.56 -29.26 21.69
N LEU C 319 43.61 -29.60 20.40
CA LEU C 319 44.71 -30.43 19.90
C LEU C 319 46.05 -29.71 19.97
N HIS C 320 46.10 -28.49 19.45
CA HIS C 320 47.34 -27.71 19.39
C HIS C 320 47.05 -26.30 19.86
N PRO C 321 46.85 -26.09 21.16
CA PRO C 321 46.57 -24.73 21.66
C PRO C 321 47.67 -23.74 21.34
N THR C 322 48.91 -24.21 21.19
CA THR C 322 50.03 -23.31 20.91
C THR C 322 49.97 -22.70 19.52
N LEU C 323 49.10 -23.18 18.63
CA LEU C 323 49.04 -22.72 17.26
C LEU C 323 47.84 -21.81 17.06
N LYS C 324 48.10 -20.61 16.55
CA LYS C 324 47.03 -19.70 16.18
C LYS C 324 46.46 -20.11 14.83
N LEU C 325 45.13 -20.26 14.75
CA LEU C 325 44.47 -20.83 13.59
C LEU C 325 43.86 -19.77 12.67
N GLU C 326 43.05 -18.89 13.22
CA GLU C 326 42.32 -17.95 12.35
C GLU C 326 43.29 -17.01 11.66
N GLU C 327 44.36 -16.56 12.31
CA GLU C 327 45.21 -15.51 11.76
C GLU C 327 45.83 -15.90 10.43
N ILE C 328 45.86 -17.19 10.10
CA ILE C 328 46.53 -17.61 8.87
C ILE C 328 45.83 -17.00 7.65
N THR C 329 46.53 -17.01 6.53
CA THR C 329 46.03 -16.44 5.28
C THR C 329 46.30 -17.40 4.12
N ASN C 330 45.50 -17.25 3.07
CA ASN C 330 45.62 -18.07 1.87
C ASN C 330 46.57 -17.40 0.89
N ARG C 331 46.68 -17.95 -0.32
CA ARG C 331 47.49 -17.31 -1.35
C ARG C 331 46.94 -15.94 -1.70
N LYS C 332 45.61 -15.80 -1.71
CA LYS C 332 45.00 -14.49 -1.90
C LYS C 332 45.32 -13.55 -0.74
N GLY C 333 45.79 -14.07 0.38
CA GLY C 333 46.10 -13.25 1.53
C GLY C 333 44.88 -12.74 2.26
N LEU C 334 43.84 -13.56 2.38
CA LEU C 334 42.60 -13.19 3.05
C LEU C 334 42.37 -14.12 4.23
N THR C 335 42.15 -13.53 5.41
CA THR C 335 41.82 -14.32 6.58
C THR C 335 40.40 -14.85 6.46
N PRO C 336 40.06 -15.89 7.23
CA PRO C 336 38.69 -16.43 7.14
C PRO C 336 37.63 -15.38 7.39
N LEU C 337 37.84 -14.50 8.38
CA LEU C 337 36.93 -13.39 8.58
C LEU C 337 36.94 -12.46 7.38
N ALA C 338 38.12 -12.16 6.86
CA ALA C 338 38.22 -11.31 5.68
C ALA C 338 37.54 -11.95 4.48
N LEU C 339 37.74 -13.26 4.29
CA LEU C 339 37.07 -13.95 3.19
C LEU C 339 35.57 -13.89 3.34
N ALA C 340 35.06 -14.14 4.54
CA ALA C 340 33.62 -14.09 4.77
C ALA C 340 33.07 -12.70 4.47
N ALA C 341 33.77 -11.66 4.94
CA ALA C 341 33.32 -10.30 4.66
C ALA C 341 33.32 -10.00 3.18
N SER C 342 34.37 -10.41 2.46
CA SER C 342 34.48 -10.10 1.05
C SER C 342 33.38 -10.79 0.25
N SER C 343 33.06 -12.04 0.58
CA SER C 343 32.06 -12.80 -0.15
C SER C 343 30.64 -12.48 0.31
N GLY C 344 30.47 -11.65 1.33
CA GLY C 344 29.14 -11.27 1.76
C GLY C 344 28.38 -12.32 2.53
N LYS C 345 29.08 -13.27 3.14
CA LYS C 345 28.43 -14.31 3.93
C LYS C 345 27.99 -13.69 5.25
N ILE C 346 26.74 -13.22 5.29
CA ILE C 346 26.27 -12.49 6.47
C ILE C 346 26.26 -13.37 7.70
N GLY C 347 25.82 -14.62 7.57
CA GLY C 347 25.68 -15.48 8.74
C GLY C 347 27.01 -15.76 9.41
N VAL C 348 28.02 -16.11 8.61
CA VAL C 348 29.32 -16.46 9.17
C VAL C 348 29.93 -15.25 9.88
N LEU C 349 29.89 -14.09 9.24
CA LEU C 349 30.43 -12.88 9.85
C LEU C 349 29.67 -12.54 11.13
N ALA C 350 28.34 -12.65 11.11
CA ALA C 350 27.55 -12.34 12.30
C ALA C 350 27.94 -13.26 13.45
N TYR C 351 28.11 -14.55 13.17
CA TYR C 351 28.52 -15.48 14.23
C TYR C 351 29.91 -15.14 14.74
N ILE C 352 30.87 -14.93 13.84
CA ILE C 352 32.25 -14.71 14.25
C ILE C 352 32.35 -13.45 15.10
N LEU C 353 31.66 -12.38 14.71
CA LEU C 353 31.73 -11.14 15.47
C LEU C 353 31.04 -11.25 16.83
N GLN C 354 30.36 -12.32 17.11
CA GLN C 354 29.60 -12.45 18.37
C GLN C 354 29.85 -13.83 18.94
N ARG C 355 31.08 -14.34 18.81
CA ARG C 355 31.41 -15.66 19.34
C ARG C 355 31.42 -15.62 20.86
N GLU C 356 30.83 -16.63 21.48
CA GLU C 356 30.78 -16.74 22.93
C GLU C 356 30.82 -18.21 23.31
N ILE C 357 31.88 -18.64 23.98
CA ILE C 357 32.10 -20.03 24.37
C ILE C 357 31.92 -20.13 25.89
N HIS C 358 31.07 -21.07 26.31
CA HIS C 358 30.69 -21.21 27.71
C HIS C 358 31.25 -22.48 28.34
N GLU C 359 32.48 -22.83 28.01
CA GLU C 359 33.16 -23.95 28.65
C GLU C 359 34.60 -23.56 28.92
N PRO C 360 35.21 -24.11 29.96
CA PRO C 360 36.54 -23.64 30.38
C PRO C 360 37.64 -24.05 29.41
N GLU C 361 38.75 -23.33 29.50
CA GLU C 361 40.00 -23.58 28.79
C GLU C 361 39.93 -23.12 27.32
N CYS C 362 38.84 -22.51 26.89
CA CYS C 362 38.74 -22.03 25.52
C CYS C 362 38.11 -20.65 25.42
N ARG C 363 37.92 -19.94 26.53
CA ARG C 363 37.30 -18.62 26.49
C ARG C 363 38.10 -17.66 25.62
N HIS C 364 39.42 -17.84 25.56
CA HIS C 364 40.25 -16.92 24.77
C HIS C 364 39.86 -16.93 23.31
N LEU C 365 39.30 -18.05 22.82
CA LEU C 365 38.87 -18.11 21.43
C LEU C 365 37.71 -17.16 21.16
N SER C 366 36.78 -17.05 22.10
CA SER C 366 35.59 -16.24 21.89
C SER C 366 35.97 -14.77 21.75
N ARG C 367 35.15 -14.04 20.99
CA ARG C 367 35.37 -12.61 20.77
C ARG C 367 34.51 -11.72 21.65
N LYS C 368 33.47 -12.27 22.26
CA LYS C 368 32.57 -11.51 23.13
C LYS C 368 32.77 -11.95 24.58
N PHE C 369 32.94 -10.96 25.46
CA PHE C 369 33.15 -11.22 26.88
C PHE C 369 32.22 -10.34 27.70
N THR C 370 31.85 -10.84 28.87
CA THR C 370 30.97 -10.14 29.80
C THR C 370 31.80 -9.60 30.95
N GLU C 371 31.98 -8.28 31.00
CA GLU C 371 32.77 -7.68 32.06
C GLU C 371 32.15 -7.94 33.43
N TRP C 372 30.83 -7.80 33.53
CA TRP C 372 30.11 -8.07 34.77
C TRP C 372 28.62 -8.08 34.44
N ALA C 373 27.82 -8.37 35.46
CA ALA C 373 26.36 -8.44 35.29
C ALA C 373 25.72 -8.13 36.63
N TYR C 374 25.18 -6.92 36.76
CA TYR C 374 24.50 -6.47 37.98
C TYR C 374 23.02 -6.31 37.69
N GLY C 375 22.19 -6.99 38.47
CA GLY C 375 20.76 -6.93 38.29
C GLY C 375 20.36 -7.38 36.89
N PRO C 376 19.48 -6.63 36.23
CA PRO C 376 19.12 -6.97 34.84
C PRO C 376 19.95 -6.28 33.77
N VAL C 377 21.03 -5.59 34.13
CA VAL C 377 21.88 -4.89 33.18
C VAL C 377 23.29 -5.46 33.29
N HIS C 378 23.87 -5.84 32.16
CA HIS C 378 25.22 -6.38 32.12
C HIS C 378 25.97 -5.77 30.95
N SER C 379 27.23 -5.41 31.18
CA SER C 379 28.08 -4.84 30.14
C SER C 379 28.77 -5.96 29.36
N SER C 380 29.05 -5.68 28.09
CA SER C 380 29.68 -6.64 27.20
C SER C 380 30.85 -5.99 26.48
N LEU C 381 31.82 -6.81 26.11
CA LEU C 381 33.02 -6.37 25.41
C LEU C 381 33.15 -7.13 24.10
N TYR C 382 33.50 -6.41 23.03
CA TYR C 382 33.68 -6.98 21.71
C TYR C 382 35.12 -6.79 21.27
N ASP C 383 35.69 -7.82 20.65
CA ASP C 383 37.07 -7.78 20.19
C ASP C 383 37.14 -7.06 18.83
N LEU C 384 37.99 -6.04 18.76
CA LEU C 384 38.14 -5.24 17.55
C LEU C 384 39.43 -5.54 16.80
N SER C 385 40.10 -6.64 17.12
CA SER C 385 41.33 -6.99 16.41
C SER C 385 41.04 -7.13 14.93
N CYS C 386 41.91 -6.52 14.11
CA CYS C 386 41.80 -6.55 12.65
C CYS C 386 40.34 -6.33 12.21
N ILE C 387 39.81 -5.16 12.60
CA ILE C 387 38.45 -4.75 12.26
C ILE C 387 38.45 -3.41 11.53
N ASP C 388 39.10 -2.40 12.09
CA ASP C 388 39.09 -1.05 11.54
C ASP C 388 40.40 -0.65 10.88
N THR C 389 41.53 -0.90 11.51
CA THR C 389 42.83 -0.56 10.94
C THR C 389 43.77 -1.75 11.12
N CYS C 390 44.29 -2.26 10.00
CA CYS C 390 45.23 -3.38 10.04
C CYS C 390 46.42 -3.19 9.11
N GLU C 391 46.38 -2.25 8.18
CA GLU C 391 47.42 -1.93 7.20
C GLU C 391 47.50 -2.95 6.08
N LYS C 392 46.78 -4.08 6.17
CA LYS C 392 46.71 -5.03 5.07
C LYS C 392 45.28 -5.20 4.58
N ASN C 393 44.35 -5.59 5.45
CA ASN C 393 42.94 -5.73 5.06
C ASN C 393 42.11 -5.78 6.33
N SER C 394 41.23 -4.81 6.50
CA SER C 394 40.34 -4.74 7.65
C SER C 394 38.91 -5.04 7.21
N VAL C 395 38.11 -5.52 8.15
CA VAL C 395 36.73 -5.89 7.82
C VAL C 395 35.96 -4.67 7.32
N LEU C 396 36.10 -3.54 8.01
CA LEU C 396 35.42 -2.33 7.56
C LEU C 396 35.92 -1.90 6.18
N GLU C 397 37.23 -1.95 5.97
CA GLU C 397 37.77 -1.59 4.66
C GLU C 397 37.27 -2.55 3.58
N VAL C 398 37.25 -3.85 3.88
CA VAL C 398 36.85 -4.82 2.87
C VAL C 398 35.38 -4.64 2.51
N ILE C 399 34.52 -4.50 3.52
CA ILE C 399 33.09 -4.35 3.26
C ILE C 399 32.80 -3.03 2.56
N ALA C 400 33.49 -1.96 2.96
CA ALA C 400 33.22 -0.65 2.38
C ALA C 400 33.52 -0.62 0.89
N TYR C 401 34.73 -1.05 0.51
CA TYR C 401 35.18 -0.94 -0.87
C TYR C 401 34.74 -2.11 -1.75
N SER C 402 34.02 -3.08 -1.19
CA SER C 402 33.54 -4.19 -1.99
C SER C 402 32.58 -3.69 -3.06
N SER C 403 32.64 -4.32 -4.24
CA SER C 403 31.75 -3.96 -5.33
C SER C 403 30.32 -4.37 -5.00
N SER C 404 29.37 -3.80 -5.74
CA SER C 404 27.97 -4.11 -5.51
C SER C 404 27.65 -5.56 -5.79
N GLU C 405 28.54 -6.28 -6.49
CA GLU C 405 28.30 -7.70 -6.73
C GLU C 405 28.26 -8.50 -5.44
N THR C 406 28.79 -7.96 -4.35
CA THR C 406 28.68 -8.64 -3.07
C THR C 406 27.21 -8.81 -2.70
N PRO C 407 26.77 -10.03 -2.36
CA PRO C 407 25.31 -10.26 -2.26
C PRO C 407 24.58 -9.33 -1.31
N ASN C 408 25.15 -9.01 -0.16
CA ASN C 408 24.41 -8.37 0.92
C ASN C 408 25.21 -7.24 1.56
N ARG C 409 25.86 -6.42 0.73
CA ARG C 409 26.72 -5.38 1.27
C ARG C 409 25.95 -4.41 2.16
N HIS C 410 24.69 -4.13 1.82
CA HIS C 410 23.95 -3.09 2.53
C HIS C 410 23.71 -3.48 3.99
N ASP C 411 23.17 -4.66 4.24
CA ASP C 411 22.69 -5.02 5.56
C ASP C 411 23.76 -5.60 6.47
N MET C 412 24.93 -5.93 5.94
CA MET C 412 25.99 -6.48 6.79
C MET C 412 26.41 -5.51 7.88
N LEU C 413 26.16 -4.21 7.70
CA LEU C 413 26.48 -3.25 8.74
C LEU C 413 25.46 -3.23 9.87
N LEU C 414 24.36 -3.98 9.74
CA LEU C 414 23.43 -4.13 10.85
C LEU C 414 24.03 -4.86 12.03
N VAL C 415 25.17 -5.54 11.84
CA VAL C 415 25.84 -6.21 12.94
C VAL C 415 26.11 -5.21 14.06
N GLU C 416 25.86 -5.63 15.30
CA GLU C 416 25.85 -4.73 16.44
C GLU C 416 27.20 -4.04 16.63
N PRO C 417 28.30 -4.78 16.79
CA PRO C 417 29.60 -4.12 16.99
C PRO C 417 29.96 -3.17 15.88
N LEU C 418 29.73 -3.55 14.61
CA LEU C 418 30.08 -2.68 13.50
C LEU C 418 29.28 -1.39 13.55
N ASN C 419 27.96 -1.50 13.72
CA ASN C 419 27.12 -0.31 13.75
C ASN C 419 27.51 0.62 14.89
N ARG C 420 27.68 0.06 16.09
CA ARG C 420 28.03 0.90 17.22
C ARG C 420 29.40 1.54 17.04
N LEU C 421 30.36 0.79 16.50
CA LEU C 421 31.69 1.36 16.28
C LEU C 421 31.63 2.50 15.29
N LEU C 422 30.89 2.33 14.20
CA LEU C 422 30.77 3.41 13.22
C LEU C 422 30.12 4.64 13.84
N GLN C 423 29.05 4.45 14.61
CA GLN C 423 28.40 5.57 15.26
C GLN C 423 29.36 6.29 16.19
N ASP C 424 30.13 5.53 16.96
CA ASP C 424 31.06 6.14 17.90
C ASP C 424 32.13 6.94 17.18
N LYS C 425 32.73 6.37 16.14
CA LYS C 425 33.75 7.09 15.38
C LYS C 425 33.18 8.38 14.81
N TRP C 426 31.99 8.29 14.23
CA TRP C 426 31.33 9.45 13.66
C TRP C 426 31.23 10.53 14.72
N ASP C 427 30.45 10.25 15.77
CA ASP C 427 30.17 11.26 16.79
C ASP C 427 31.43 11.72 17.50
N ARG C 428 32.52 10.96 17.42
CA ARG C 428 33.74 11.36 18.10
C ARG C 428 34.47 12.43 17.30
N PHE C 429 34.82 12.15 16.05
CA PHE C 429 35.53 13.18 15.27
C PHE C 429 35.06 13.36 13.84
N VAL C 430 34.37 12.39 13.23
CA VAL C 430 34.09 12.53 11.81
C VAL C 430 33.01 13.58 11.61
N LYS C 431 32.12 13.76 12.58
CA LYS C 431 31.12 14.80 12.47
C LYS C 431 31.78 16.17 12.33
N ARG C 432 32.74 16.47 13.19
CA ARG C 432 33.41 17.76 13.12
C ARG C 432 34.20 17.91 11.82
N ILE C 433 34.94 16.87 11.43
CA ILE C 433 35.73 16.99 10.21
C ILE C 433 34.80 17.20 9.01
N PHE C 434 33.70 16.44 8.95
CA PHE C 434 32.77 16.55 7.84
C PHE C 434 32.13 17.93 7.79
N TYR C 435 31.75 18.47 8.95
CA TYR C 435 31.15 19.80 8.96
C TYR C 435 32.15 20.85 8.48
N PHE C 436 33.41 20.74 8.89
CA PHE C 436 34.42 21.69 8.42
C PHE C 436 34.58 21.59 6.91
N ASN C 437 34.62 20.36 6.38
CA ASN C 437 34.75 20.19 4.93
C ASN C 437 33.55 20.79 4.21
N PHE C 438 32.35 20.58 4.75
CA PHE C 438 31.15 21.14 4.13
C PHE C 438 31.21 22.66 4.11
N PHE C 439 31.64 23.26 5.22
CA PHE C 439 31.75 24.72 5.26
C PHE C 439 32.75 25.23 4.23
N VAL C 440 33.90 24.55 4.13
CA VAL C 440 34.92 24.99 3.17
C VAL C 440 34.38 24.88 1.74
N TYR C 441 33.70 23.78 1.42
CA TYR C 441 33.16 23.62 0.08
C TYR C 441 32.09 24.67 -0.22
N CYS C 442 31.25 24.98 0.77
CA CYS C 442 30.24 26.00 0.57
C CYS C 442 30.88 27.35 0.29
N LEU C 443 31.94 27.70 1.03
CA LEU C 443 32.65 28.94 0.75
C LEU C 443 33.22 28.92 -0.66
N TYR C 444 33.79 27.78 -1.07
CA TYR C 444 34.29 27.65 -2.44
C TYR C 444 33.21 27.95 -3.45
N MET C 445 32.03 27.34 -3.27
CA MET C 445 30.96 27.51 -4.25
C MET C 445 30.47 28.95 -4.28
N ILE C 446 30.36 29.60 -3.13
CA ILE C 446 29.95 31.00 -3.11
C ILE C 446 30.96 31.86 -3.85
N ILE C 447 32.25 31.62 -3.61
CA ILE C 447 33.28 32.41 -4.29
C ILE C 447 33.21 32.18 -5.78
N PHE C 448 33.05 30.92 -6.21
CA PHE C 448 32.97 30.62 -7.63
C PHE C 448 31.78 31.30 -8.28
N THR C 449 30.62 31.24 -7.63
CA THR C 449 29.43 31.90 -8.17
C THR C 449 29.64 33.39 -8.29
N ALA C 450 30.23 34.02 -7.26
CA ALA C 450 30.46 35.45 -7.32
C ALA C 450 31.43 35.81 -8.45
N ALA C 451 32.50 35.03 -8.61
CA ALA C 451 33.47 35.31 -9.65
C ALA C 451 32.84 35.16 -11.04
N ALA C 452 32.05 34.10 -11.24
CA ALA C 452 31.47 33.88 -12.56
C ALA C 452 30.41 34.92 -12.88
N TYR C 453 29.61 35.31 -11.88
CA TYR C 453 28.49 36.21 -12.14
C TYR C 453 28.97 37.56 -12.67
N TYR C 454 30.08 38.06 -12.14
CA TYR C 454 30.60 39.37 -12.52
C TYR C 454 31.61 39.31 -13.66
N ARG C 455 31.50 38.32 -14.54
CA ARG C 455 32.45 38.22 -15.64
C ARG C 455 32.33 39.45 -16.54
N PRO C 456 33.42 39.93 -17.11
CA PRO C 456 33.33 41.10 -17.99
C PRO C 456 32.74 40.72 -19.35
N VAL C 457 32.23 41.73 -20.04
CA VAL C 457 31.62 41.56 -21.37
C VAL C 457 32.32 42.57 -22.29
N GLU C 458 33.41 42.13 -22.92
CA GLU C 458 34.08 42.92 -23.94
C GLU C 458 34.39 42.06 -25.16
N GLY C 459 34.52 40.75 -24.95
CA GLY C 459 34.79 39.83 -26.03
C GLY C 459 36.28 39.58 -26.23
N LEU C 460 36.58 38.47 -26.90
CA LEU C 460 37.96 38.12 -27.23
C LEU C 460 38.83 38.12 -25.98
N PRO C 461 38.67 37.13 -25.10
CA PRO C 461 39.49 37.08 -23.88
C PRO C 461 40.93 36.73 -24.22
N PRO C 462 41.86 36.85 -23.26
CA PRO C 462 41.64 37.31 -21.87
C PRO C 462 41.48 38.82 -21.78
N TYR C 463 41.12 39.31 -20.59
CA TYR C 463 40.87 40.72 -20.36
C TYR C 463 41.90 41.28 -19.40
N LYS C 464 42.48 42.43 -19.75
CA LYS C 464 43.41 43.10 -18.85
C LYS C 464 42.69 43.55 -17.59
N LEU C 465 43.34 43.36 -16.45
CA LEU C 465 42.75 43.72 -15.17
C LEU C 465 43.07 45.18 -14.84
N LYS C 466 42.02 45.96 -14.58
CA LYS C 466 42.18 47.37 -14.24
C LYS C 466 42.64 47.52 -12.79
N ASN C 467 43.12 48.71 -12.47
CA ASN C 467 43.59 49.01 -11.11
C ASN C 467 42.41 49.47 -10.25
N THR C 468 41.52 48.52 -9.97
CA THR C 468 40.33 48.77 -9.19
C THR C 468 40.11 47.61 -8.22
N VAL C 469 39.42 47.90 -7.12
CA VAL C 469 39.18 46.89 -6.10
C VAL C 469 38.34 45.75 -6.68
N GLY C 470 37.30 46.09 -7.45
CA GLY C 470 36.45 45.06 -8.01
C GLY C 470 37.21 44.10 -8.91
N ASP C 471 38.11 44.64 -9.74
CA ASP C 471 38.89 43.78 -10.61
C ASP C 471 39.79 42.84 -9.80
N TYR C 472 40.39 43.36 -8.73
CA TYR C 472 41.23 42.52 -7.88
C TYR C 472 40.41 41.39 -7.27
N PHE C 473 39.22 41.72 -6.75
CA PHE C 473 38.37 40.68 -6.16
C PHE C 473 37.97 39.65 -7.21
N ARG C 474 37.61 40.09 -8.41
CA ARG C 474 37.24 39.15 -9.46
C ARG C 474 38.40 38.23 -9.81
N VAL C 475 39.60 38.79 -9.93
CA VAL C 475 40.76 37.99 -10.31
C VAL C 475 41.07 36.95 -9.24
N THR C 476 41.06 37.38 -7.97
CA THR C 476 41.36 36.42 -6.90
C THR C 476 40.29 35.34 -6.83
N GLY C 477 39.01 35.71 -7.03
CA GLY C 477 37.96 34.71 -7.04
C GLY C 477 38.14 33.70 -8.16
N GLU C 478 38.47 34.19 -9.35
CA GLU C 478 38.70 33.27 -10.46
C GLU C 478 39.87 32.34 -10.18
N ILE C 479 40.95 32.87 -9.60
CA ILE C 479 42.10 32.03 -9.28
C ILE C 479 41.71 30.97 -8.27
N LEU C 480 40.96 31.34 -7.24
CA LEU C 480 40.53 30.36 -6.25
C LEU C 480 39.65 29.29 -6.89
N SER C 481 38.73 29.69 -7.76
CA SER C 481 37.87 28.71 -8.40
C SER C 481 38.67 27.73 -9.25
N VAL C 482 39.64 28.23 -10.02
CA VAL C 482 40.45 27.35 -10.84
C VAL C 482 41.27 26.42 -9.97
N SER C 483 41.83 26.94 -8.88
CA SER C 483 42.60 26.10 -7.97
C SER C 483 41.75 24.97 -7.39
N GLY C 484 40.54 25.30 -6.96
CA GLY C 484 39.65 24.27 -6.45
C GLY C 484 39.30 23.23 -7.50
N GLY C 485 39.07 23.68 -8.73
CA GLY C 485 38.81 22.73 -9.80
C GLY C 485 39.97 21.79 -10.01
N VAL C 486 41.20 22.32 -10.03
CA VAL C 486 42.38 21.48 -10.20
C VAL C 486 42.49 20.49 -9.04
N TYR C 487 42.22 20.95 -7.82
CA TYR C 487 42.31 20.06 -6.67
C TYR C 487 41.31 18.92 -6.79
N PHE C 488 40.08 19.24 -7.20
CA PHE C 488 39.08 18.19 -7.38
C PHE C 488 39.50 17.20 -8.46
N PHE C 489 40.06 17.72 -9.56
CA PHE C 489 40.53 16.84 -10.63
C PHE C 489 41.60 15.89 -10.11
N PHE C 490 42.56 16.41 -9.37
CA PHE C 490 43.65 15.57 -8.87
C PHE C 490 43.14 14.54 -7.88
N ARG C 491 42.23 14.94 -6.98
CA ARG C 491 41.66 13.96 -6.05
C ARG C 491 40.92 12.87 -6.80
N GLY C 492 40.18 13.25 -7.84
CA GLY C 492 39.47 12.23 -8.63
C GLY C 492 40.41 11.26 -9.31
N ILE C 493 41.48 11.77 -9.92
CA ILE C 493 42.46 10.89 -10.53
C ILE C 493 43.08 9.95 -9.49
N GLN C 494 43.43 10.50 -8.33
CA GLN C 494 44.02 9.67 -7.28
C GLN C 494 43.06 8.55 -6.89
N TYR C 495 41.78 8.89 -6.69
CA TYR C 495 40.81 7.87 -6.33
C TYR C 495 40.68 6.83 -7.41
N PHE C 496 40.64 7.25 -8.68
CA PHE C 496 40.47 6.29 -9.76
C PHE C 496 41.63 5.33 -9.84
N LEU C 497 42.87 5.83 -9.72
CA LEU C 497 44.02 4.94 -9.69
C LEU C 497 43.98 4.01 -8.49
N GLN C 498 43.62 4.54 -7.31
CA GLN C 498 43.65 3.72 -6.11
C GLN C 498 42.64 2.58 -6.18
N ARG C 499 41.42 2.85 -6.66
CA ARG C 499 40.36 1.87 -6.62
C ARG C 499 40.28 1.04 -7.91
N ARG C 500 40.40 1.67 -9.07
CA ARG C 500 40.29 0.97 -10.34
C ARG C 500 38.94 0.28 -10.47
N PRO C 501 37.85 1.04 -10.62
CA PRO C 501 36.55 0.40 -10.85
C PRO C 501 36.57 -0.59 -12.01
N SER C 502 35.54 -1.40 -12.13
CA SER C 502 35.49 -2.48 -13.10
C SER C 502 34.87 -2.05 -14.43
N LEU C 503 34.53 -0.78 -14.60
CA LEU C 503 33.91 -0.22 -15.80
C LEU C 503 32.49 -0.72 -16.01
N LYS C 504 31.98 -1.61 -15.17
CA LYS C 504 30.59 -2.05 -15.20
C LYS C 504 29.79 -1.50 -14.04
N SER C 505 30.36 -1.53 -12.83
CA SER C 505 29.81 -0.83 -11.69
C SER C 505 30.35 0.59 -11.57
N LEU C 506 30.85 1.15 -12.66
CA LEU C 506 31.45 2.49 -12.62
C LEU C 506 30.45 3.52 -12.14
N PHE C 507 29.17 3.36 -12.47
CA PHE C 507 28.14 4.34 -12.12
C PHE C 507 27.39 3.96 -10.84
N VAL C 508 27.01 2.68 -10.71
CA VAL C 508 26.28 2.26 -9.51
C VAL C 508 27.12 2.53 -8.27
N ASP C 509 28.42 2.30 -8.35
CA ASP C 509 29.35 2.63 -7.29
C ASP C 509 30.13 3.87 -7.68
N SER C 510 30.49 4.70 -6.73
CA SER C 510 31.30 5.89 -7.04
C SER C 510 30.44 6.93 -7.74
N TYR C 511 29.12 6.92 -7.57
CA TYR C 511 28.28 7.86 -8.29
C TYR C 511 28.63 9.31 -8.01
N SER C 512 29.21 9.61 -6.86
CA SER C 512 29.53 10.99 -6.52
C SER C 512 30.92 11.40 -6.98
N GLU C 513 31.88 10.48 -6.89
CA GLU C 513 33.23 10.79 -7.33
C GLU C 513 33.26 11.06 -8.83
N ILE C 514 32.51 10.28 -9.60
CA ILE C 514 32.45 10.51 -11.05
C ILE C 514 31.88 11.89 -11.34
N LEU C 515 30.83 12.29 -10.61
CA LEU C 515 30.25 13.61 -10.84
C LEU C 515 31.21 14.73 -10.49
N PHE C 516 31.91 14.60 -9.36
CA PHE C 516 32.90 15.61 -9.00
C PHE C 516 34.00 15.68 -10.05
N PHE C 517 34.44 14.52 -10.54
CA PHE C 517 35.48 14.50 -11.57
C PHE C 517 34.98 15.17 -12.84
N VAL C 518 33.73 14.96 -13.21
CA VAL C 518 33.18 15.59 -14.41
C VAL C 518 33.15 17.10 -14.22
N GLN C 519 32.76 17.56 -13.04
CA GLN C 519 32.76 19.00 -12.79
C GLN C 519 34.17 19.57 -12.94
N SER C 520 35.16 18.89 -12.38
CA SER C 520 36.54 19.37 -12.49
C SER C 520 37.00 19.37 -13.95
N LEU C 521 36.60 18.35 -14.71
CA LEU C 521 36.95 18.31 -16.12
C LEU C 521 36.34 19.50 -16.86
N PHE C 522 35.09 19.83 -16.54
CA PHE C 522 34.47 21.00 -17.16
C PHE C 522 35.23 22.27 -16.81
N MET C 523 35.66 22.40 -15.56
CA MET C 523 36.45 23.57 -15.18
C MET C 523 37.75 23.66 -15.96
N LEU C 524 38.45 22.53 -16.10
CA LEU C 524 39.72 22.53 -16.82
C LEU C 524 39.51 22.88 -18.29
N VAL C 525 38.48 22.32 -18.91
CA VAL C 525 38.18 22.68 -20.29
C VAL C 525 37.86 24.16 -20.39
N SER C 526 37.14 24.69 -19.40
CA SER C 526 36.81 26.11 -19.40
C SER C 526 38.07 26.96 -19.41
N VAL C 527 39.02 26.66 -18.53
CA VAL C 527 40.22 27.48 -18.46
C VAL C 527 41.05 27.32 -19.74
N VAL C 528 41.12 26.10 -20.26
CA VAL C 528 41.89 25.87 -21.49
C VAL C 528 41.32 26.71 -22.62
N LEU C 529 39.99 26.72 -22.77
CA LEU C 529 39.38 27.54 -23.80
C LEU C 529 39.55 29.02 -23.50
N TYR C 530 39.52 29.41 -22.22
CA TYR C 530 39.65 30.81 -21.87
C TYR C 530 40.99 31.38 -22.29
N PHE C 531 42.07 30.61 -22.06
CA PHE C 531 43.38 31.07 -22.50
C PHE C 531 43.62 30.91 -23.99
N SER C 532 42.74 30.19 -24.69
CA SER C 532 42.89 30.00 -26.13
C SER C 532 42.14 31.05 -26.95
N GLN C 533 41.72 32.14 -26.33
CA GLN C 533 41.00 33.21 -27.02
C GLN C 533 39.73 32.67 -27.68
N ARG C 534 38.91 32.00 -26.89
CA ARG C 534 37.62 31.48 -27.34
C ARG C 534 36.54 31.93 -26.36
N LYS C 535 35.31 32.05 -26.87
CA LYS C 535 34.19 32.54 -26.08
C LYS C 535 33.29 31.40 -25.60
N GLU C 536 33.74 30.15 -25.72
CA GLU C 536 33.01 29.01 -25.20
C GLU C 536 33.39 28.67 -23.77
N TYR C 537 34.37 29.39 -23.19
CA TYR C 537 34.67 29.16 -21.79
C TYR C 537 33.45 29.50 -20.97
N VAL C 538 32.61 30.43 -21.46
CA VAL C 538 31.38 30.77 -20.76
C VAL C 538 30.48 29.55 -20.66
N ALA C 539 30.30 28.83 -21.77
CA ALA C 539 29.47 27.64 -21.75
C ALA C 539 30.04 26.59 -20.81
N SER C 540 31.33 26.33 -20.92
CA SER C 540 31.93 25.30 -20.06
C SER C 540 31.82 25.72 -18.59
N MET C 541 32.05 27.00 -18.30
CA MET C 541 32.01 27.48 -16.92
C MET C 541 30.61 27.39 -16.35
N VAL C 542 29.58 27.74 -17.14
CA VAL C 542 28.23 27.66 -16.61
C VAL C 542 27.84 26.21 -16.35
N PHE C 543 28.25 25.30 -17.24
CA PHE C 543 27.98 23.89 -17.00
C PHE C 543 28.65 23.44 -15.69
N SER C 544 29.91 23.82 -15.50
CA SER C 544 30.62 23.44 -14.29
C SER C 544 29.95 24.05 -13.06
N LEU C 545 29.51 25.29 -13.16
CA LEU C 545 28.91 25.98 -12.02
C LEU C 545 27.59 25.30 -11.62
N ALA C 546 26.76 24.98 -12.60
CA ALA C 546 25.52 24.26 -12.31
C ALA C 546 25.81 22.91 -11.68
N MET C 547 26.78 22.17 -12.24
CA MET C 547 27.11 20.87 -11.66
C MET C 547 27.60 21.04 -10.22
N GLY C 548 28.43 22.04 -9.97
CA GLY C 548 28.95 22.23 -8.62
C GLY C 548 27.85 22.55 -7.63
N TRP C 549 26.94 23.44 -8.00
CA TRP C 549 25.84 23.77 -7.09
C TRP C 549 24.97 22.56 -6.83
N THR C 550 24.67 21.77 -7.86
CA THR C 550 23.83 20.60 -7.66
C THR C 550 24.56 19.45 -6.98
N ASN C 551 25.89 19.49 -6.90
CA ASN C 551 26.65 18.48 -6.18
C ASN C 551 26.74 18.77 -4.69
N MET C 552 26.17 19.87 -4.21
CA MET C 552 26.13 20.11 -2.78
C MET C 552 25.33 19.04 -2.06
N LEU C 553 24.51 18.28 -2.79
CA LEU C 553 23.74 17.22 -2.17
C LEU C 553 24.62 16.12 -1.60
N TYR C 554 25.86 16.00 -2.07
CA TYR C 554 26.75 14.99 -1.52
C TYR C 554 26.91 15.14 -0.01
N TYR C 555 26.77 16.36 0.49
CA TYR C 555 26.95 16.62 1.91
C TYR C 555 25.68 16.41 2.71
N THR C 556 24.56 16.06 2.07
CA THR C 556 23.36 15.74 2.82
C THR C 556 23.59 14.53 3.72
N ARG C 557 24.36 13.55 3.25
CA ARG C 557 24.74 12.44 4.10
C ARG C 557 25.41 12.98 5.36
N GLY C 558 25.00 12.47 6.50
CA GLY C 558 25.29 13.09 7.78
C GLY C 558 24.04 13.60 8.48
N PHE C 559 22.94 13.73 7.75
CA PHE C 559 21.62 13.96 8.31
C PHE C 559 20.71 12.89 7.75
N GLN C 560 19.97 12.21 8.63
CA GLN C 560 19.27 11.00 8.23
C GLN C 560 18.24 11.27 7.13
N GLN C 561 17.37 12.24 7.36
CA GLN C 561 16.26 12.46 6.43
C GLN C 561 16.77 12.96 5.08
N MET C 562 17.62 13.98 5.09
CA MET C 562 18.15 14.51 3.84
C MET C 562 19.00 13.48 3.13
N GLY C 563 19.75 12.69 3.90
CA GLY C 563 20.53 11.62 3.29
C GLY C 563 19.65 10.61 2.58
N ILE C 564 18.55 10.20 3.21
CA ILE C 564 17.63 9.26 2.57
C ILE C 564 17.05 9.87 1.31
N TYR C 565 16.71 11.16 1.36
CA TYR C 565 16.15 11.83 0.19
C TYR C 565 17.14 11.80 -0.97
N ALA C 566 18.39 12.19 -0.70
CA ALA C 566 19.40 12.19 -1.75
C ALA C 566 19.66 10.78 -2.26
N VAL C 567 19.62 9.79 -1.38
CA VAL C 567 19.82 8.41 -1.80
C VAL C 567 18.72 7.98 -2.75
N MET C 568 17.48 8.34 -2.45
CA MET C 568 16.38 8.00 -3.36
C MET C 568 16.58 8.67 -4.71
N ILE C 569 17.00 9.94 -4.71
CA ILE C 569 17.27 10.61 -5.99
C ILE C 569 18.34 9.84 -6.76
N GLU C 570 19.42 9.45 -6.09
CA GLU C 570 20.47 8.70 -6.76
C GLU C 570 19.92 7.40 -7.36
N LYS C 571 19.14 6.66 -6.58
CA LYS C 571 18.62 5.38 -7.05
C LYS C 571 17.76 5.57 -8.30
N MET C 572 16.89 6.58 -8.30
CA MET C 572 16.10 6.81 -9.50
C MET C 572 16.98 7.18 -10.68
N ILE C 573 17.84 8.18 -10.52
CA ILE C 573 18.69 8.63 -11.63
C ILE C 573 19.48 7.47 -12.20
N LEU C 574 19.83 6.49 -11.37
CA LEU C 574 20.54 5.34 -11.89
C LEU C 574 19.62 4.36 -12.61
N ARG C 575 18.65 3.80 -11.91
CA ARG C 575 17.98 2.59 -12.38
C ARG C 575 16.58 2.82 -12.93
N ASP C 576 16.15 4.07 -13.16
CA ASP C 576 14.83 4.28 -13.74
C ASP C 576 14.86 5.29 -14.89
N LEU C 577 15.82 6.21 -14.86
CA LEU C 577 15.76 7.34 -15.78
C LEU C 577 15.86 6.88 -17.23
N CYS C 578 16.84 6.04 -17.55
CA CYS C 578 17.03 5.61 -18.93
C CYS C 578 15.82 4.80 -19.41
N ARG C 579 15.36 3.86 -18.59
CA ARG C 579 14.27 2.99 -19.01
C ARG C 579 12.99 3.78 -19.23
N PHE C 580 12.70 4.75 -18.37
CA PHE C 580 11.48 5.53 -18.50
C PHE C 580 11.65 6.74 -19.41
N MET C 581 12.86 7.00 -19.92
CA MET C 581 13.07 8.08 -20.87
C MET C 581 13.17 7.60 -22.30
N PHE C 582 13.64 6.38 -22.54
CA PHE C 582 13.69 5.86 -23.91
C PHE C 582 12.30 5.85 -24.52
N VAL C 583 11.32 5.35 -23.78
CA VAL C 583 9.95 5.25 -24.30
C VAL C 583 9.41 6.64 -24.60
N TYR C 584 9.57 7.57 -23.66
CA TYR C 584 9.04 8.91 -23.85
C TYR C 584 9.70 9.59 -25.03
N LEU C 585 11.01 9.46 -25.18
CA LEU C 585 11.68 10.07 -26.31
C LEU C 585 11.23 9.45 -27.62
N VAL C 586 11.02 8.13 -27.65
CA VAL C 586 10.50 7.51 -28.86
C VAL C 586 9.17 8.13 -29.24
N PHE C 587 8.25 8.23 -28.27
CA PHE C 587 6.94 8.80 -28.56
C PHE C 587 7.07 10.23 -29.06
N LEU C 588 7.84 11.05 -28.35
CA LEU C 588 7.96 12.45 -28.70
C LEU C 588 8.55 12.62 -30.09
N PHE C 589 9.64 11.91 -30.38
CA PHE C 589 10.28 12.03 -31.68
C PHE C 589 9.34 11.57 -32.79
N GLY C 590 8.64 10.45 -32.59
CA GLY C 590 7.73 9.97 -33.61
C GLY C 590 6.64 10.98 -33.93
N PHE C 591 5.99 11.51 -32.89
CA PHE C 591 4.89 12.43 -33.13
C PHE C 591 5.38 13.76 -33.69
N SER C 592 6.56 14.20 -33.25
CA SER C 592 7.12 15.42 -33.81
C SER C 592 7.45 15.26 -35.28
N THR C 593 8.03 14.11 -35.66
CA THR C 593 8.30 13.85 -37.06
C THR C 593 7.00 13.84 -37.87
N ALA C 594 5.96 13.20 -37.34
CA ALA C 594 4.68 13.17 -38.03
C ALA C 594 4.17 14.59 -38.25
N VAL C 595 4.13 15.40 -37.19
CA VAL C 595 3.55 16.73 -37.30
C VAL C 595 4.36 17.58 -38.28
N VAL C 596 5.69 17.53 -38.17
CA VAL C 596 6.52 18.35 -39.04
C VAL C 596 6.36 17.90 -40.49
N THR C 597 6.20 16.61 -40.72
CA THR C 597 5.90 16.13 -42.06
C THR C 597 4.59 16.72 -42.56
N LEU C 598 3.58 16.77 -41.71
CA LEU C 598 2.30 17.33 -42.12
C LEU C 598 2.43 18.80 -42.50
N ILE C 599 3.20 19.57 -41.73
CA ILE C 599 3.27 21.00 -41.95
C ILE C 599 3.88 21.29 -43.32
N GLU C 600 3.36 22.33 -43.98
CA GLU C 600 3.83 22.68 -45.32
C GLU C 600 5.11 23.50 -45.25
N ASP C 601 5.04 24.69 -44.64
CA ASP C 601 6.21 25.54 -44.52
C ASP C 601 5.88 26.66 -43.54
N GLY C 602 6.93 27.30 -43.02
CA GLY C 602 6.79 28.40 -42.11
C GLY C 602 7.84 28.33 -41.03
N LYS C 603 7.57 29.02 -39.92
CA LYS C 603 8.52 29.05 -38.81
C LYS C 603 8.74 27.66 -38.24
N TYR C 604 7.68 26.88 -38.11
CA TYR C 604 7.72 25.61 -37.39
C TYR C 604 8.02 24.42 -38.31
N ASN C 605 8.36 24.67 -39.57
CA ASN C 605 8.64 23.57 -40.47
C ASN C 605 9.89 22.80 -40.07
N SER C 606 10.78 23.40 -39.27
CA SER C 606 11.96 22.69 -38.81
C SER C 606 11.59 21.64 -37.77
N LEU C 607 12.35 20.55 -37.75
CA LEU C 607 12.07 19.48 -36.80
C LEU C 607 12.32 19.93 -35.37
N TYR C 608 13.38 20.71 -35.14
CA TYR C 608 13.73 21.09 -33.77
C TYR C 608 12.63 21.94 -33.13
N SER C 609 12.11 22.92 -33.87
CA SER C 609 11.07 23.78 -33.32
C SER C 609 9.81 22.99 -33.00
N THR C 610 9.42 22.07 -33.90
CA THR C 610 8.25 21.26 -33.64
C THR C 610 8.46 20.35 -32.44
N CYS C 611 9.66 19.78 -32.30
CA CYS C 611 9.94 18.98 -31.12
C CYS C 611 9.81 19.81 -29.85
N LEU C 612 10.32 21.04 -29.87
CA LEU C 612 10.20 21.90 -28.72
C LEU C 612 8.73 22.18 -28.39
N GLU C 613 7.94 22.50 -29.41
CA GLU C 613 6.53 22.80 -29.17
C GLU C 613 5.80 21.58 -28.61
N LEU C 614 6.08 20.39 -29.15
CA LEU C 614 5.44 19.20 -28.64
C LEU C 614 5.87 18.93 -27.20
N PHE C 615 7.15 19.12 -26.89
CA PHE C 615 7.61 18.93 -25.52
C PHE C 615 6.96 19.92 -24.57
N LYS C 616 6.60 21.11 -25.07
CA LYS C 616 5.97 22.09 -24.20
C LYS C 616 4.68 21.57 -23.58
N PHE C 617 4.05 20.57 -24.19
CA PHE C 617 2.84 20.00 -23.62
C PHE C 617 3.11 19.29 -22.30
N THR C 618 4.33 18.78 -22.11
CA THR C 618 4.62 18.02 -20.91
C THR C 618 4.79 18.91 -19.69
N ILE C 619 5.23 20.15 -19.89
CA ILE C 619 5.43 21.09 -18.79
C ILE C 619 4.22 22.00 -18.61
N GLY C 620 3.06 21.61 -19.13
CA GLY C 620 1.85 22.40 -18.97
C GLY C 620 1.89 23.73 -19.68
N MET C 621 2.40 23.76 -20.91
CA MET C 621 2.39 24.99 -21.70
C MET C 621 2.05 24.73 -23.16
N GLY C 622 1.49 23.57 -23.49
CA GLY C 622 1.09 23.30 -24.85
C GLY C 622 0.17 24.37 -25.39
N ASP C 623 0.02 24.37 -26.71
CA ASP C 623 -0.77 25.38 -27.40
C ASP C 623 -1.98 24.84 -28.12
N LEU C 624 -1.83 23.74 -28.86
CA LEU C 624 -2.87 23.11 -29.67
C LEU C 624 -3.26 23.97 -30.87
N GLU C 625 -2.74 25.18 -31.01
CA GLU C 625 -3.00 26.03 -32.16
C GLU C 625 -1.76 26.79 -32.57
N PHE C 626 -0.57 26.22 -32.32
CA PHE C 626 0.66 26.97 -32.49
C PHE C 626 0.99 27.25 -33.94
N THR C 627 0.29 26.66 -34.89
CA THR C 627 0.53 26.94 -36.30
C THR C 627 -0.75 26.76 -37.09
N GLU C 628 -0.79 27.40 -38.26
CA GLU C 628 -1.90 27.26 -39.18
C GLU C 628 -1.46 27.00 -40.62
N ASN C 629 -0.15 26.91 -40.88
CA ASN C 629 0.37 26.71 -42.23
C ASN C 629 0.45 25.21 -42.50
N TYR C 630 -0.68 24.64 -42.88
CA TYR C 630 -0.79 23.22 -43.17
C TYR C 630 -2.16 22.98 -43.81
N ASP C 631 -2.51 21.70 -44.00
CA ASP C 631 -3.82 21.30 -44.47
C ASP C 631 -4.35 20.18 -43.57
N PHE C 632 -5.64 19.91 -43.69
CA PHE C 632 -6.29 18.82 -42.95
C PHE C 632 -6.16 19.03 -41.44
N LYS C 633 -6.83 20.09 -40.98
CA LYS C 633 -6.83 20.42 -39.55
C LYS C 633 -7.28 19.25 -38.70
N ALA C 634 -8.16 18.40 -39.24
CA ALA C 634 -8.57 17.22 -38.48
C ALA C 634 -7.37 16.34 -38.14
N VAL C 635 -6.48 16.12 -39.11
CA VAL C 635 -5.33 15.26 -38.87
C VAL C 635 -4.42 15.88 -37.81
N PHE C 636 -4.19 17.19 -37.91
CA PHE C 636 -3.33 17.87 -36.94
C PHE C 636 -3.89 17.74 -35.53
N ILE C 637 -5.19 18.01 -35.38
CA ILE C 637 -5.81 17.94 -34.06
C ILE C 637 -5.76 16.52 -33.52
N ILE C 638 -6.06 15.53 -34.37
CA ILE C 638 -6.01 14.14 -33.93
C ILE C 638 -4.61 13.77 -33.47
N LEU C 639 -3.59 14.18 -34.23
CA LEU C 639 -2.22 13.86 -33.85
C LEU C 639 -1.89 14.45 -32.49
N LEU C 640 -2.21 15.73 -32.30
CA LEU C 640 -1.86 16.38 -31.03
C LEU C 640 -2.62 15.75 -29.87
N LEU C 641 -3.91 15.47 -30.04
CA LEU C 641 -4.68 14.88 -28.96
C LEU C 641 -4.19 13.48 -28.63
N ALA C 642 -3.88 12.69 -29.65
CA ALA C 642 -3.33 11.36 -29.41
C ALA C 642 -2.02 11.44 -28.66
N TYR C 643 -1.16 12.38 -29.04
CA TYR C 643 0.11 12.53 -28.33
C TYR C 643 -0.12 12.89 -26.88
N VAL C 644 -1.04 13.83 -26.61
CA VAL C 644 -1.29 14.24 -25.23
C VAL C 644 -1.80 13.07 -24.40
N ILE C 645 -2.78 12.34 -24.94
CA ILE C 645 -3.34 11.22 -24.20
C ILE C 645 -2.28 10.16 -23.96
N LEU C 646 -1.47 9.86 -24.97
CA LEU C 646 -0.46 8.82 -24.83
C LEU C 646 0.59 9.21 -23.80
N THR C 647 1.04 10.46 -23.80
CA THR C 647 2.05 10.87 -22.83
C THR C 647 1.47 10.87 -21.42
N TYR C 648 0.22 11.28 -21.26
CA TYR C 648 -0.38 11.21 -19.93
C TYR C 648 -0.48 9.77 -19.45
N ILE C 649 -0.91 8.87 -20.33
CA ILE C 649 -0.94 7.45 -19.96
C ILE C 649 0.46 6.97 -19.61
N LEU C 650 1.46 7.45 -20.34
CA LEU C 650 2.84 7.03 -20.10
C LEU C 650 3.29 7.43 -18.70
N LEU C 651 3.03 8.69 -18.32
CA LEU C 651 3.43 9.14 -16.99
C LEU C 651 2.63 8.42 -15.91
N LEU C 652 1.35 8.16 -16.15
CA LEU C 652 0.54 7.46 -15.16
C LEU C 652 1.09 6.06 -14.91
N ASN C 653 1.55 5.36 -15.91
CA ASN C 653 2.05 4.01 -15.64
C ASN C 653 3.43 4.19 -15.08
N MET C 654 4.16 5.21 -15.46
CA MET C 654 5.42 5.44 -14.77
C MET C 654 5.22 5.43 -13.27
N LEU C 655 4.37 6.34 -12.78
CA LEU C 655 4.23 6.50 -11.33
C LEU C 655 3.63 5.25 -10.71
N ILE C 656 2.64 4.64 -11.37
CA ILE C 656 2.06 3.41 -10.83
C ILE C 656 3.16 2.36 -10.65
N ALA C 657 4.00 2.19 -11.66
CA ALA C 657 5.02 1.15 -11.61
C ALA C 657 6.00 1.39 -10.48
N LEU C 658 6.61 2.56 -10.44
CA LEU C 658 7.70 2.84 -9.47
C LEU C 658 7.11 3.11 -8.10
N MET C 659 5.81 3.22 -7.94
CA MET C 659 5.20 3.25 -6.62
C MET C 659 4.89 1.85 -6.14
N GLY C 660 4.24 1.05 -6.98
CA GLY C 660 3.86 -0.30 -6.58
C GLY C 660 5.06 -1.18 -6.29
N GLU C 661 6.09 -1.11 -7.13
CA GLU C 661 7.18 -2.06 -6.97
C GLU C 661 8.12 -1.72 -5.81
N THR C 662 8.01 -0.52 -5.23
CA THR C 662 8.99 -0.11 -4.22
C THR C 662 8.39 0.63 -3.03
N VAL C 663 7.06 0.69 -2.88
CA VAL C 663 6.51 1.35 -1.71
C VAL C 663 6.95 0.67 -0.41
N ASN C 664 7.34 -0.60 -0.48
CA ASN C 664 7.73 -1.35 0.71
C ASN C 664 9.24 -1.38 0.93
N LYS C 665 10.03 -1.55 -0.13
CA LYS C 665 11.47 -1.63 0.03
C LYS C 665 12.05 -0.33 0.59
N ILE C 666 11.52 0.81 0.14
CA ILE C 666 12.01 2.10 0.60
C ILE C 666 11.85 2.30 2.10
N ALA C 667 11.11 1.41 2.77
CA ALA C 667 10.93 1.55 4.21
C ALA C 667 12.27 1.47 4.94
N GLN C 668 13.14 0.55 4.53
CA GLN C 668 14.44 0.36 5.18
C GLN C 668 15.61 0.26 4.21
N GLU C 669 15.38 -0.04 2.94
CA GLU C 669 16.51 -0.18 2.01
C GLU C 669 17.24 1.14 1.83
N SER C 670 16.50 2.24 1.72
CA SER C 670 17.14 3.55 1.60
C SER C 670 17.95 3.88 2.84
N LYS C 671 17.41 3.57 4.02
CA LYS C 671 18.17 3.82 5.25
C LYS C 671 19.44 3.00 5.29
N ASN C 672 19.36 1.73 4.86
CA ASN C 672 20.56 0.89 4.84
C ASN C 672 21.60 1.44 3.87
N ILE C 673 21.16 1.88 2.69
CA ILE C 673 22.10 2.45 1.73
C ILE C 673 22.73 3.71 2.28
N TRP C 674 21.94 4.52 3.01
CA TRP C 674 22.49 5.72 3.60
C TRP C 674 23.53 5.39 4.65
N LYS C 675 23.28 4.36 5.47
CA LYS C 675 24.26 3.95 6.46
C LYS C 675 25.54 3.48 5.78
N LEU C 676 25.42 2.73 4.69
CA LEU C 676 26.61 2.33 3.94
C LEU C 676 27.35 3.54 3.42
N GLN C 677 26.61 4.52 2.95
CA GLN C 677 27.20 5.74 2.39
C GLN C 677 27.99 6.39 3.52
N ARG C 678 27.39 6.57 4.67
CA ARG C 678 28.07 7.20 5.81
C ARG C 678 29.32 6.42 6.19
N ALA C 679 29.25 5.09 6.14
CA ALA C 679 30.44 4.29 6.44
C ALA C 679 31.56 4.60 5.45
N ILE C 680 31.23 4.70 4.16
CA ILE C 680 32.23 5.05 3.16
C ILE C 680 32.84 6.40 3.49
N THR C 681 31.99 7.38 3.83
CA THR C 681 32.49 8.71 4.17
C THR C 681 33.43 8.64 5.38
N ILE C 682 33.05 7.88 6.39
CA ILE C 682 33.85 7.80 7.60
C ILE C 682 35.22 7.21 7.29
N LEU C 683 35.24 6.11 6.55
CA LEU C 683 36.51 5.48 6.24
C LEU C 683 37.39 6.38 5.39
N ASP C 684 36.80 7.05 4.40
CA ASP C 684 37.60 7.96 3.58
C ASP C 684 38.17 9.10 4.40
N THR C 685 37.35 9.68 5.30
CA THR C 685 37.84 10.77 6.13
C THR C 685 38.97 10.30 7.04
N GLU C 686 38.81 9.11 7.63
CA GLU C 686 39.86 8.59 8.51
C GLU C 686 41.16 8.38 7.73
N LYS C 687 41.08 7.67 6.60
CA LYS C 687 42.30 7.37 5.84
C LYS C 687 42.96 8.64 5.33
N SER C 688 42.16 9.58 4.80
CA SER C 688 42.73 10.79 4.21
C SER C 688 43.46 11.62 5.27
N PHE C 689 42.85 11.79 6.43
CA PHE C 689 43.40 12.66 7.48
C PHE C 689 44.21 11.85 8.48
N LEU C 690 45.31 11.27 7.99
CA LEU C 690 46.30 10.63 8.84
C LEU C 690 47.29 11.62 9.43
N LYS C 691 47.19 12.90 9.04
CA LYS C 691 48.12 13.90 9.56
C LYS C 691 48.05 14.00 11.08
N CYS C 692 46.89 13.72 11.67
CA CYS C 692 46.70 13.77 13.11
C CYS C 692 47.10 12.47 13.80
N MET C 693 47.91 11.66 13.13
CA MET C 693 48.39 10.39 13.71
C MET C 693 47.15 9.58 14.10
N ARG C 694 47.12 8.78 15.13
CA ARG C 694 46.11 7.76 15.41
C ARG C 694 45.20 8.45 16.42
N LYS C 695 44.77 9.65 16.05
CA LYS C 695 43.84 10.41 16.88
C LYS C 695 42.49 9.69 16.95
N ALA C 696 41.88 9.70 18.14
CA ALA C 696 40.57 9.12 18.36
C ALA C 696 40.54 7.65 17.92
N PHE C 697 41.32 6.84 18.64
CA PHE C 697 41.41 5.43 18.33
C PHE C 697 40.06 4.75 18.58
N ARG C 698 40.00 3.46 18.25
CA ARG C 698 38.72 2.74 18.30
C ARG C 698 38.11 2.78 19.69
N SER C 699 38.91 2.45 20.71
CA SER C 699 38.41 2.34 22.08
C SER C 699 39.62 2.29 23.01
N GLY C 700 39.35 2.01 24.29
CA GLY C 700 40.41 1.91 25.27
C GLY C 700 41.03 0.53 25.31
N LYS C 701 42.03 0.40 26.19
CA LYS C 701 42.75 -0.86 26.37
C LYS C 701 42.17 -1.60 27.57
N LEU C 702 41.84 -2.88 27.37
CA LEU C 702 41.17 -3.67 28.38
C LEU C 702 41.83 -5.04 28.51
N LEU C 703 41.67 -5.62 29.70
CA LEU C 703 42.17 -6.96 30.02
C LEU C 703 40.97 -7.84 30.33
N GLN C 704 40.51 -8.58 29.32
CA GLN C 704 39.27 -9.33 29.45
C GLN C 704 39.49 -10.66 30.16
N VAL C 705 40.53 -11.40 29.79
CA VAL C 705 40.84 -12.69 30.41
C VAL C 705 42.11 -12.65 31.23
N GLY C 706 43.06 -11.78 30.91
CA GLY C 706 44.29 -11.69 31.68
C GLY C 706 45.35 -12.72 31.35
N PHE C 707 44.96 -13.98 31.21
CA PHE C 707 45.88 -15.05 30.92
C PHE C 707 45.32 -15.94 29.81
N THR C 708 46.16 -16.23 28.82
CA THR C 708 45.84 -17.20 27.77
C THR C 708 46.30 -18.56 28.23
N PRO C 709 46.13 -19.62 27.43
CA PRO C 709 46.70 -20.91 27.84
C PRO C 709 48.18 -20.82 28.16
N ASP C 710 48.92 -20.01 27.41
CA ASP C 710 50.28 -19.67 27.78
C ASP C 710 50.27 -18.66 28.92
N GLY C 711 51.33 -18.66 29.72
CA GLY C 711 51.39 -17.78 30.88
C GLY C 711 51.32 -16.30 30.53
N LYS C 712 51.69 -15.93 29.31
CA LYS C 712 51.68 -14.52 28.93
C LYS C 712 50.27 -13.96 28.92
N ASP C 713 50.13 -12.71 29.36
CA ASP C 713 48.86 -12.03 29.35
C ASP C 713 48.56 -11.46 27.95
N ASP C 714 47.30 -11.09 27.74
CA ASP C 714 46.87 -10.57 26.44
C ASP C 714 45.84 -9.48 26.63
N TYR C 715 45.73 -8.63 25.60
CA TYR C 715 44.70 -7.60 25.53
C TYR C 715 44.16 -7.59 24.10
N ARG C 716 42.88 -7.22 23.97
CA ARG C 716 42.18 -7.40 22.70
C ARG C 716 41.46 -6.14 22.22
N TRP C 717 41.83 -4.97 22.74
CA TRP C 717 41.26 -3.71 22.28
C TRP C 717 39.73 -3.77 22.24
N CYS C 718 39.14 -3.97 23.41
CA CYS C 718 37.70 -4.18 23.49
C CYS C 718 36.93 -2.88 23.24
N PHE C 719 35.63 -3.03 23.00
CA PHE C 719 34.72 -1.91 22.77
C PHE C 719 33.53 -2.08 23.69
N ARG C 720 33.51 -1.33 24.79
CA ARG C 720 32.49 -1.52 25.81
C ARG C 720 31.10 -1.22 25.26
N VAL C 721 30.15 -2.10 25.56
CA VAL C 721 28.76 -1.95 25.16
C VAL C 721 27.88 -2.35 26.33
N ASP C 722 26.77 -1.62 26.52
CA ASP C 722 25.84 -1.87 27.61
C ASP C 722 24.47 -2.20 27.06
N GLU C 723 23.81 -3.18 27.65
CA GLU C 723 22.47 -3.58 27.26
C GLU C 723 21.72 -4.09 28.48
N VAL C 724 20.40 -4.15 28.35
CA VAL C 724 19.52 -4.58 29.43
C VAL C 724 18.59 -5.66 28.89
N ASN C 725 18.41 -6.73 29.68
CA ASN C 725 17.53 -7.85 29.32
C ASN C 725 16.81 -8.29 30.59
N TRP C 726 15.61 -7.76 30.81
CA TRP C 726 14.86 -8.08 32.03
C TRP C 726 14.52 -9.57 32.08
N THR C 727 14.10 -10.14 30.96
CA THR C 727 13.65 -11.52 30.92
C THR C 727 14.82 -12.46 30.64
N THR C 728 14.58 -13.74 30.92
CA THR C 728 15.53 -14.81 30.60
C THR C 728 16.88 -14.56 31.28
N TRP C 729 16.84 -14.55 32.61
CA TRP C 729 18.07 -14.41 33.40
C TRP C 729 18.82 -15.74 33.44
N TYR D 198 -33.60 -38.75 -20.47
CA TYR D 198 -32.46 -38.71 -21.43
C TYR D 198 -31.21 -39.35 -20.82
N TYR D 199 -31.42 -40.27 -19.88
CA TYR D 199 -30.34 -40.99 -19.23
C TYR D 199 -29.96 -42.27 -19.99
N LYS D 200 -30.27 -42.33 -21.28
CA LYS D 200 -30.05 -43.57 -22.04
C LYS D 200 -28.58 -43.96 -21.99
N GLY D 201 -28.34 -45.27 -21.86
CA GLY D 201 -27.02 -45.80 -21.66
C GLY D 201 -26.63 -46.00 -20.21
N GLN D 202 -27.43 -45.49 -19.28
CA GLN D 202 -27.17 -45.71 -17.86
C GLN D 202 -27.37 -47.18 -17.50
N THR D 203 -26.47 -47.72 -16.69
CA THR D 203 -26.51 -49.11 -16.28
C THR D 203 -26.37 -49.21 -14.76
N ALA D 204 -26.97 -50.24 -14.19
CA ALA D 204 -26.94 -50.41 -12.74
C ALA D 204 -25.51 -50.51 -12.21
N LEU D 205 -24.58 -50.99 -13.04
CA LEU D 205 -23.19 -51.06 -12.61
C LEU D 205 -22.65 -49.68 -12.28
N HIS D 206 -22.97 -48.68 -13.11
CA HIS D 206 -22.54 -47.33 -12.84
C HIS D 206 -23.11 -46.82 -11.52
N ILE D 207 -24.39 -47.10 -11.28
CA ILE D 207 -25.03 -46.66 -10.03
C ILE D 207 -24.34 -47.30 -8.84
N ALA D 208 -24.06 -48.61 -8.93
CA ALA D 208 -23.38 -49.30 -7.84
C ALA D 208 -21.99 -48.71 -7.60
N ILE D 209 -21.26 -48.43 -8.67
CA ILE D 209 -19.92 -47.85 -8.52
C ILE D 209 -20.00 -46.50 -7.85
N GLU D 210 -21.00 -45.70 -8.23
CA GLU D 210 -21.13 -44.36 -7.64
C GLU D 210 -21.34 -44.43 -6.14
N ARG D 211 -22.15 -45.38 -5.68
CA ARG D 211 -22.50 -45.47 -4.27
C ARG D 211 -21.36 -45.96 -3.39
N ARG D 212 -20.16 -46.16 -3.94
CA ARG D 212 -19.01 -46.59 -3.15
C ARG D 212 -19.25 -47.93 -2.45
N ASN D 213 -20.02 -48.80 -3.10
CA ASN D 213 -20.37 -50.11 -2.54
C ASN D 213 -19.48 -51.17 -3.21
N MET D 214 -18.42 -51.56 -2.51
CA MET D 214 -17.50 -52.56 -3.04
C MET D 214 -18.17 -53.93 -3.12
N THR D 215 -18.80 -54.36 -2.02
CA THR D 215 -19.42 -55.68 -1.99
C THR D 215 -20.54 -55.80 -3.01
N LEU D 216 -21.38 -54.75 -3.11
CA LEU D 216 -22.48 -54.78 -4.07
C LEU D 216 -21.95 -54.82 -5.49
N VAL D 217 -20.87 -54.09 -5.76
CA VAL D 217 -20.25 -54.13 -7.09
C VAL D 217 -19.74 -55.53 -7.38
N THR D 218 -19.09 -56.16 -6.40
CA THR D 218 -18.60 -57.52 -6.59
C THR D 218 -19.73 -58.47 -6.89
N LEU D 219 -20.85 -58.36 -6.16
CA LEU D 219 -22.00 -59.21 -6.42
C LEU D 219 -22.55 -58.97 -7.81
N LEU D 220 -22.66 -57.70 -8.22
CA LEU D 220 -23.21 -57.39 -9.53
C LEU D 220 -22.33 -57.95 -10.64
N VAL D 221 -21.00 -57.83 -10.51
CA VAL D 221 -20.10 -58.32 -11.54
C VAL D 221 -19.90 -59.84 -11.46
N GLU D 222 -20.32 -60.47 -10.36
CA GLU D 222 -20.19 -61.92 -10.26
C GLU D 222 -20.99 -62.62 -11.33
N ASN D 223 -22.21 -62.15 -11.60
CA ASN D 223 -23.04 -62.74 -12.64
C ASN D 223 -22.49 -62.49 -14.05
N GLY D 224 -21.53 -61.59 -14.20
CA GLY D 224 -20.96 -61.29 -15.49
C GLY D 224 -21.39 -59.94 -16.03
N ALA D 225 -21.53 -58.96 -15.14
CA ALA D 225 -21.94 -57.63 -15.57
C ALA D 225 -20.92 -57.04 -16.54
N ASP D 226 -21.43 -56.42 -17.61
CA ASP D 226 -20.56 -55.83 -18.61
C ASP D 226 -19.81 -54.63 -18.04
N VAL D 227 -18.62 -54.40 -18.57
CA VAL D 227 -17.78 -53.29 -18.12
C VAL D 227 -17.48 -52.28 -19.23
N GLN D 228 -17.61 -52.66 -20.49
CA GLN D 228 -17.32 -51.74 -21.61
C GLN D 228 -18.55 -50.99 -22.08
N ALA D 229 -19.71 -51.20 -21.44
CA ALA D 229 -20.90 -50.45 -21.82
C ALA D 229 -20.71 -48.97 -21.52
N ALA D 230 -21.14 -48.13 -22.47
CA ALA D 230 -20.98 -46.69 -22.36
C ALA D 230 -22.34 -46.04 -22.12
N ALA D 231 -22.34 -44.96 -21.33
CA ALA D 231 -23.55 -44.21 -21.02
C ALA D 231 -23.59 -42.99 -21.94
N ASN D 232 -24.38 -43.08 -23.00
CA ASN D 232 -24.49 -42.02 -24.00
C ASN D 232 -25.60 -41.03 -23.69
N GLY D 233 -26.25 -41.15 -22.53
CA GLY D 233 -27.32 -40.23 -22.19
C GLY D 233 -26.81 -38.80 -22.09
N ASP D 234 -27.72 -37.86 -22.39
CA ASP D 234 -27.34 -36.45 -22.38
C ASP D 234 -26.85 -36.01 -21.01
N PHE D 235 -27.37 -36.62 -19.94
CA PHE D 235 -26.97 -36.22 -18.60
C PHE D 235 -25.48 -36.42 -18.37
N PHE D 236 -24.86 -37.35 -19.09
CA PHE D 236 -23.45 -37.67 -18.92
C PHE D 236 -22.56 -36.96 -19.93
N LYS D 237 -23.10 -36.03 -20.71
CA LYS D 237 -22.31 -35.32 -21.70
C LYS D 237 -21.51 -34.19 -21.06
N LYS D 238 -20.65 -33.57 -21.86
CA LYS D 238 -19.71 -32.58 -21.36
C LYS D 238 -20.40 -31.37 -20.75
N THR D 239 -21.11 -30.59 -21.58
CA THR D 239 -21.70 -29.34 -21.10
C THR D 239 -23.10 -29.10 -21.65
N LYS D 240 -23.78 -30.13 -22.16
CA LYS D 240 -25.14 -29.98 -22.66
C LYS D 240 -26.06 -29.80 -21.46
N GLY D 241 -26.43 -28.54 -21.18
CA GLY D 241 -27.18 -28.23 -19.99
C GLY D 241 -26.27 -28.05 -18.81
N ARG D 242 -26.48 -26.99 -18.02
CA ARG D 242 -25.59 -26.72 -16.90
C ARG D 242 -25.47 -27.90 -15.95
N PRO D 243 -26.56 -28.56 -15.54
CA PRO D 243 -26.40 -29.75 -14.70
C PRO D 243 -25.75 -30.89 -15.47
N GLY D 244 -25.00 -31.70 -14.74
CA GLY D 244 -24.35 -32.85 -15.34
C GLY D 244 -23.05 -33.16 -14.63
N PHE D 245 -22.36 -34.17 -15.15
CA PHE D 245 -21.08 -34.59 -14.60
C PHE D 245 -20.39 -35.48 -15.63
N TYR D 246 -19.15 -35.13 -15.98
CA TYR D 246 -18.38 -35.87 -16.96
C TYR D 246 -17.44 -36.84 -16.24
N PHE D 247 -17.46 -38.11 -16.67
CA PHE D 247 -16.63 -39.13 -16.03
C PHE D 247 -15.99 -40.08 -17.04
N GLY D 248 -15.97 -39.71 -18.33
CA GLY D 248 -15.39 -40.56 -19.34
C GLY D 248 -16.34 -41.53 -19.99
N GLU D 249 -17.57 -41.64 -19.51
CA GLU D 249 -18.63 -42.47 -20.09
C GLU D 249 -18.38 -43.96 -19.91
N LEU D 250 -17.45 -44.35 -19.05
CA LEU D 250 -17.17 -45.76 -18.81
C LEU D 250 -17.12 -46.02 -17.30
N PRO D 251 -17.55 -47.22 -16.88
CA PRO D 251 -17.58 -47.48 -15.43
C PRO D 251 -16.22 -47.39 -14.77
N LEU D 252 -15.17 -47.87 -15.44
CA LEU D 252 -13.83 -47.78 -14.86
C LEU D 252 -13.38 -46.34 -14.73
N SER D 253 -13.69 -45.50 -15.72
CA SER D 253 -13.38 -44.08 -15.61
C SER D 253 -14.19 -43.44 -14.48
N LEU D 254 -15.45 -43.84 -14.34
CA LEU D 254 -16.28 -43.31 -13.26
C LEU D 254 -15.67 -43.65 -11.91
N ALA D 255 -15.22 -44.89 -11.73
CA ALA D 255 -14.58 -45.26 -10.48
C ALA D 255 -13.29 -44.48 -10.27
N ALA D 256 -12.49 -44.33 -11.33
CA ALA D 256 -11.22 -43.62 -11.19
C ALA D 256 -11.42 -42.17 -10.76
N CYS D 257 -12.40 -41.50 -11.37
CA CYS D 257 -12.64 -40.09 -11.08
C CYS D 257 -13.36 -39.86 -9.75
N THR D 258 -13.84 -40.91 -9.09
CA THR D 258 -14.70 -40.77 -7.93
C THR D 258 -14.02 -41.18 -6.63
N ASN D 259 -12.69 -41.21 -6.60
CA ASN D 259 -11.95 -41.51 -5.36
C ASN D 259 -12.26 -42.93 -4.86
N GLN D 260 -12.12 -43.91 -5.76
CA GLN D 260 -12.23 -45.32 -5.40
C GLN D 260 -11.06 -46.05 -6.05
N LEU D 261 -9.93 -46.10 -5.35
CA LEU D 261 -8.77 -46.79 -5.88
C LEU D 261 -8.93 -48.30 -5.76
N ALA D 262 -9.50 -48.76 -4.64
CA ALA D 262 -9.72 -50.19 -4.46
C ALA D 262 -10.64 -50.75 -5.52
N ILE D 263 -11.71 -50.03 -5.86
CA ILE D 263 -12.62 -50.49 -6.89
C ILE D 263 -11.91 -50.51 -8.25
N VAL D 264 -11.04 -49.53 -8.50
CA VAL D 264 -10.29 -49.52 -9.75
C VAL D 264 -9.40 -50.75 -9.84
N LYS D 265 -8.70 -51.06 -8.75
CA LYS D 265 -7.85 -52.25 -8.75
C LYS D 265 -8.67 -53.51 -8.96
N PHE D 266 -9.82 -53.61 -8.29
CA PHE D 266 -10.66 -54.79 -8.44
C PHE D 266 -11.14 -54.94 -9.88
N LEU D 267 -11.59 -53.84 -10.48
CA LEU D 267 -12.04 -53.89 -11.87
C LEU D 267 -10.93 -54.29 -12.81
N LEU D 268 -9.72 -53.76 -12.57
CA LEU D 268 -8.61 -54.04 -13.48
C LEU D 268 -8.10 -55.46 -13.35
N GLN D 269 -8.12 -56.02 -12.15
CA GLN D 269 -7.57 -57.34 -11.87
C GLN D 269 -8.62 -58.30 -11.35
N ASN D 270 -9.80 -58.29 -11.99
CA ASN D 270 -10.87 -59.23 -11.62
C ASN D 270 -10.62 -60.53 -12.38
N SER D 271 -11.07 -61.65 -11.82
CA SER D 271 -10.99 -62.95 -12.46
C SER D 271 -12.23 -63.31 -13.26
N TRP D 272 -13.29 -62.49 -13.18
CA TRP D 272 -14.50 -62.77 -13.95
C TRP D 272 -14.36 -62.27 -15.39
N GLN D 273 -14.17 -60.97 -15.55
CA GLN D 273 -14.04 -60.35 -16.87
C GLN D 273 -13.02 -59.23 -16.79
N PRO D 274 -11.84 -59.38 -17.38
CA PRO D 274 -10.83 -58.31 -17.29
C PRO D 274 -11.36 -57.00 -17.88
N ALA D 275 -10.98 -55.91 -17.24
CA ALA D 275 -11.42 -54.57 -17.64
C ALA D 275 -10.37 -53.94 -18.54
N ASP D 276 -10.79 -53.53 -19.73
CA ASP D 276 -9.87 -52.90 -20.67
C ASP D 276 -9.47 -51.51 -20.17
N ILE D 277 -8.18 -51.22 -20.21
CA ILE D 277 -7.67 -49.93 -19.75
C ILE D 277 -7.43 -48.94 -20.89
N SER D 278 -7.24 -49.43 -22.12
CA SER D 278 -7.03 -48.57 -23.27
C SER D 278 -8.32 -48.24 -23.99
N ALA D 279 -9.47 -48.66 -23.46
CA ALA D 279 -10.74 -48.42 -24.13
C ALA D 279 -10.95 -46.92 -24.34
N ARG D 280 -11.40 -46.56 -25.53
CA ARG D 280 -11.67 -45.18 -25.90
C ARG D 280 -13.16 -45.00 -26.11
N ASP D 281 -13.76 -44.04 -25.41
CA ASP D 281 -15.19 -43.82 -25.46
C ASP D 281 -15.55 -43.14 -26.79
N SER D 282 -16.82 -42.75 -26.92
CA SER D 282 -17.27 -42.15 -28.18
C SER D 282 -16.50 -40.88 -28.50
N VAL D 283 -16.29 -40.02 -27.51
CA VAL D 283 -15.54 -38.79 -27.72
C VAL D 283 -14.03 -39.01 -27.76
N GLY D 284 -13.59 -40.26 -27.63
CA GLY D 284 -12.17 -40.57 -27.72
C GLY D 284 -11.37 -40.32 -26.48
N ASN D 285 -12.01 -40.09 -25.34
CA ASN D 285 -11.33 -39.77 -24.09
C ASN D 285 -11.14 -41.04 -23.27
N THR D 286 -9.92 -41.27 -22.82
CA THR D 286 -9.57 -42.41 -21.99
C THR D 286 -9.57 -41.99 -20.52
N VAL D 287 -9.06 -42.88 -19.66
CA VAL D 287 -9.04 -42.60 -18.22
C VAL D 287 -8.22 -41.33 -17.94
N LEU D 288 -7.06 -41.23 -18.56
CA LEU D 288 -6.21 -40.06 -18.33
C LEU D 288 -6.91 -38.78 -18.75
N HIS D 289 -7.62 -38.81 -19.88
CA HIS D 289 -8.35 -37.63 -20.32
C HIS D 289 -9.42 -37.24 -19.31
N ALA D 290 -10.14 -38.23 -18.77
CA ALA D 290 -11.14 -37.92 -17.75
C ALA D 290 -10.50 -37.31 -16.51
N LEU D 291 -9.37 -37.88 -16.08
CA LEU D 291 -8.68 -37.32 -14.92
C LEU D 291 -8.26 -35.88 -15.17
N VAL D 292 -7.80 -35.58 -16.38
CA VAL D 292 -7.44 -34.21 -16.71
C VAL D 292 -8.68 -33.31 -16.67
N GLU D 293 -9.78 -33.77 -17.24
CA GLU D 293 -10.99 -32.96 -17.27
C GLU D 293 -11.48 -32.63 -15.87
N VAL D 294 -11.54 -33.63 -14.99
CA VAL D 294 -12.17 -33.43 -13.69
C VAL D 294 -11.37 -32.53 -12.76
N ALA D 295 -10.13 -32.21 -13.11
CA ALA D 295 -9.32 -31.34 -12.25
C ALA D 295 -9.81 -29.90 -12.32
N ASP D 296 -9.77 -29.21 -11.19
CA ASP D 296 -10.15 -27.80 -11.11
C ASP D 296 -9.03 -26.91 -10.63
N ASN D 297 -7.79 -27.42 -10.56
CA ASN D 297 -6.62 -26.64 -10.18
C ASN D 297 -6.73 -26.19 -8.72
N THR D 298 -7.10 -27.12 -7.84
CA THR D 298 -7.15 -26.90 -6.41
C THR D 298 -6.17 -27.84 -5.73
N VAL D 299 -5.60 -27.38 -4.60
CA VAL D 299 -4.52 -28.13 -3.96
C VAL D 299 -4.98 -29.54 -3.62
N ASP D 300 -6.12 -29.65 -2.94
CA ASP D 300 -6.62 -30.98 -2.57
C ASP D 300 -7.00 -31.79 -3.80
N ASN D 301 -7.77 -31.19 -4.72
CA ASN D 301 -8.14 -31.89 -5.94
C ASN D 301 -6.91 -32.19 -6.79
N THR D 302 -5.95 -31.27 -6.83
CA THR D 302 -4.72 -31.52 -7.58
C THR D 302 -3.98 -32.73 -7.03
N LYS D 303 -3.82 -32.80 -5.72
CA LYS D 303 -3.14 -33.94 -5.11
C LYS D 303 -3.90 -35.23 -5.39
N PHE D 304 -5.23 -35.19 -5.24
CA PHE D 304 -6.05 -36.35 -5.56
C PHE D 304 -5.84 -36.81 -7.00
N VAL D 305 -5.91 -35.89 -7.96
CA VAL D 305 -5.87 -36.27 -9.36
C VAL D 305 -4.49 -36.80 -9.71
N THR D 306 -3.43 -36.17 -9.20
CA THR D 306 -2.09 -36.67 -9.49
C THR D 306 -1.87 -38.05 -8.88
N SER D 307 -2.36 -38.28 -7.66
CA SER D 307 -2.21 -39.61 -7.06
C SER D 307 -2.95 -40.66 -7.87
N MET D 308 -4.18 -40.36 -8.26
CA MET D 308 -4.95 -41.32 -9.05
C MET D 308 -4.29 -41.58 -10.39
N TYR D 309 -3.78 -40.53 -11.03
CA TYR D 309 -3.08 -40.68 -12.30
C TYR D 309 -1.86 -41.57 -12.14
N ASN D 310 -1.08 -41.35 -11.09
CA ASN D 310 0.09 -42.18 -10.85
C ASN D 310 -0.30 -43.63 -10.66
N GLU D 311 -1.33 -43.89 -9.86
CA GLU D 311 -1.73 -45.26 -9.58
C GLU D 311 -2.22 -45.96 -10.85
N ILE D 312 -3.08 -45.29 -11.62
CA ILE D 312 -3.62 -45.90 -12.83
C ILE D 312 -2.50 -46.14 -13.84
N LEU D 313 -1.57 -45.19 -13.96
CA LEU D 313 -0.46 -45.38 -14.89
C LEU D 313 0.39 -46.57 -14.47
N ILE D 314 0.68 -46.70 -13.17
CA ILE D 314 1.48 -47.82 -12.70
C ILE D 314 0.76 -49.14 -13.00
N LEU D 315 -0.54 -49.20 -12.71
CA LEU D 315 -1.28 -50.43 -12.96
C LEU D 315 -1.28 -50.77 -14.44
N GLY D 316 -1.51 -49.79 -15.31
CA GLY D 316 -1.48 -50.04 -16.74
C GLY D 316 -0.12 -50.53 -17.20
N ALA D 317 0.96 -49.94 -16.69
CA ALA D 317 2.29 -50.38 -17.07
C ALA D 317 2.53 -51.82 -16.64
N LYS D 318 2.14 -52.17 -15.42
CA LYS D 318 2.36 -53.54 -14.96
C LYS D 318 1.54 -54.53 -15.76
N LEU D 319 0.28 -54.19 -16.05
CA LEU D 319 -0.61 -55.15 -16.72
C LEU D 319 -0.14 -55.43 -18.15
N HIS D 320 0.11 -54.38 -18.92
CA HIS D 320 0.50 -54.51 -20.33
C HIS D 320 1.69 -53.60 -20.59
N PRO D 321 2.88 -53.95 -20.12
CA PRO D 321 4.05 -53.09 -20.36
C PRO D 321 4.34 -52.88 -21.83
N THR D 322 3.95 -53.82 -22.69
CA THR D 322 4.23 -53.70 -24.12
C THR D 322 3.43 -52.60 -24.79
N LEU D 323 2.42 -52.04 -24.13
CA LEU D 323 1.54 -51.05 -24.72
C LEU D 323 1.90 -49.66 -24.21
N LYS D 324 2.14 -48.74 -25.14
CA LYS D 324 2.35 -47.34 -24.78
C LYS D 324 0.99 -46.68 -24.55
N LEU D 325 0.85 -46.01 -23.41
CA LEU D 325 -0.44 -45.49 -22.96
C LEU D 325 -0.59 -44.00 -23.24
N GLU D 326 0.34 -43.19 -22.79
CA GLU D 326 0.15 -41.73 -22.90
C GLU D 326 0.11 -41.31 -24.36
N GLU D 327 0.90 -41.90 -25.24
CA GLU D 327 1.03 -41.40 -26.60
C GLU D 327 -0.29 -41.40 -27.36
N ILE D 328 -1.29 -42.14 -26.89
CA ILE D 328 -2.54 -42.23 -27.63
C ILE D 328 -3.21 -40.85 -27.72
N THR D 329 -4.15 -40.73 -28.64
CA THR D 329 -4.85 -39.48 -28.88
C THR D 329 -6.35 -39.74 -29.02
N ASN D 330 -7.13 -38.71 -28.77
CA ASN D 330 -8.59 -38.78 -28.86
C ASN D 330 -9.02 -38.40 -30.28
N ARG D 331 -10.34 -38.27 -30.49
CA ARG D 331 -10.83 -37.82 -31.77
C ARG D 331 -10.35 -36.40 -32.06
N LYS D 332 -10.29 -35.55 -31.03
CA LYS D 332 -9.71 -34.23 -31.19
C LYS D 332 -8.22 -34.30 -31.53
N GLY D 333 -7.59 -35.44 -31.33
CA GLY D 333 -6.17 -35.59 -31.60
C GLY D 333 -5.27 -34.89 -30.60
N LEU D 334 -5.64 -34.93 -29.31
CA LEU D 334 -4.88 -34.29 -28.25
C LEU D 334 -4.42 -35.35 -27.26
N THR D 335 -3.12 -35.37 -26.98
CA THR D 335 -2.59 -36.27 -25.98
C THR D 335 -2.99 -35.79 -24.58
N PRO D 336 -2.94 -36.68 -23.58
CA PRO D 336 -3.31 -36.23 -22.22
C PRO D 336 -2.51 -35.04 -21.76
N LEU D 337 -1.20 -35.02 -22.03
CA LEU D 337 -0.41 -33.83 -21.72
C LEU D 337 -0.88 -32.64 -22.53
N ALA D 338 -1.15 -32.85 -23.82
CA ALA D 338 -1.65 -31.78 -24.66
C ALA D 338 -3.00 -31.28 -24.18
N LEU D 339 -3.89 -32.20 -23.80
CA LEU D 339 -5.19 -31.79 -23.28
C LEU D 339 -5.03 -30.98 -22.01
N ALA D 340 -4.16 -31.43 -21.10
CA ALA D 340 -3.96 -30.69 -19.85
C ALA D 340 -3.43 -29.29 -20.14
N ALA D 341 -2.46 -29.19 -21.05
CA ALA D 341 -1.91 -27.87 -21.38
C ALA D 341 -2.98 -26.97 -21.99
N SER D 342 -3.80 -27.52 -22.91
CA SER D 342 -4.80 -26.70 -23.58
C SER D 342 -5.85 -26.19 -22.60
N SER D 343 -6.28 -27.02 -21.66
CA SER D 343 -7.31 -26.64 -20.70
C SER D 343 -6.75 -25.84 -19.53
N GLY D 344 -5.44 -25.65 -19.45
CA GLY D 344 -4.87 -24.85 -18.39
C GLY D 344 -4.82 -25.50 -17.03
N LYS D 345 -4.84 -26.83 -16.98
CA LYS D 345 -4.78 -27.55 -15.71
C LYS D 345 -3.33 -27.49 -15.22
N ILE D 346 -3.04 -26.49 -14.39
CA ILE D 346 -1.65 -26.27 -13.96
C ILE D 346 -1.13 -27.44 -13.16
N GLY D 347 -1.94 -27.99 -12.26
CA GLY D 347 -1.45 -29.05 -11.38
C GLY D 347 -1.05 -30.30 -12.14
N VAL D 348 -1.92 -30.73 -13.07
CA VAL D 348 -1.64 -31.96 -13.81
C VAL D 348 -0.38 -31.80 -14.65
N LEU D 349 -0.26 -30.67 -15.35
CA LEU D 349 0.92 -30.44 -16.17
C LEU D 349 2.18 -30.37 -15.30
N ALA D 350 2.09 -29.70 -14.15
CA ALA D 350 3.25 -29.60 -13.28
C ALA D 350 3.69 -30.98 -12.80
N TYR D 351 2.73 -31.84 -12.44
CA TYR D 351 3.09 -33.19 -12.01
C TYR D 351 3.71 -33.98 -13.16
N ILE D 352 3.07 -33.95 -14.33
CA ILE D 352 3.55 -34.76 -15.46
C ILE D 352 4.95 -34.35 -15.85
N LEU D 353 5.23 -33.04 -15.90
CA LEU D 353 6.56 -32.59 -16.29
C LEU D 353 7.61 -32.91 -15.26
N GLN D 354 7.24 -33.39 -14.10
CA GLN D 354 8.22 -33.64 -13.01
C GLN D 354 7.92 -34.99 -12.40
N ARG D 355 7.52 -35.97 -13.22
CA ARG D 355 7.23 -37.31 -12.72
C ARG D 355 8.50 -37.99 -12.27
N GLU D 356 8.44 -38.65 -11.12
CA GLU D 356 9.59 -39.37 -10.57
C GLU D 356 9.07 -40.58 -9.80
N ILE D 357 9.40 -41.78 -10.28
CA ILE D 357 8.94 -43.03 -9.69
C ILE D 357 10.13 -43.70 -9.02
N HIS D 358 9.96 -44.07 -7.75
CA HIS D 358 11.04 -44.61 -6.93
C HIS D 358 10.84 -46.08 -6.60
N GLU D 359 10.37 -46.86 -7.57
CA GLU D 359 10.28 -48.30 -7.41
C GLU D 359 10.72 -48.97 -8.71
N PRO D 360 11.27 -50.18 -8.63
CA PRO D 360 11.88 -50.79 -9.81
C PRO D 360 10.85 -51.24 -10.84
N GLU D 361 11.33 -51.41 -12.07
CA GLU D 361 10.59 -51.95 -13.21
C GLU D 361 9.64 -50.91 -13.82
N CYS D 362 9.63 -49.67 -13.33
CA CYS D 362 8.76 -48.65 -13.91
C CYS D 362 9.45 -47.30 -14.06
N ARG D 363 10.78 -47.24 -13.89
CA ARG D 363 11.48 -45.96 -13.99
C ARG D 363 11.30 -45.34 -15.37
N HIS D 364 11.15 -46.17 -16.40
CA HIS D 364 11.02 -45.64 -17.76
C HIS D 364 9.79 -44.75 -17.89
N LEU D 365 8.76 -44.98 -17.06
CA LEU D 365 7.57 -44.13 -17.12
C LEU D 365 7.89 -42.71 -16.67
N SER D 366 8.73 -42.55 -15.66
CA SER D 366 9.01 -41.23 -15.11
C SER D 366 9.72 -40.37 -16.16
N ARG D 367 9.50 -39.06 -16.06
CA ARG D 367 10.12 -38.10 -16.97
C ARG D 367 11.34 -37.41 -16.39
N LYS D 368 11.56 -37.49 -15.08
CA LYS D 368 12.69 -36.87 -14.41
C LYS D 368 13.64 -37.96 -13.92
N PHE D 369 14.92 -37.79 -14.24
CA PHE D 369 15.95 -38.75 -13.86
C PHE D 369 17.12 -38.00 -13.23
N THR D 370 17.82 -38.68 -12.32
CA THR D 370 18.97 -38.14 -11.63
C THR D 370 20.23 -38.78 -12.21
N GLU D 371 21.01 -37.98 -12.95
CA GLU D 371 22.22 -38.51 -13.55
C GLU D 371 23.21 -38.98 -12.48
N TRP D 372 23.37 -38.19 -11.42
CA TRP D 372 24.25 -38.55 -10.32
C TRP D 372 23.98 -37.58 -9.18
N ALA D 373 24.65 -37.80 -8.06
CA ALA D 373 24.48 -36.95 -6.87
C ALA D 373 25.76 -37.00 -6.06
N TYR D 374 26.55 -35.93 -6.13
CA TYR D 374 27.80 -35.81 -5.41
C TYR D 374 27.65 -34.74 -4.34
N GLY D 375 27.92 -35.10 -3.09
CA GLY D 375 27.81 -34.18 -1.98
C GLY D 375 26.40 -33.61 -1.88
N PRO D 376 26.26 -32.30 -1.71
CA PRO D 376 24.94 -31.68 -1.69
C PRO D 376 24.43 -31.17 -3.03
N VAL D 377 25.12 -31.47 -4.13
CA VAL D 377 24.72 -31.03 -5.46
C VAL D 377 24.49 -32.26 -6.33
N HIS D 378 23.35 -32.32 -7.00
CA HIS D 378 23.02 -33.43 -7.88
C HIS D 378 22.38 -32.88 -9.15
N SER D 379 22.77 -33.45 -10.29
CA SER D 379 22.23 -33.05 -11.57
C SER D 379 20.96 -33.83 -11.88
N SER D 380 20.07 -33.21 -12.64
CA SER D 380 18.79 -33.81 -13.00
C SER D 380 18.56 -33.68 -14.50
N LEU D 381 17.79 -34.63 -15.04
CA LEU D 381 17.45 -34.66 -16.45
C LEU D 381 15.94 -34.64 -16.62
N TYR D 382 15.47 -33.85 -17.58
CA TYR D 382 14.05 -33.73 -17.88
C TYR D 382 13.79 -34.19 -19.30
N ASP D 383 12.70 -34.93 -19.48
CA ASP D 383 12.34 -35.46 -20.80
C ASP D 383 11.64 -34.38 -21.61
N LEU D 384 12.14 -34.11 -22.81
CA LEU D 384 11.59 -33.09 -23.68
C LEU D 384 10.80 -33.67 -24.85
N SER D 385 10.45 -34.95 -24.80
CA SER D 385 9.66 -35.55 -25.88
C SER D 385 8.36 -34.79 -26.04
N CYS D 386 8.01 -34.48 -27.29
CA CYS D 386 6.80 -33.76 -27.64
C CYS D 386 6.56 -32.59 -26.68
N ILE D 387 7.53 -31.67 -26.66
CA ILE D 387 7.48 -30.47 -25.84
C ILE D 387 7.63 -29.20 -26.67
N ASP D 388 8.66 -29.14 -27.51
CA ASP D 388 8.97 -27.95 -28.30
C ASP D 388 8.64 -28.10 -29.77
N THR D 389 9.03 -29.20 -30.40
CA THR D 389 8.74 -29.43 -31.81
C THR D 389 8.22 -30.85 -31.99
N CYS D 390 7.01 -30.98 -32.53
CA CYS D 390 6.41 -32.28 -32.78
C CYS D 390 5.75 -32.39 -34.15
N GLU D 391 5.51 -31.28 -34.84
CA GLU D 391 4.88 -31.19 -36.15
C GLU D 391 3.38 -31.41 -36.10
N LYS D 392 2.82 -31.84 -34.95
CA LYS D 392 1.38 -31.94 -34.79
C LYS D 392 0.87 -31.02 -33.69
N ASN D 393 1.37 -31.17 -32.47
CA ASN D 393 0.97 -30.32 -31.35
C ASN D 393 1.99 -30.46 -30.24
N SER D 394 2.68 -29.38 -29.91
CA SER D 394 3.67 -29.37 -28.84
C SER D 394 3.14 -28.57 -27.66
N VAL D 395 3.65 -28.89 -26.48
CA VAL D 395 3.18 -28.22 -25.26
C VAL D 395 3.44 -26.72 -25.35
N LEU D 396 4.65 -26.34 -25.77
CA LEU D 396 4.95 -24.93 -25.91
C LEU D 396 4.05 -24.27 -26.96
N GLU D 397 3.85 -24.94 -28.09
CA GLU D 397 2.97 -24.39 -29.11
C GLU D 397 1.53 -24.26 -28.59
N VAL D 398 1.05 -25.28 -27.88
CA VAL D 398 -0.33 -25.25 -27.41
C VAL D 398 -0.52 -24.14 -26.40
N ILE D 399 0.40 -24.03 -25.43
CA ILE D 399 0.26 -23.00 -24.40
C ILE D 399 0.42 -21.62 -24.99
N ALA D 400 1.35 -21.46 -25.93
CA ALA D 400 1.61 -20.14 -26.49
C ALA D 400 0.39 -19.59 -27.22
N TYR D 401 -0.17 -20.38 -28.14
CA TYR D 401 -1.25 -19.91 -29.01
C TYR D 401 -2.63 -20.06 -28.37
N SER D 402 -2.72 -20.59 -27.15
CA SER D 402 -4.00 -20.71 -26.49
C SER D 402 -4.61 -19.33 -26.26
N SER D 403 -5.93 -19.25 -26.39
CA SER D 403 -6.63 -18.00 -26.16
C SER D 403 -6.59 -17.63 -24.68
N SER D 404 -6.88 -16.36 -24.39
CA SER D 404 -6.87 -15.90 -23.01
C SER D 404 -7.91 -16.59 -22.16
N GLU D 405 -8.89 -17.25 -22.78
CA GLU D 405 -9.89 -17.98 -22.01
C GLU D 405 -9.27 -19.11 -21.20
N THR D 406 -8.07 -19.54 -21.54
CA THR D 406 -7.39 -20.54 -20.74
C THR D 406 -7.18 -20.01 -19.33
N PRO D 407 -7.58 -20.76 -18.29
CA PRO D 407 -7.63 -20.15 -16.94
C PRO D 407 -6.32 -19.54 -16.47
N ASN D 408 -5.18 -20.18 -16.73
CA ASN D 408 -3.93 -19.83 -16.07
C ASN D 408 -2.77 -19.80 -17.07
N ARG D 409 -3.00 -19.21 -18.23
CA ARG D 409 -1.96 -19.23 -19.27
C ARG D 409 -0.69 -18.55 -18.79
N HIS D 410 -0.81 -17.48 -17.98
CA HIS D 410 0.36 -16.69 -17.63
C HIS D 410 1.36 -17.51 -16.80
N ASP D 411 0.89 -18.13 -15.72
CA ASP D 411 1.79 -18.72 -14.73
C ASP D 411 2.21 -20.14 -15.07
N MET D 412 1.59 -20.78 -16.06
CA MET D 412 1.99 -22.14 -16.41
C MET D 412 3.44 -22.22 -16.87
N LEU D 413 4.01 -21.10 -17.32
CA LEU D 413 5.42 -21.10 -17.70
C LEU D 413 6.36 -21.05 -16.51
N LEU D 414 5.83 -20.89 -15.30
CA LEU D 414 6.66 -20.98 -14.11
C LEU D 414 7.23 -22.38 -13.91
N VAL D 415 6.69 -23.38 -14.59
CA VAL D 415 7.22 -24.73 -14.48
C VAL D 415 8.71 -24.71 -14.82
N GLU D 416 9.50 -25.45 -14.03
CA GLU D 416 10.95 -25.35 -14.08
C GLU D 416 11.50 -25.73 -15.46
N PRO D 417 11.21 -26.92 -15.98
CA PRO D 417 11.76 -27.28 -17.30
C PRO D 417 11.37 -26.32 -18.39
N LEU D 418 10.10 -25.86 -18.41
CA LEU D 418 9.67 -24.94 -19.46
C LEU D 418 10.43 -23.63 -19.38
N ASN D 419 10.52 -23.05 -18.18
CA ASN D 419 11.20 -21.78 -18.02
C ASN D 419 12.67 -21.89 -18.42
N ARG D 420 13.35 -22.92 -17.93
CA ARG D 420 14.76 -23.07 -18.25
C ARG D 420 14.97 -23.31 -19.74
N LEU D 421 14.10 -24.12 -20.36
CA LEU D 421 14.23 -24.36 -21.79
C LEU D 421 14.05 -23.09 -22.59
N LEU D 422 13.06 -22.28 -22.23
CA LEU D 422 12.85 -21.02 -22.94
C LEU D 422 14.06 -20.11 -22.78
N GLN D 423 14.59 -19.99 -21.55
CA GLN D 423 15.75 -19.15 -21.33
C GLN D 423 16.93 -19.64 -22.17
N ASP D 424 17.15 -20.95 -22.22
CA ASP D 424 18.27 -21.49 -22.97
C ASP D 424 18.12 -21.20 -24.46
N LYS D 425 16.93 -21.44 -25.02
CA LYS D 425 16.71 -21.17 -26.43
C LYS D 425 16.98 -19.70 -26.74
N TRP D 426 16.43 -18.82 -25.89
CA TRP D 426 16.61 -17.39 -26.06
C TRP D 426 18.09 -17.08 -26.14
N ASP D 427 18.81 -17.33 -25.04
CA ASP D 427 20.21 -16.96 -24.95
C ASP D 427 21.06 -17.68 -25.99
N ARG D 428 20.58 -18.77 -26.56
CA ARG D 428 21.36 -19.49 -27.55
C ARG D 428 21.30 -18.80 -28.90
N PHE D 429 20.10 -18.61 -29.46
CA PHE D 429 20.02 -17.94 -30.77
C PHE D 429 18.95 -16.88 -30.90
N VAL D 430 17.91 -16.88 -30.08
CA VAL D 430 16.81 -15.96 -30.35
C VAL D 430 17.23 -14.54 -30.01
N LYS D 431 18.13 -14.38 -29.05
CA LYS D 431 18.63 -13.05 -28.74
C LYS D 431 19.28 -12.41 -29.96
N ARG D 432 20.16 -13.15 -30.63
CA ARG D 432 20.83 -12.60 -31.81
C ARG D 432 19.84 -12.34 -32.93
N ILE D 433 18.93 -13.28 -33.19
CA ILE D 433 17.98 -13.07 -34.28
C ILE D 433 17.11 -11.85 -33.99
N PHE D 434 16.64 -11.73 -32.74
CA PHE D 434 15.77 -10.62 -32.37
C PHE D 434 16.51 -9.29 -32.49
N TYR D 435 17.78 -9.24 -32.06
CA TYR D 435 18.53 -8.00 -32.19
C TYR D 435 18.72 -7.61 -33.64
N PHE D 436 19.00 -8.59 -34.51
CA PHE D 436 19.14 -8.28 -35.93
C PHE D 436 17.83 -7.74 -36.49
N ASN D 437 16.71 -8.36 -36.13
CA ASN D 437 15.41 -7.87 -36.61
C ASN D 437 15.15 -6.45 -36.11
N PHE D 438 15.48 -6.18 -34.85
CA PHE D 438 15.28 -4.84 -34.31
C PHE D 438 16.12 -3.82 -35.07
N PHE D 439 17.37 -4.16 -35.36
CA PHE D 439 18.23 -3.24 -36.11
C PHE D 439 17.66 -2.98 -37.50
N VAL D 440 17.19 -4.03 -38.17
CA VAL D 440 16.64 -3.86 -39.52
C VAL D 440 15.40 -2.96 -39.47
N TYR D 441 14.52 -3.19 -38.50
CA TYR D 441 13.32 -2.37 -38.40
C TYR D 441 13.66 -0.92 -38.09
N CYS D 442 14.66 -0.70 -37.23
CA CYS D 442 15.07 0.66 -36.93
C CYS D 442 15.60 1.36 -38.17
N LEU D 443 16.40 0.66 -38.98
CA LEU D 443 16.86 1.25 -40.23
C LEU D 443 15.68 1.57 -41.13
N TYR D 444 14.71 0.66 -41.21
CA TYR D 444 13.51 0.93 -42.00
C TYR D 444 12.82 2.21 -41.55
N MET D 445 12.64 2.37 -40.23
CA MET D 445 11.92 3.54 -39.74
C MET D 445 12.70 4.81 -40.00
N ILE D 446 14.02 4.78 -39.85
CA ILE D 446 14.82 5.97 -40.15
C ILE D 446 14.68 6.34 -41.62
N ILE D 447 14.75 5.34 -42.51
CA ILE D 447 14.64 5.62 -43.94
C ILE D 447 13.26 6.19 -44.25
N PHE D 448 12.21 5.63 -43.66
CA PHE D 448 10.86 6.11 -43.91
C PHE D 448 10.71 7.56 -43.43
N THR D 449 11.22 7.86 -42.24
CA THR D 449 11.13 9.23 -41.73
C THR D 449 11.88 10.19 -42.64
N ALA D 450 13.08 9.82 -43.08
CA ALA D 450 13.83 10.69 -43.96
C ALA D 450 13.10 10.93 -45.28
N ALA D 451 12.53 9.86 -45.86
CA ALA D 451 11.82 10.00 -47.12
C ALA D 451 10.59 10.89 -46.96
N ALA D 452 9.83 10.70 -45.88
CA ALA D 452 8.61 11.49 -45.71
C ALA D 452 8.93 12.94 -45.41
N TYR D 453 9.98 13.20 -44.62
CA TYR D 453 10.27 14.56 -44.20
C TYR D 453 10.58 15.46 -45.38
N TYR D 454 11.30 14.94 -46.37
CA TYR D 454 11.73 15.72 -47.53
C TYR D 454 10.76 15.65 -48.69
N ARG D 455 9.47 15.44 -48.42
CA ARG D 455 8.51 15.35 -49.51
C ARG D 455 8.45 16.68 -50.25
N PRO D 456 8.25 16.67 -51.56
CA PRO D 456 8.17 17.93 -52.30
C PRO D 456 6.83 18.63 -52.06
N VAL D 457 6.83 19.93 -52.33
CA VAL D 457 5.65 20.77 -52.16
C VAL D 457 5.44 21.50 -53.50
N GLU D 458 4.67 20.88 -54.39
CA GLU D 458 4.26 21.52 -55.64
C GLU D 458 2.78 21.33 -55.87
N GLY D 459 2.21 20.26 -55.31
CA GLY D 459 0.80 19.97 -55.45
C GLY D 459 0.49 19.07 -56.63
N LEU D 460 -0.68 18.45 -56.58
CA LEU D 460 -1.15 17.59 -57.66
C LEU D 460 -0.12 16.53 -57.98
N PRO D 461 0.06 15.53 -57.13
CA PRO D 461 1.04 14.47 -57.40
C PRO D 461 0.57 13.58 -58.54
N PRO D 462 1.43 12.70 -59.06
CA PRO D 462 2.83 12.49 -58.65
C PRO D 462 3.76 13.56 -59.19
N TYR D 463 5.01 13.55 -58.75
CA TYR D 463 6.00 14.55 -59.12
C TYR D 463 7.10 13.91 -59.94
N LYS D 464 7.46 14.54 -61.05
CA LYS D 464 8.58 14.07 -61.85
C LYS D 464 9.88 14.19 -61.07
N LEU D 465 10.71 13.17 -61.16
CA LEU D 465 11.98 13.15 -60.44
C LEU D 465 13.07 13.82 -61.28
N LYS D 466 13.72 14.82 -60.68
CA LYS D 466 14.79 15.54 -61.36
C LYS D 466 16.07 14.71 -61.36
N ASN D 467 17.01 15.11 -62.20
CA ASN D 467 18.30 14.42 -62.31
C ASN D 467 19.27 14.99 -61.28
N THR D 468 18.97 14.70 -60.02
CA THR D 468 19.75 15.18 -58.89
C THR D 468 19.91 14.06 -57.88
N VAL D 469 20.99 14.13 -57.09
CA VAL D 469 21.26 13.10 -56.10
C VAL D 469 20.14 13.06 -55.06
N GLY D 470 19.70 14.23 -54.60
CA GLY D 470 18.65 14.26 -53.59
C GLY D 470 17.37 13.60 -54.05
N ASP D 471 16.98 13.85 -55.31
CA ASP D 471 15.78 13.22 -55.84
C ASP D 471 15.92 11.70 -55.89
N TYR D 472 17.10 11.22 -56.29
CA TYR D 472 17.34 9.78 -56.33
C TYR D 472 17.22 9.18 -54.94
N PHE D 473 17.82 9.83 -53.94
CA PHE D 473 17.72 9.32 -52.57
C PHE D 473 16.28 9.32 -52.10
N ARG D 474 15.53 10.39 -52.38
CA ARG D 474 14.13 10.44 -51.96
C ARG D 474 13.33 9.32 -52.61
N VAL D 475 13.55 9.08 -53.91
CA VAL D 475 12.78 8.07 -54.61
C VAL D 475 13.09 6.68 -54.05
N THR D 476 14.37 6.39 -53.85
CA THR D 476 14.72 5.07 -53.31
C THR D 476 14.18 4.89 -51.90
N GLY D 477 14.22 5.95 -51.08
CA GLY D 477 13.66 5.86 -49.75
C GLY D 477 12.16 5.59 -49.78
N GLU D 478 11.44 6.29 -50.66
CA GLU D 478 10.00 6.05 -50.76
C GLU D 478 9.72 4.62 -51.22
N ILE D 479 10.50 4.12 -52.18
CA ILE D 479 10.29 2.75 -52.64
C ILE D 479 10.53 1.77 -51.51
N LEU D 480 11.60 1.96 -50.74
CA LEU D 480 11.86 1.07 -49.61
C LEU D 480 10.74 1.12 -48.60
N SER D 481 10.23 2.32 -48.29
CA SER D 481 9.15 2.43 -47.32
C SER D 481 7.91 1.70 -47.79
N VAL D 482 7.55 1.86 -49.07
CA VAL D 482 6.37 1.19 -49.59
C VAL D 482 6.57 -0.32 -49.57
N SER D 483 7.78 -0.78 -49.93
CA SER D 483 8.04 -2.22 -49.90
C SER D 483 7.90 -2.78 -48.49
N GLY D 484 8.44 -2.07 -47.50
CA GLY D 484 8.28 -2.52 -46.13
C GLY D 484 6.84 -2.55 -45.69
N GLY D 485 6.06 -1.54 -46.09
CA GLY D 485 4.64 -1.55 -45.77
C GLY D 485 3.94 -2.75 -46.36
N VAL D 486 4.22 -3.06 -47.63
CA VAL D 486 3.61 -4.22 -48.27
C VAL D 486 4.01 -5.50 -47.55
N TYR D 487 5.28 -5.60 -47.16
CA TYR D 487 5.74 -6.79 -46.45
C TYR D 487 5.00 -6.96 -45.13
N PHE D 488 4.84 -5.87 -44.39
CA PHE D 488 4.10 -5.94 -43.13
C PHE D 488 2.65 -6.36 -43.37
N PHE D 489 2.03 -5.80 -44.41
CA PHE D 489 0.66 -6.18 -44.73
C PHE D 489 0.54 -7.66 -45.01
N PHE D 490 1.46 -8.19 -45.82
CA PHE D 490 1.40 -9.61 -46.18
C PHE D 490 1.65 -10.49 -44.96
N ARG D 491 2.60 -10.12 -44.11
CA ARG D 491 2.83 -10.91 -42.90
C ARG D 491 1.59 -10.89 -42.01
N GLY D 492 0.94 -9.73 -41.90
CA GLY D 492 -0.27 -9.67 -41.09
C GLY D 492 -1.38 -10.55 -41.63
N ILE D 493 -1.59 -10.51 -42.95
CA ILE D 493 -2.61 -11.38 -43.54
C ILE D 493 -2.27 -12.84 -43.29
N GLN D 494 -1.00 -13.21 -43.47
CA GLN D 494 -0.60 -14.59 -43.25
C GLN D 494 -0.90 -15.01 -41.82
N TYR D 495 -0.55 -14.15 -40.86
CA TYR D 495 -0.82 -14.48 -39.46
C TYR D 495 -2.31 -14.63 -39.21
N PHE D 496 -3.12 -13.72 -39.77
CA PHE D 496 -4.55 -13.78 -39.52
C PHE D 496 -5.16 -15.06 -40.06
N LEU D 497 -4.77 -15.45 -41.29
CA LEU D 497 -5.25 -16.72 -41.82
C LEU D 497 -4.78 -17.90 -40.98
N GLN D 498 -3.51 -17.88 -40.55
CA GLN D 498 -2.97 -19.02 -39.82
C GLN D 498 -3.67 -19.20 -38.48
N ARG D 499 -3.91 -18.11 -37.75
CA ARG D 499 -4.43 -18.21 -36.40
C ARG D 499 -5.96 -18.14 -36.35
N ARG D 500 -6.56 -17.22 -37.11
CA ARG D 500 -8.02 -17.06 -37.10
C ARG D 500 -8.51 -16.72 -35.70
N PRO D 501 -8.21 -15.52 -35.19
CA PRO D 501 -8.76 -15.12 -33.89
C PRO D 501 -10.27 -15.27 -33.82
N SER D 502 -10.82 -15.19 -32.62
CA SER D 502 -12.24 -15.46 -32.38
C SER D 502 -13.10 -14.20 -32.49
N LEU D 503 -12.53 -13.05 -32.84
CA LEU D 503 -13.20 -11.77 -32.96
C LEU D 503 -13.65 -11.21 -31.62
N LYS D 504 -13.46 -11.93 -30.53
CA LYS D 504 -13.73 -11.45 -29.18
C LYS D 504 -12.46 -11.16 -28.41
N SER D 505 -11.48 -12.06 -28.48
CA SER D 505 -10.14 -11.80 -27.99
C SER D 505 -9.24 -11.18 -29.06
N LEU D 506 -9.84 -10.57 -30.08
CA LEU D 506 -9.05 -10.01 -31.18
C LEU D 506 -8.07 -8.97 -30.68
N PHE D 507 -8.43 -8.21 -29.65
CA PHE D 507 -7.60 -7.13 -29.14
C PHE D 507 -6.76 -7.56 -27.94
N VAL D 508 -7.36 -8.28 -26.99
CA VAL D 508 -6.61 -8.72 -25.82
C VAL D 508 -5.42 -9.58 -26.25
N ASP D 509 -5.62 -10.43 -27.24
CA ASP D 509 -4.56 -11.22 -27.83
C ASP D 509 -4.18 -10.62 -29.18
N SER D 510 -2.93 -10.69 -29.57
CA SER D 510 -2.52 -10.19 -30.89
C SER D 510 -2.52 -8.67 -30.87
N TYR D 511 -2.38 -8.02 -29.72
CA TYR D 511 -2.45 -6.57 -29.68
C TYR D 511 -1.40 -5.90 -30.56
N SER D 512 -0.29 -6.56 -30.82
CA SER D 512 0.77 -5.94 -31.62
C SER D 512 0.62 -6.23 -33.10
N GLU D 513 0.18 -7.44 -33.44
CA GLU D 513 -0.02 -7.78 -34.85
C GLU D 513 -1.10 -6.91 -35.46
N ILE D 514 -2.18 -6.66 -34.72
CA ILE D 514 -3.25 -5.80 -35.23
C ILE D 514 -2.72 -4.39 -35.49
N LEU D 515 -1.88 -3.88 -34.58
CA LEU D 515 -1.34 -2.53 -34.77
C LEU D 515 -0.42 -2.47 -35.99
N PHE D 516 0.45 -3.47 -36.15
CA PHE D 516 1.31 -3.50 -37.32
C PHE D 516 0.49 -3.58 -38.61
N PHE D 517 -0.57 -4.40 -38.58
CA PHE D 517 -1.44 -4.51 -39.76
C PHE D 517 -2.10 -3.18 -40.06
N VAL D 518 -2.54 -2.45 -39.03
CA VAL D 518 -3.17 -1.16 -39.25
C VAL D 518 -2.18 -0.19 -39.86
N GLN D 519 -0.94 -0.20 -39.38
CA GLN D 519 0.08 0.66 -39.97
C GLN D 519 0.27 0.34 -41.45
N SER D 520 0.35 -0.95 -41.78
CA SER D 520 0.53 -1.33 -43.17
C SER D 520 -0.67 -0.91 -44.02
N LEU D 521 -1.88 -1.04 -43.45
CA LEU D 521 -3.07 -0.60 -44.17
C LEU D 521 -3.01 0.90 -44.44
N PHE D 522 -2.57 1.68 -43.46
CA PHE D 522 -2.42 3.11 -43.68
C PHE D 522 -1.42 3.40 -44.79
N MET D 523 -0.30 2.66 -44.82
CA MET D 523 0.66 2.85 -45.89
C MET D 523 0.06 2.54 -47.26
N LEU D 524 -0.68 1.44 -47.36
CA LEU D 524 -1.28 1.07 -48.64
C LEU D 524 -2.30 2.11 -49.08
N VAL D 525 -3.13 2.59 -48.16
CA VAL D 525 -4.07 3.65 -48.52
C VAL D 525 -3.32 4.89 -48.97
N SER D 526 -2.20 5.19 -48.31
CA SER D 526 -1.41 6.35 -48.68
C SER D 526 -0.94 6.23 -50.13
N VAL D 527 -0.38 5.09 -50.50
CA VAL D 527 0.14 4.95 -51.86
C VAL D 527 -1.01 4.97 -52.87
N VAL D 528 -2.12 4.33 -52.53
CA VAL D 528 -3.27 4.32 -53.45
C VAL D 528 -3.74 5.74 -53.71
N LEU D 529 -3.85 6.55 -52.67
CA LEU D 529 -4.24 7.95 -52.86
C LEU D 529 -3.17 8.73 -53.60
N TYR D 530 -1.89 8.42 -53.34
CA TYR D 530 -0.81 9.14 -54.00
C TYR D 530 -0.85 8.97 -55.51
N PHE D 531 -1.08 7.74 -55.97
CA PHE D 531 -1.18 7.52 -57.41
C PHE D 531 -2.52 7.97 -57.99
N SER D 532 -3.50 8.30 -57.16
CA SER D 532 -4.80 8.75 -57.64
C SER D 532 -4.89 10.27 -57.75
N GLN D 533 -3.76 10.97 -57.73
CA GLN D 533 -3.73 12.42 -57.84
C GLN D 533 -4.58 13.06 -56.76
N ARG D 534 -4.30 12.70 -55.50
CA ARG D 534 -4.96 13.27 -54.34
C ARG D 534 -3.90 13.73 -53.34
N LYS D 535 -4.25 14.74 -52.54
CA LYS D 535 -3.32 15.33 -51.59
C LYS D 535 -3.57 14.84 -50.17
N GLU D 536 -4.37 13.79 -50.00
CA GLU D 536 -4.58 13.17 -48.70
C GLU D 536 -3.58 12.06 -48.41
N TYR D 537 -2.71 11.73 -49.37
CA TYR D 537 -1.67 10.76 -49.08
C TYR D 537 -0.79 11.29 -47.97
N VAL D 538 -0.69 12.62 -47.86
CA VAL D 538 0.08 13.22 -46.78
C VAL D 538 -0.52 12.84 -45.43
N ALA D 539 -1.84 12.96 -45.30
CA ALA D 539 -2.50 12.60 -44.05
C ALA D 539 -2.30 11.12 -43.74
N SER D 540 -2.55 10.27 -44.73
CA SER D 540 -2.40 8.83 -44.48
C SER D 540 -0.96 8.50 -44.12
N MET D 541 0.00 9.11 -44.81
CA MET D 541 1.41 8.83 -44.57
C MET D 541 1.84 9.28 -43.19
N VAL D 542 1.38 10.46 -42.74
CA VAL D 542 1.77 10.92 -41.42
C VAL D 542 1.17 10.02 -40.34
N PHE D 543 -0.08 9.59 -40.54
CA PHE D 543 -0.66 8.65 -39.58
C PHE D 543 0.17 7.36 -39.53
N SER D 544 0.54 6.83 -40.69
CA SER D 544 1.33 5.61 -40.73
C SER D 544 2.68 5.82 -40.06
N LEU D 545 3.31 6.97 -40.30
CA LEU D 545 4.63 7.25 -39.76
C LEU D 545 4.57 7.33 -38.24
N ALA D 546 3.58 8.04 -37.70
CA ALA D 546 3.43 8.10 -36.26
C ALA D 546 3.19 6.72 -35.67
N MET D 547 2.31 5.93 -36.30
CA MET D 547 2.06 4.58 -35.80
C MET D 547 3.34 3.75 -35.82
N GLY D 548 4.12 3.86 -36.90
CA GLY D 548 5.34 3.08 -37.00
C GLY D 548 6.34 3.44 -35.92
N TRP D 549 6.53 4.74 -35.70
CA TRP D 549 7.47 5.16 -34.65
C TRP D 549 7.01 4.69 -33.29
N THR D 550 5.71 4.80 -32.99
CA THR D 550 5.22 4.37 -31.69
C THR D 550 5.14 2.86 -31.56
N ASN D 551 5.23 2.10 -32.66
CA ASN D 551 5.26 0.65 -32.59
C ASN D 551 6.65 0.10 -32.32
N MET D 552 7.66 0.96 -32.22
CA MET D 552 8.98 0.47 -31.85
C MET D 552 8.99 -0.14 -30.45
N LEU D 553 7.95 0.13 -29.66
CA LEU D 553 7.87 -0.45 -28.32
C LEU D 553 7.72 -1.97 -28.37
N TYR D 554 7.27 -2.52 -29.49
CA TYR D 554 7.15 -3.97 -29.59
C TYR D 554 8.49 -4.65 -29.32
N TYR D 555 9.59 -3.98 -29.61
CA TYR D 555 10.91 -4.56 -29.43
C TYR D 555 11.46 -4.36 -28.03
N THR D 556 10.72 -3.68 -27.15
CA THR D 556 11.17 -3.58 -25.77
C THR D 556 11.23 -4.95 -25.11
N ARG D 557 10.29 -5.84 -25.45
CA ARG D 557 10.38 -7.21 -24.98
C ARG D 557 11.72 -7.79 -25.39
N GLY D 558 12.38 -8.45 -24.46
CA GLY D 558 13.78 -8.78 -24.58
C GLY D 558 14.65 -8.06 -23.57
N PHE D 559 14.12 -7.01 -22.95
CA PHE D 559 14.72 -6.38 -21.78
C PHE D 559 13.65 -6.33 -20.70
N GLN D 560 14.00 -6.80 -19.50
CA GLN D 560 12.98 -7.06 -18.48
C GLN D 560 12.24 -5.79 -18.11
N GLN D 561 12.96 -4.74 -17.75
CA GLN D 561 12.31 -3.54 -17.24
C GLN D 561 11.47 -2.85 -18.31
N MET D 562 12.06 -2.63 -19.49
CA MET D 562 11.32 -1.98 -20.56
C MET D 562 10.16 -2.83 -21.01
N GLY D 563 10.34 -4.15 -21.03
CA GLY D 563 9.24 -5.04 -21.36
C GLY D 563 8.09 -4.91 -20.39
N ILE D 564 8.38 -4.87 -19.09
CA ILE D 564 7.33 -4.70 -18.10
C ILE D 564 6.62 -3.37 -18.29
N TYR D 565 7.39 -2.32 -18.59
CA TYR D 565 6.79 -1.00 -18.81
C TYR D 565 5.82 -1.03 -19.98
N ALA D 566 6.26 -1.59 -21.11
CA ALA D 566 5.39 -1.67 -22.28
C ALA D 566 4.18 -2.54 -22.00
N VAL D 567 4.36 -3.62 -21.23
CA VAL D 567 3.24 -4.48 -20.89
C VAL D 567 2.20 -3.72 -20.08
N MET D 568 2.65 -2.91 -19.12
CA MET D 568 1.72 -2.11 -18.34
C MET D 568 0.97 -1.13 -19.24
N ILE D 569 1.68 -0.50 -20.18
CA ILE D 569 1.00 0.41 -21.11
C ILE D 569 -0.08 -0.35 -21.88
N GLU D 570 0.26 -1.54 -22.38
CA GLU D 570 -0.71 -2.34 -23.12
C GLU D 570 -1.94 -2.64 -22.25
N LYS D 571 -1.70 -3.08 -21.02
CA LYS D 571 -2.82 -3.44 -20.14
C LYS D 571 -3.74 -2.25 -19.91
N MET D 572 -3.17 -1.07 -19.66
CA MET D 572 -4.04 0.09 -19.48
C MET D 572 -4.82 0.40 -20.75
N ILE D 573 -4.11 0.53 -21.88
CA ILE D 573 -4.78 0.88 -23.13
C ILE D 573 -5.91 -0.10 -23.43
N LEU D 574 -5.76 -1.34 -23.00
CA LEU D 574 -6.83 -2.30 -23.23
C LEU D 574 -7.99 -2.11 -22.25
N ARG D 575 -7.72 -2.28 -20.96
CA ARG D 575 -8.79 -2.52 -19.99
C ARG D 575 -9.12 -1.32 -19.11
N ASP D 576 -8.61 -0.12 -19.40
CA ASP D 576 -8.97 1.04 -18.59
C ASP D 576 -9.35 2.25 -19.44
N LEU D 577 -8.81 2.33 -20.66
CA LEU D 577 -8.94 3.57 -21.42
C LEU D 577 -10.40 3.87 -21.74
N CYS D 578 -11.13 2.89 -22.27
CA CYS D 578 -12.52 3.13 -22.65
C CYS D 578 -13.37 3.48 -21.43
N ARG D 579 -13.22 2.71 -20.36
CA ARG D 579 -14.06 2.92 -19.18
C ARG D 579 -13.80 4.27 -18.56
N PHE D 580 -12.54 4.70 -18.49
CA PHE D 580 -12.20 5.98 -17.89
C PHE D 580 -12.29 7.14 -18.87
N MET D 581 -12.56 6.88 -20.15
CA MET D 581 -12.74 7.94 -21.13
C MET D 581 -14.20 8.22 -21.43
N PHE D 582 -15.08 7.23 -21.33
CA PHE D 582 -16.50 7.49 -21.56
C PHE D 582 -17.01 8.54 -20.60
N VAL D 583 -16.68 8.40 -19.32
CA VAL D 583 -17.17 9.34 -18.31
C VAL D 583 -16.64 10.74 -18.60
N TYR D 584 -15.34 10.84 -18.86
CA TYR D 584 -14.74 12.15 -19.11
C TYR D 584 -15.34 12.81 -20.34
N LEU D 585 -15.54 12.05 -21.41
CA LEU D 585 -16.13 12.61 -22.60
C LEU D 585 -17.56 13.05 -22.35
N VAL D 586 -18.33 12.28 -21.58
CA VAL D 586 -19.68 12.71 -21.24
C VAL D 586 -19.64 14.05 -20.54
N PHE D 587 -18.78 14.18 -19.52
CA PHE D 587 -18.70 15.45 -18.79
C PHE D 587 -18.31 16.58 -19.72
N LEU D 588 -17.26 16.38 -20.51
CA LEU D 588 -16.77 17.45 -21.37
C LEU D 588 -17.82 17.88 -22.37
N PHE D 589 -18.46 16.92 -23.03
CA PHE D 589 -19.47 17.24 -24.03
C PHE D 589 -20.66 17.97 -23.39
N GLY D 590 -21.11 17.50 -22.22
CA GLY D 590 -22.23 18.16 -21.58
C GLY D 590 -21.92 19.60 -21.24
N PHE D 591 -20.77 19.85 -20.61
CA PHE D 591 -20.45 21.21 -20.20
C PHE D 591 -20.16 22.10 -21.40
N SER D 592 -19.55 21.54 -22.45
CA SER D 592 -19.33 22.33 -23.65
C SER D 592 -20.64 22.72 -24.31
N THR D 593 -21.60 21.78 -24.38
CA THR D 593 -22.91 22.10 -24.92
C THR D 593 -23.58 23.19 -24.09
N ALA D 594 -23.50 23.09 -22.77
CA ALA D 594 -24.09 24.11 -21.92
C ALA D 594 -23.47 25.48 -22.22
N VAL D 595 -22.14 25.56 -22.22
CA VAL D 595 -21.48 26.85 -22.40
C VAL D 595 -21.82 27.43 -23.77
N VAL D 596 -21.75 26.60 -24.82
CA VAL D 596 -22.02 27.11 -26.15
C VAL D 596 -23.47 27.56 -26.27
N THR D 597 -24.38 26.87 -25.60
CA THR D 597 -25.76 27.34 -25.56
C THR D 597 -25.85 28.71 -24.91
N LEU D 598 -25.10 28.91 -23.82
CA LEU D 598 -25.14 30.20 -23.14
C LEU D 598 -24.62 31.31 -24.05
N ILE D 599 -23.56 31.05 -24.81
CA ILE D 599 -22.93 32.09 -25.60
C ILE D 599 -23.91 32.59 -26.67
N GLU D 600 -23.88 33.90 -26.93
CA GLU D 600 -24.78 34.50 -27.90
C GLU D 600 -24.27 34.32 -29.32
N ASP D 601 -23.10 34.88 -29.62
CA ASP D 601 -22.52 34.76 -30.95
C ASP D 601 -21.07 35.26 -30.88
N GLY D 602 -20.29 34.87 -31.89
CA GLY D 602 -18.91 35.28 -31.98
C GLY D 602 -18.06 34.14 -32.49
N LYS D 603 -16.76 34.25 -32.24
CA LYS D 603 -15.82 33.22 -32.69
C LYS D 603 -16.13 31.88 -32.05
N TYR D 604 -16.46 31.88 -30.77
CA TYR D 604 -16.58 30.65 -29.99
C TYR D 604 -18.00 30.10 -29.97
N ASN D 605 -18.91 30.66 -30.77
CA ASN D 605 -20.28 30.16 -30.78
C ASN D 605 -20.37 28.75 -31.33
N SER D 606 -19.38 28.30 -32.09
CA SER D 606 -19.39 26.93 -32.60
C SER D 606 -19.12 25.94 -31.48
N LEU D 607 -19.71 24.75 -31.60
CA LEU D 607 -19.53 23.73 -30.57
C LEU D 607 -18.09 23.23 -30.54
N TYR D 608 -17.46 23.08 -31.69
CA TYR D 608 -16.11 22.50 -31.74
C TYR D 608 -15.11 23.41 -31.03
N SER D 609 -15.17 24.71 -31.28
CA SER D 609 -14.24 25.63 -30.65
C SER D 609 -14.42 25.64 -29.13
N THR D 610 -15.67 25.64 -28.67
CA THR D 610 -15.91 25.62 -27.23
C THR D 610 -15.43 24.33 -26.61
N CYS D 611 -15.64 23.20 -27.30
CA CYS D 611 -15.11 21.94 -26.79
C CYS D 611 -13.60 21.99 -26.67
N LEU D 612 -12.92 22.56 -27.67
CA LEU D 612 -11.48 22.68 -27.61
C LEU D 612 -11.06 23.55 -26.42
N GLU D 613 -11.72 24.68 -26.22
CA GLU D 613 -11.35 25.56 -25.12
C GLU D 613 -11.57 24.88 -23.78
N LEU D 614 -12.69 24.16 -23.63
CA LEU D 614 -12.93 23.45 -22.39
C LEU D 614 -11.89 22.36 -22.16
N PHE D 615 -11.53 21.63 -23.22
CA PHE D 615 -10.51 20.60 -23.08
C PHE D 615 -9.16 21.21 -22.70
N LYS D 616 -8.91 22.45 -23.11
CA LYS D 616 -7.63 23.07 -22.78
C LYS D 616 -7.41 23.15 -21.27
N PHE D 617 -8.48 23.10 -20.47
CA PHE D 617 -8.32 23.13 -19.02
C PHE D 617 -7.64 21.87 -18.50
N THR D 618 -7.77 20.75 -19.22
CA THR D 618 -7.20 19.50 -18.74
C THR D 618 -5.69 19.46 -18.91
N ILE D 619 -5.16 20.16 -19.91
CA ILE D 619 -3.72 20.17 -20.16
C ILE D 619 -3.06 21.39 -19.52
N GLY D 620 -3.71 22.02 -18.55
CA GLY D 620 -3.14 23.15 -17.86
C GLY D 620 -2.97 24.38 -18.73
N MET D 621 -3.97 24.69 -19.55
CA MET D 621 -3.94 25.91 -20.36
C MET D 621 -5.29 26.60 -20.42
N GLY D 622 -6.22 26.27 -19.51
CA GLY D 622 -7.50 26.94 -19.49
C GLY D 622 -7.35 28.44 -19.39
N ASP D 623 -8.44 29.14 -19.68
CA ASP D 623 -8.43 30.59 -19.71
C ASP D 623 -9.34 31.23 -18.68
N LEU D 624 -10.57 30.74 -18.53
CA LEU D 624 -11.59 31.27 -17.63
C LEU D 624 -12.11 32.63 -18.08
N GLU D 625 -11.53 33.23 -19.12
CA GLU D 625 -12.01 34.50 -19.65
C GLU D 625 -11.92 34.51 -21.17
N PHE D 626 -12.04 33.34 -21.81
CA PHE D 626 -11.76 33.25 -23.23
C PHE D 626 -12.79 33.93 -24.10
N THR D 627 -13.92 34.36 -23.53
CA THR D 627 -14.93 35.07 -24.30
C THR D 627 -15.69 36.03 -23.40
N GLU D 628 -16.30 37.04 -24.04
CA GLU D 628 -17.14 38.00 -23.34
C GLU D 628 -18.46 38.24 -24.04
N ASN D 629 -18.73 37.57 -25.16
CA ASN D 629 -19.96 37.77 -25.92
C ASN D 629 -21.03 36.82 -25.38
N TYR D 630 -21.67 37.23 -24.30
CA TYR D 630 -22.70 36.46 -23.63
C TYR D 630 -23.37 37.35 -22.59
N ASP D 631 -24.24 36.76 -21.78
CA ASP D 631 -24.86 37.44 -20.65
C ASP D 631 -24.74 36.55 -19.41
N PHE D 632 -24.98 37.15 -18.24
CA PHE D 632 -24.99 36.41 -16.98
C PHE D 632 -23.62 35.78 -16.71
N LYS D 633 -22.63 36.67 -16.50
CA LYS D 633 -21.28 36.23 -16.21
C LYS D 633 -21.23 35.28 -15.02
N ALA D 634 -22.14 35.44 -14.07
CA ALA D 634 -22.19 34.51 -12.94
C ALA D 634 -22.40 33.08 -13.43
N VAL D 635 -23.33 32.88 -14.36
CA VAL D 635 -23.61 31.53 -14.85
C VAL D 635 -22.39 30.96 -15.55
N PHE D 636 -21.73 31.77 -16.39
CA PHE D 636 -20.55 31.31 -17.10
C PHE D 636 -19.45 30.87 -16.14
N ILE D 637 -19.18 31.72 -15.14
CA ILE D 637 -18.13 31.40 -14.18
C ILE D 637 -18.48 30.15 -13.38
N ILE D 638 -19.74 30.03 -12.96
CA ILE D 638 -20.15 28.85 -12.21
C ILE D 638 -19.98 27.60 -13.06
N LEU D 639 -20.38 27.67 -14.33
CA LEU D 639 -20.25 26.50 -15.20
C LEU D 639 -18.79 26.09 -15.32
N LEU D 640 -17.91 27.05 -15.59
CA LEU D 640 -16.50 26.72 -15.78
C LEU D 640 -15.88 26.16 -14.49
N LEU D 641 -16.19 26.78 -13.35
CA LEU D 641 -15.62 26.30 -12.09
C LEU D 641 -16.13 24.91 -11.75
N ALA D 642 -17.42 24.67 -11.97
CA ALA D 642 -17.97 23.34 -11.72
C ALA D 642 -17.30 22.31 -12.62
N TYR D 643 -17.09 22.65 -13.89
CA TYR D 643 -16.42 21.72 -14.78
C TYR D 643 -15.01 21.41 -14.30
N VAL D 644 -14.27 22.45 -13.89
CA VAL D 644 -12.89 22.23 -13.44
C VAL D 644 -12.87 21.33 -12.21
N ILE D 645 -13.72 21.62 -11.24
CA ILE D 645 -13.74 20.83 -10.02
C ILE D 645 -14.13 19.39 -10.33
N LEU D 646 -15.14 19.20 -11.18
CA LEU D 646 -15.60 17.86 -11.49
C LEU D 646 -14.53 17.06 -12.22
N THR D 647 -13.83 17.67 -13.17
CA THR D 647 -12.80 16.93 -13.89
C THR D 647 -11.63 16.59 -12.98
N TYR D 648 -11.26 17.51 -12.07
CA TYR D 648 -10.20 17.17 -11.13
C TYR D 648 -10.61 16.02 -10.23
N ILE D 649 -11.85 16.05 -9.73
CA ILE D 649 -12.34 14.92 -8.93
C ILE D 649 -12.31 13.65 -9.77
N LEU D 650 -12.66 13.75 -11.04
CA LEU D 650 -12.69 12.58 -11.91
C LEU D 650 -11.31 11.96 -12.02
N LEU D 651 -10.29 12.79 -12.28
CA LEU D 651 -8.94 12.26 -12.40
C LEU D 651 -8.44 11.71 -11.07
N LEU D 652 -8.79 12.36 -9.96
CA LEU D 652 -8.35 11.87 -8.66
C LEU D 652 -8.94 10.48 -8.39
N ASN D 653 -10.16 10.21 -8.76
CA ASN D 653 -10.69 8.88 -8.46
C ASN D 653 -10.14 7.97 -9.51
N MET D 654 -9.87 8.44 -10.71
CA MET D 654 -9.17 7.57 -11.65
C MET D 654 -7.94 6.98 -11.00
N LEU D 655 -7.02 7.85 -10.56
CA LEU D 655 -5.73 7.38 -10.07
C LEU D 655 -5.91 6.56 -8.79
N ILE D 656 -6.81 6.99 -7.90
CA ILE D 656 -7.05 6.22 -6.69
C ILE D 656 -7.49 4.81 -7.05
N ALA D 657 -8.42 4.69 -7.99
CA ALA D 657 -8.97 3.38 -8.33
C ALA D 657 -7.90 2.48 -8.91
N LEU D 658 -7.21 2.91 -9.94
CA LEU D 658 -6.25 2.05 -10.67
C LEU D 658 -4.97 1.92 -9.88
N MET D 659 -4.77 2.66 -8.80
CA MET D 659 -3.65 2.39 -7.90
C MET D 659 -4.04 1.39 -6.83
N GLY D 660 -5.19 1.60 -6.19
CA GLY D 660 -5.60 0.69 -5.13
C GLY D 660 -5.87 -0.71 -5.62
N GLU D 661 -6.51 -0.85 -6.78
CA GLU D 661 -6.92 -2.19 -7.19
C GLU D 661 -5.78 -3.02 -7.76
N THR D 662 -4.61 -2.41 -8.04
CA THR D 662 -3.55 -3.14 -8.72
C THR D 662 -2.15 -2.85 -8.20
N VAL D 663 -1.99 -2.14 -7.08
CA VAL D 663 -0.65 -1.92 -6.56
C VAL D 663 0.03 -3.23 -6.20
N ASN D 664 -0.72 -4.29 -5.96
CA ASN D 664 -0.17 -5.58 -5.56
C ASN D 664 -0.01 -6.55 -6.72
N LYS D 665 -0.97 -6.61 -7.64
CA LYS D 665 -0.88 -7.55 -8.75
C LYS D 665 0.30 -7.24 -9.65
N ILE D 666 0.58 -5.96 -9.88
CA ILE D 666 1.67 -5.55 -10.75
C ILE D 666 3.03 -6.03 -10.23
N ALA D 667 3.09 -6.53 -9.00
CA ALA D 667 4.36 -7.01 -8.46
C ALA D 667 4.91 -8.16 -9.30
N GLN D 668 4.06 -9.08 -9.73
CA GLN D 668 4.48 -10.24 -10.51
C GLN D 668 3.63 -10.51 -11.74
N GLU D 669 2.41 -10.00 -11.82
CA GLU D 669 1.57 -10.29 -12.97
C GLU D 669 2.15 -9.71 -14.25
N SER D 670 2.68 -8.49 -14.18
CA SER D 670 3.31 -7.89 -15.35
C SER D 670 4.52 -8.70 -15.78
N LYS D 671 5.34 -9.16 -14.83
CA LYS D 671 6.48 -9.98 -15.18
C LYS D 671 6.06 -11.28 -15.84
N ASN D 672 4.99 -11.90 -15.33
CA ASN D 672 4.51 -13.13 -15.94
C ASN D 672 4.02 -12.89 -17.36
N ILE D 673 3.28 -11.80 -17.57
CA ILE D 673 2.80 -11.49 -18.91
C ILE D 673 3.97 -11.23 -19.84
N TRP D 674 5.02 -10.57 -19.33
CA TRP D 674 6.20 -10.33 -20.17
C TRP D 674 6.87 -11.63 -20.54
N LYS D 675 6.97 -12.57 -19.60
CA LYS D 675 7.56 -13.86 -19.92
C LYS D 675 6.75 -14.59 -20.97
N LEU D 676 5.42 -14.52 -20.86
CA LEU D 676 4.57 -15.12 -21.90
C LEU D 676 4.82 -14.46 -23.24
N GLN D 677 4.98 -13.15 -23.22
CA GLN D 677 5.20 -12.38 -24.46
C GLN D 677 6.50 -12.90 -25.05
N ARG D 678 7.56 -12.99 -24.28
CA ARG D 678 8.85 -13.46 -24.78
C ARG D 678 8.73 -14.87 -25.33
N ALA D 679 7.94 -15.73 -24.69
CA ALA D 679 7.74 -17.08 -25.20
C ALA D 679 7.09 -17.03 -26.58
N ILE D 680 6.08 -16.18 -26.75
CA ILE D 680 5.45 -16.02 -28.06
C ILE D 680 6.48 -15.60 -29.09
N THR D 681 7.31 -14.61 -28.74
CA THR D 681 8.34 -14.13 -29.65
C THR D 681 9.30 -15.27 -30.02
N ILE D 682 9.71 -16.05 -29.04
CA ILE D 682 10.68 -17.12 -29.29
C ILE D 682 10.08 -18.15 -30.24
N LEU D 683 8.85 -18.56 -29.99
CA LEU D 683 8.23 -19.56 -30.84
C LEU D 683 8.04 -19.04 -32.26
N ASP D 684 7.61 -17.79 -32.39
CA ASP D 684 7.43 -17.23 -33.73
C ASP D 684 8.75 -17.15 -34.47
N THR D 685 9.81 -16.72 -33.79
CA THR D 685 11.12 -16.62 -34.43
C THR D 685 11.60 -18.00 -34.86
N GLU D 686 11.43 -19.01 -33.99
CA GLU D 686 11.85 -20.36 -34.35
C GLU D 686 11.10 -20.87 -35.57
N LYS D 687 9.77 -20.78 -35.54
CA LYS D 687 8.98 -21.31 -36.64
C LYS D 687 9.26 -20.57 -37.94
N SER D 688 9.34 -19.24 -37.88
CA SER D 688 9.54 -18.46 -39.10
C SER D 688 10.88 -18.78 -39.75
N PHE D 689 11.94 -18.87 -38.96
CA PHE D 689 13.29 -19.07 -39.49
C PHE D 689 13.66 -20.54 -39.47
N LEU D 690 12.93 -21.32 -40.27
CA LEU D 690 13.28 -22.71 -40.52
C LEU D 690 14.33 -22.86 -41.62
N LYS D 691 14.72 -21.75 -42.26
CA LYS D 691 15.71 -21.82 -43.32
C LYS D 691 17.02 -22.42 -42.84
N CYS D 692 17.35 -22.23 -41.56
CA CYS D 692 18.58 -22.77 -40.97
C CYS D 692 18.43 -24.20 -40.49
N MET D 693 17.41 -24.90 -40.99
CA MET D 693 17.18 -26.31 -40.63
C MET D 693 17.04 -26.35 -39.10
N ARG D 694 17.44 -27.38 -38.38
CA ARG D 694 17.11 -27.64 -36.98
C ARG D 694 18.34 -27.12 -36.23
N LYS D 695 18.70 -25.88 -36.54
CA LYS D 695 19.81 -25.23 -35.86
C LYS D 695 19.47 -25.01 -34.39
N ALA D 696 20.46 -25.21 -33.53
CA ALA D 696 20.31 -24.97 -32.09
C ALA D 696 19.13 -25.76 -31.53
N PHE D 697 19.27 -27.08 -31.57
CA PHE D 697 18.22 -27.96 -31.08
C PHE D 697 18.04 -27.79 -29.57
N ARG D 698 17.05 -28.49 -29.03
CA ARG D 698 16.68 -28.29 -27.63
C ARG D 698 17.86 -28.58 -26.71
N SER D 699 18.51 -29.71 -26.89
CA SER D 699 19.59 -30.15 -26.00
C SER D 699 20.33 -31.29 -26.68
N GLY D 700 21.23 -31.93 -25.93
CA GLY D 700 21.99 -33.04 -26.46
C GLY D 700 21.25 -34.36 -26.32
N LYS D 701 21.90 -35.42 -26.80
CA LYS D 701 21.35 -36.77 -26.77
C LYS D 701 21.92 -37.51 -25.56
N LEU D 702 21.04 -38.10 -24.76
CA LEU D 702 21.43 -38.75 -23.52
C LEU D 702 20.78 -40.11 -23.39
N LEU D 703 21.42 -40.98 -22.62
CA LEU D 703 20.95 -42.33 -22.32
C LEU D 703 20.70 -42.40 -20.82
N GLN D 704 19.45 -42.18 -20.41
CA GLN D 704 19.14 -42.07 -18.99
C GLN D 704 18.98 -43.44 -18.33
N VAL D 705 18.25 -44.35 -18.98
CA VAL D 705 18.05 -45.69 -18.44
C VAL D 705 18.75 -46.76 -19.25
N GLY D 706 18.98 -46.54 -20.54
CA GLY D 706 19.66 -47.54 -21.36
C GLY D 706 18.81 -48.67 -21.86
N PHE D 707 17.99 -49.26 -21.00
CA PHE D 707 17.14 -50.38 -21.36
C PHE D 707 15.73 -50.15 -20.84
N THR D 708 14.74 -50.36 -21.71
CA THR D 708 13.34 -50.35 -21.33
C THR D 708 12.95 -51.77 -20.92
N PRO D 709 11.70 -52.03 -20.54
CA PRO D 709 11.31 -53.42 -20.29
C PRO D 709 11.62 -54.33 -21.47
N ASP D 710 11.46 -53.85 -22.68
CA ASP D 710 11.96 -54.55 -23.86
C ASP D 710 13.47 -54.37 -23.96
N GLY D 711 14.13 -55.33 -24.59
CA GLY D 711 15.58 -55.31 -24.68
C GLY D 711 16.13 -54.10 -25.41
N LYS D 712 15.33 -53.47 -26.27
CA LYS D 712 15.80 -52.32 -27.04
C LYS D 712 16.10 -51.15 -26.14
N ASP D 713 17.17 -50.42 -26.46
CA ASP D 713 17.54 -49.23 -25.72
C ASP D 713 16.70 -48.02 -26.18
N ASP D 714 16.74 -46.96 -25.38
CA ASP D 714 15.95 -45.77 -25.65
C ASP D 714 16.73 -44.52 -25.25
N TYR D 715 16.35 -43.41 -25.88
CA TYR D 715 16.86 -42.09 -25.53
C TYR D 715 15.69 -41.12 -25.53
N ARG D 716 15.79 -40.08 -24.68
CA ARG D 716 14.64 -39.23 -24.42
C ARG D 716 14.95 -37.74 -24.56
N TRP D 717 16.04 -37.38 -25.24
CA TRP D 717 16.36 -35.99 -25.50
C TRP D 717 16.29 -35.15 -24.21
N CYS D 718 17.15 -35.50 -23.26
CA CYS D 718 17.10 -34.88 -21.95
C CYS D 718 17.62 -33.44 -21.99
N PHE D 719 17.34 -32.71 -20.92
CA PHE D 719 17.77 -31.33 -20.76
C PHE D 719 18.44 -31.20 -19.40
N ARG D 720 19.77 -31.19 -19.38
CA ARG D 720 20.51 -31.23 -18.13
C ARG D 720 20.22 -29.98 -17.29
N VAL D 721 19.98 -30.20 -16.00
CA VAL D 721 19.73 -29.13 -15.04
C VAL D 721 20.48 -29.45 -13.76
N ASP D 722 21.04 -28.43 -13.13
CA ASP D 722 21.81 -28.58 -11.89
C ASP D 722 21.16 -27.78 -10.78
N GLU D 723 21.11 -28.36 -9.59
CA GLU D 723 20.55 -27.70 -8.42
C GLU D 723 21.28 -28.20 -7.17
N VAL D 724 21.14 -27.44 -6.09
CA VAL D 724 21.79 -27.75 -4.82
C VAL D 724 20.73 -27.73 -3.72
N ASN D 725 20.79 -28.72 -2.83
CA ASN D 725 19.87 -28.83 -1.70
C ASN D 725 20.68 -29.33 -0.50
N TRP D 726 21.15 -28.39 0.32
CA TRP D 726 21.97 -28.76 1.47
C TRP D 726 21.19 -29.61 2.45
N THR D 727 19.94 -29.24 2.72
CA THR D 727 19.14 -29.92 3.72
C THR D 727 18.37 -31.08 3.11
N THR D 728 17.88 -31.97 3.98
CA THR D 728 17.02 -33.09 3.59
C THR D 728 17.72 -33.99 2.56
N TRP D 729 18.82 -34.58 3.00
CA TRP D 729 19.56 -35.53 2.18
C TRP D 729 18.86 -36.88 2.17
OAA NKN E . -2.58 28.00 13.04
OAB NKN E . -4.42 26.60 13.11
PAC NKN E . -2.96 26.60 13.19
OAD NKN E . -2.68 26.29 14.58
OAE NKN E . 0.41 26.02 8.66
OAF NKN E . -2.24 25.59 12.10
CAG NKN E . -1.61 26.13 10.98
CAH NKN E . -2.64 26.86 10.13
CAI NKN E . -2.00 27.32 8.82
OAJ NKN E . -0.75 27.88 9.09
CAK NKN E . 0.32 27.19 8.51
CAL NKN E . 1.35 27.93 7.69
CAM NKN E . 1.89 29.11 8.49
CAN NKN E . 2.14 30.29 7.56
CAO NKN E . 0.83 31.05 7.35
CAP NKN E . 0.94 31.96 6.13
CAQ NKN E . 2.07 32.98 6.35
CAR NKN E . 2.01 34.04 5.27
CAS NKN E . 2.44 35.39 5.84
CAT NKN E . 3.93 35.68 5.71
CAU NKN E . 4.84 34.53 6.13
CAV NKN E . 6.30 35.00 6.10
CAW NKN E . 6.62 35.74 7.40
CAX NKN E . 7.60 36.89 7.09
OAY NKN E . -3.69 25.98 9.83
HAG NKN E . -1.17 25.33 10.39
HAGA NKN E . -0.84 26.82 11.29
HAH NKN E . -3.02 27.73 10.66
HAI NKN E . -2.63 28.07 8.35
HAIA NKN E . -1.88 26.48 8.15
HAL NKN E . 0.90 28.30 6.76
HALA NKN E . 2.17 27.27 7.44
HAM NKN E . 1.17 29.40 9.24
HAMA NKN E . 2.82 28.83 8.96
HAN NKN E . 2.87 30.95 8.00
HANA NKN E . 2.51 29.94 6.60
HAO NKN E . 0.61 31.65 8.23
HAOA NKN E . 0.02 30.34 7.19
HAP NKN E . 1.17 31.37 5.25
HAPA NKN E . 0.01 32.47 5.98
HAQ NKN E . 3.03 32.47 6.32
HAQA NKN E . 1.94 33.44 7.32
HAR NKN E . 2.69 33.76 4.46
HARA NKN E . 1.00 34.12 4.87
HAS NKN E . 1.87 36.18 5.37
HAT NKN E . 4.18 36.57 6.27
HAU NKN E . 4.73 33.70 5.44
HAUA NKN E . 4.59 34.22 7.13
HAV NKN E . 6.95 34.15 6.00
HAVA NKN E . 6.44 35.67 5.26
HAW NKN E . 5.72 36.14 7.83
HAWA NKN E . 7.09 35.06 8.10
HAX NKN E . 7.89 37.36 8.02
HAXA NKN E . 8.47 36.50 6.58
HAXB NKN E . 7.10 37.62 6.45
HOAY NKN E . -4.15 26.30 9.07
NA NA F . 0.03 25.86 -17.49
NA NA G . 0.03 22.24 -15.04
OAA NKN H . -26.47 11.73 -11.07
OAB NKN H . -25.74 9.70 -11.91
PAC NKN H . -25.81 10.48 -10.69
OAD NKN H . -26.79 9.78 -9.87
OAE NKN H . -21.74 14.08 -9.04
OAF NKN H . -24.34 10.70 -9.96
CAG NKN H . -23.71 11.94 -10.04
CAH NKN H . -23.42 12.26 -11.50
CAI NKN H . -22.59 13.55 -11.59
OAJ NKN H . -23.13 14.50 -10.74
CAK NKN H . -22.26 14.89 -9.71
CAL NKN H . -22.00 16.37 -9.46
CAM NKN H . -23.32 17.11 -9.31
CAN NKN H . -23.21 18.49 -9.95
CAO NKN H . -23.45 18.37 -11.45
CAP NKN H . -22.95 19.62 -12.16
CAQ NKN H . -23.71 20.85 -11.63
CAR NKN H . -23.40 22.05 -12.52
CAS NKN H . -24.63 22.95 -12.61
CAT NKN H . -24.68 24.05 -11.55
CAU NKN H . -24.39 23.57 -10.13
CAV NKN H . -24.64 24.73 -9.15
CAW NKN H . -26.12 24.82 -8.82
CAX NKN H . -26.51 26.29 -8.65
OAY NKN H . -22.68 11.21 -12.05
HAG NKN H . -22.78 11.92 -9.49
HAGA NKN H . -24.36 12.71 -9.62
HAH NKN H . -24.34 12.39 -12.05
HAI NKN H . -22.62 13.92 -12.61
HAIA NKN H . -21.57 13.34 -11.32
HAL NKN H . -21.43 16.79 -10.30
HALA NKN H . -21.41 16.48 -8.56
HAM NKN H . -24.10 16.55 -9.81
HAMA NKN H . -23.55 17.22 -8.26
HAN NKN H . -23.94 19.15 -9.51
HANA NKN H . -22.21 18.89 -9.78
HAO NKN H . -24.52 18.26 -11.63
HAOA NKN H . -22.93 17.50 -11.84
HAP NKN H . -21.90 19.75 -11.97
HAPA NKN H . -23.12 19.52 -13.22
HAQ NKN H . -23.40 21.06 -10.61
HAQA NKN H . -24.78 20.64 -11.66
HAR NKN H . -22.58 22.61 -12.08
HARA NKN H . -23.12 21.72 -13.51
HAS NKN H . -24.69 23.39 -13.60
HAT NKN H . -25.65 24.53 -11.58
HAU NKN H . -23.35 23.26 -10.05
HAUA NKN H . -25.04 22.75 -9.88
HAV NKN H . -24.07 24.56 -8.24
HAVA NKN H . -24.31 25.66 -9.61
HAW NKN H . -26.71 24.38 -9.63
HAWA NKN H . -26.31 24.28 -7.90
HAX NKN H . -27.54 26.35 -8.33
HAXA NKN H . -25.87 26.75 -7.90
HAXB NKN H . -26.38 26.81 -9.59
HOAY NKN H . -22.23 11.52 -12.82
OAA NKN I . 26.50 14.59 -6.73
OAB NKN I . 25.78 14.62 -4.54
PAC NKN I . 25.84 13.78 -5.72
OAD NKN I . 26.82 12.75 -5.37
OAE NKN I . 21.77 13.59 -9.67
OAF NKN I . 24.38 13.18 -6.19
CAG NKN I . 23.75 13.72 -7.32
CAH NKN I . 23.45 15.19 -7.07
CAI NKN I . 22.63 15.76 -8.23
OAJ NKN I . 23.17 15.32 -9.43
CAK NKN I . 22.30 14.52 -10.18
CAL NKN I . 22.03 14.84 -11.64
CAM NKN I . 23.36 14.97 -12.38
CAN NKN I . 23.26 16.07 -13.43
CAO NKN I . 23.50 17.42 -12.75
CAP NKN I . 23.00 18.55 -13.65
CAQ NKN I . 23.76 18.52 -14.99
CAR NKN I . 23.45 19.79 -15.77
CAS NKN I . 24.69 20.20 -16.57
CAT NKN I . 24.74 19.63 -17.99
CAU NKN I . 24.45 18.13 -18.07
CAV NKN I . 24.68 17.66 -19.51
CAW NKN I . 26.18 17.38 -19.71
CAX NKN I . 26.57 17.77 -21.15
OAY NKN I . 22.72 15.32 -5.89
HAG NKN I . 22.82 13.20 -7.50
HAGA NKN I . 24.40 13.62 -8.18
HAH NKN I . 24.38 15.76 -6.98
HAI NKN I . 22.66 16.85 -8.20
HAIA NKN I . 21.61 15.43 -8.14
HAL NKN I . 21.48 15.77 -11.72
HALA NKN I . 21.45 14.04 -12.08
HAM NKN I . 24.15 15.22 -11.67
HAMA NKN I . 23.59 14.03 -12.87
HAN NKN I . 23.99 15.91 -14.20
HANA NKN I . 22.26 16.07 -13.86
HAO NKN I . 24.57 17.54 -12.59
HAOA NKN I . 22.97 17.46 -11.81
HAP NKN I . 21.95 18.42 -13.85
HAPA NKN I . 23.17 19.50 -13.17
HAQ NKN I . 23.45 17.65 -15.56
HAQA NKN I . 24.83 18.45 -14.79
HAR NKN I . 22.64 19.59 -16.46
HARA NKN I . 23.18 20.58 -15.10
HAS NKN I . 24.74 21.28 -16.62
HAT NKN I . 25.71 19.84 -18.42
HAU NKN I . 23.41 17.95 -17.81
HAUA NKN I . 25.10 17.60 -17.40
HAV NKN I . 24.13 16.75 -19.69
HAVA NKN I . 24.37 18.43 -20.20
HAW NKN I . 26.76 17.97 -19.01
HAWA NKN I . 26.37 16.32 -19.57
HAX NKN I . 27.60 17.49 -21.32
HAXA NKN I . 25.93 17.24 -21.85
HAXB NKN I . 26.45 18.84 -21.28
HOAY NKN I . 22.27 16.15 -5.89
OAA NKN J . 2.62 -1.68 -30.83
OAB NKN J . 4.45 -2.27 -29.56
PAC NKN J . 3.00 -2.34 -29.59
OAD NKN J . 2.71 -3.75 -29.82
OAE NKN J . -0.38 1.65 -27.38
OAF NKN J . 2.27 -1.71 -28.25
CAG NKN J . 1.65 -0.46 -28.34
CAH NKN J . 2.68 0.60 -28.70
CAI NKN J . 2.03 1.99 -28.64
OAJ NKN J . 0.79 1.94 -29.26
CAK NKN J . -0.27 2.22 -28.40
CAL NKN J . -1.31 3.27 -28.79
CAM NKN J . -1.85 2.96 -30.18
CAN NKN J . -2.09 4.27 -30.93
CAO NKN J . -0.78 4.74 -31.55
CAP NKN J . -0.89 6.22 -31.94
CAQ NKN J . -2.01 6.39 -32.98
CAR NKN J . -1.96 7.79 -33.56
CAS NKN J . -2.38 7.76 -35.01
CAT NKN J . -3.87 8.00 -35.24
CAU NKN J . -4.78 7.18 -34.33
CAV NKN J . -6.24 7.38 -34.77
CAW NKN J . -6.57 6.46 -35.94
CAX NKN J . -7.54 7.17 -36.89
OAY NKN J . 3.72 0.55 -27.77
HAG NKN J . 1.20 -0.21 -27.38
HAGA NKN J . 0.87 -0.49 -29.10
HAH NKN J . 3.06 0.43 -29.69
HAI NKN J . 2.67 2.70 -29.16
HAIA NKN J . 1.92 2.29 -27.61
HAL NKN J . -0.85 4.26 -28.78
HALA NKN J . -2.13 3.25 -28.08
HAM NKN J . -1.12 2.37 -30.73
HAMA NKN J . -2.78 2.42 -30.09
HAN NKN J . -2.83 4.11 -31.71
HANA NKN J . -2.46 5.03 -30.24
HAO NKN J . -0.57 4.15 -32.44
HAOA NKN J . 0.03 4.62 -30.83
HAP NKN J . -1.12 6.81 -31.07
HAPA NKN J . 0.04 6.55 -32.36
HAQ NKN J . -2.98 6.23 -32.50
HAQA NKN J . -1.89 5.66 -33.77
HAR NKN J . -2.63 8.44 -33.00
HARA NKN J . -0.95 8.18 -33.48
HAS NKN J . -1.81 8.49 -35.58
HAT NKN J . -4.12 7.80 -36.28
HAU NKN J . -4.67 7.51 -33.31
HAUA NKN J . -4.53 6.13 -34.41
HAV NKN J . -6.90 7.16 -33.93
HAVA NKN J . -6.38 8.42 -35.07
HAW NKN J . -5.65 6.20 -36.47
HAWA NKN J . -7.03 5.56 -35.55
HAX NKN J . -7.83 6.48 -37.67
HAXA NKN J . -8.41 7.49 -36.33
HAXB NKN J . -7.04 8.03 -37.32
HOAY NKN J . 4.20 1.37 -27.79
#